data_2B05
#
_entry.id   2B05
#
_cell.length_a   121.571
_cell.length_b   121.571
_cell.length_c   313.164
_cell.angle_alpha   90.00
_cell.angle_beta   90.00
_cell.angle_gamma   90.00
#
_symmetry.space_group_name_H-M   'P 41 21 2'
#
loop_
_entity.id
_entity.type
_entity.pdbx_description
1 polymer '14-3-3 protein gamma'
2 polymer peptide
3 water water
#
loop_
_entity_poly.entity_id
_entity_poly.type
_entity_poly.pdbx_seq_one_letter_code
_entity_poly.pdbx_strand_id
1 'polypeptide(L)'
;VDREQLVQKARLAEQAERYDDMAAAMKNVTELNEPLSNEERNLLSVAYKNVVGARRSSWRVISSIEQKTSADGNEKKIEM
VRAYREKIEKELEAVCQDVLSLLDNYLIKNCSETQYESKVFYLKMKGDYYRYLAEVATGEKRATVVESSEKAYSEAHEIS
KEHMQPTHPIRLGLALNYSVFYYEIQNAPEQACHLAKTAFDDAIAELDTLNEDSYKDSTLIMQLLRDNLTLWTSDQQDDD
GGEGNN
;
A,B,C,D,E,F
2 'polypeptide(L)' RAI(SEP)LP G,H,I,J,K,L
#
# COMPACT_ATOMS: atom_id res chain seq x y z
N VAL A 1 -14.58 40.83 2.68
CA VAL A 1 -15.68 40.10 3.42
C VAL A 1 -15.77 40.55 4.89
N ASP A 2 -16.99 40.68 5.41
CA ASP A 2 -17.22 41.19 6.76
C ASP A 2 -16.60 40.26 7.81
N ARG A 3 -16.32 40.81 8.99
CA ARG A 3 -15.93 40.03 10.14
C ARG A 3 -16.90 38.87 10.34
N GLU A 4 -18.19 39.14 10.17
CA GLU A 4 -19.22 38.13 10.40
C GLU A 4 -19.09 36.96 9.42
N GLN A 5 -18.76 37.26 8.17
CA GLN A 5 -18.57 36.21 7.18
C GLN A 5 -17.35 35.31 7.52
N LEU A 6 -16.25 35.92 7.98
CA LEU A 6 -15.05 35.16 8.35
C LEU A 6 -15.39 34.19 9.47
N VAL A 7 -16.15 34.66 10.45
CA VAL A 7 -16.53 33.82 11.57
C VAL A 7 -17.41 32.67 11.09
N GLN A 8 -18.36 32.97 10.21
CA GLN A 8 -19.21 31.93 9.65
C GLN A 8 -18.39 30.95 8.81
N LYS A 9 -17.38 31.43 8.08
CA LYS A 9 -16.53 30.52 7.34
C LYS A 9 -15.87 29.57 8.36
N ALA A 10 -15.37 30.12 9.46
CA ALA A 10 -14.72 29.29 10.46
C ALA A 10 -15.66 28.18 10.96
N ARG A 11 -16.92 28.53 11.21
CA ARG A 11 -17.90 27.55 11.67
C ARG A 11 -18.20 26.49 10.62
N LEU A 12 -18.34 26.90 9.35
CA LEU A 12 -18.51 25.98 8.23
C LEU A 12 -17.30 25.06 8.11
N ALA A 13 -16.10 25.63 8.09
CA ALA A 13 -14.88 24.83 7.96
C ALA A 13 -14.77 23.76 9.08
N GLU A 14 -15.19 24.15 10.29
CA GLU A 14 -15.16 23.24 11.42
C GLU A 14 -16.07 22.05 11.15
N GLN A 15 -17.29 22.32 10.70
CA GLN A 15 -18.18 21.21 10.38
C GLN A 15 -17.68 20.33 9.26
N ALA A 16 -16.93 20.90 8.32
CA ALA A 16 -16.38 20.17 7.18
C ALA A 16 -15.05 19.46 7.53
N GLU A 17 -14.58 19.68 8.76
CA GLU A 17 -13.29 19.15 9.23
C GLU A 17 -12.12 19.67 8.40
N ARG A 18 -12.18 20.96 8.07
CA ARG A 18 -11.13 21.60 7.28
C ARG A 18 -10.47 22.63 8.13
N TYR A 19 -9.54 22.14 8.93
CA TYR A 19 -8.97 22.93 10.00
C TYR A 19 -7.98 24.00 9.53
N ASP A 20 -7.29 23.76 8.41
CA ASP A 20 -6.49 24.81 7.81
C ASP A 20 -7.37 26.02 7.45
N ASP A 21 -8.51 25.77 6.77
CA ASP A 21 -9.42 26.86 6.36
C ASP A 21 -9.97 27.56 7.62
N MET A 22 -10.25 26.76 8.64
CA MET A 22 -10.72 27.28 9.90
C MET A 22 -9.68 28.19 10.55
N ALA A 23 -8.42 27.77 10.53
CA ALA A 23 -7.33 28.55 11.12
C ALA A 23 -7.13 29.84 10.34
N ALA A 24 -7.17 29.74 9.03
CA ALA A 24 -6.94 30.90 8.19
C ALA A 24 -8.06 31.94 8.44
N ALA A 25 -9.31 31.48 8.50
CA ALA A 25 -10.43 32.38 8.80
C ALA A 25 -10.24 33.11 10.15
N MET A 26 -9.98 32.33 11.20
CA MET A 26 -9.81 32.89 12.54
C MET A 26 -8.57 33.78 12.66
N LYS A 27 -7.53 33.45 11.91
CA LYS A 27 -6.35 34.29 11.83
C LYS A 27 -6.75 35.68 11.28
N ASN A 28 -7.51 35.69 10.18
CA ASN A 28 -7.98 36.95 9.61
C ASN A 28 -8.80 37.75 10.61
N VAL A 29 -9.64 37.05 11.37
CA VAL A 29 -10.49 37.70 12.36
C VAL A 29 -9.60 38.39 13.39
N THR A 30 -8.62 37.64 13.92
CA THR A 30 -7.65 38.17 14.86
C THR A 30 -6.91 39.41 14.32
N GLU A 31 -6.56 39.39 13.05
CA GLU A 31 -5.80 40.47 12.44
C GLU A 31 -6.61 41.73 12.24
N LEU A 32 -7.92 41.65 12.52
CA LEU A 32 -8.76 42.86 12.52
C LEU A 32 -8.50 43.69 13.78
N ASN A 33 -7.71 43.14 14.68
CA ASN A 33 -7.20 43.89 15.82
C ASN A 33 -8.30 44.34 16.80
N GLU A 34 -9.39 43.58 16.81
CA GLU A 34 -10.48 43.75 17.76
C GLU A 34 -10.54 42.49 18.61
N PRO A 35 -10.97 42.63 19.88
CA PRO A 35 -11.04 41.49 20.80
C PRO A 35 -11.92 40.38 20.26
N LEU A 36 -11.68 39.16 20.74
CA LEU A 36 -12.44 38.01 20.32
C LEU A 36 -13.49 37.70 21.36
N SER A 37 -14.71 37.39 20.91
CA SER A 37 -15.74 36.91 21.83
C SER A 37 -15.33 35.54 22.36
N ASN A 38 -16.11 35.03 23.29
CA ASN A 38 -15.90 33.69 23.81
C ASN A 38 -15.94 32.63 22.74
N GLU A 39 -16.95 32.69 21.87
CA GLU A 39 -17.09 31.70 20.81
C GLU A 39 -15.90 31.82 19.86
N GLU A 40 -15.49 33.05 19.54
CA GLU A 40 -14.37 33.29 18.63
C GLU A 40 -13.03 32.75 19.16
N ARG A 41 -12.80 32.92 20.45
CA ARG A 41 -11.59 32.36 21.08
C ARG A 41 -11.55 30.88 20.91
N ASN A 42 -12.65 30.22 21.24
CA ASN A 42 -12.72 28.77 21.09
C ASN A 42 -12.52 28.33 19.66
N LEU A 43 -13.15 29.03 18.70
CA LEU A 43 -12.96 28.76 17.29
C LEU A 43 -11.46 28.84 16.92
N LEU A 44 -10.79 29.90 17.34
CA LEU A 44 -9.34 30.03 17.09
C LEU A 44 -8.57 28.87 17.69
N SER A 45 -8.89 28.54 18.92
CA SER A 45 -8.19 27.50 19.64
C SER A 45 -8.42 26.10 19.05
N VAL A 46 -9.68 25.74 18.78
CA VAL A 46 -9.98 24.45 18.18
C VAL A 46 -9.29 24.33 16.82
N ALA A 47 -9.32 25.40 16.03
CA ALA A 47 -8.69 25.38 14.71
C ALA A 47 -7.20 24.99 14.80
N TYR A 48 -6.41 25.78 15.53
CA TYR A 48 -4.97 25.53 15.61
C TYR A 48 -4.63 24.29 16.37
N LYS A 49 -5.47 23.94 17.34
CA LYS A 49 -5.26 22.73 18.08
C LYS A 49 -5.28 21.53 17.12
N ASN A 50 -6.22 21.51 16.18
CA ASN A 50 -6.29 20.45 15.19
C ASN A 50 -5.18 20.49 14.16
N VAL A 51 -4.85 21.69 13.69
CA VAL A 51 -3.78 21.85 12.71
C VAL A 51 -2.46 21.31 13.31
N VAL A 52 -2.10 21.77 14.50
CA VAL A 52 -0.88 21.31 15.14
C VAL A 52 -1.03 19.87 15.57
N GLY A 53 -2.22 19.51 16.05
CA GLY A 53 -2.51 18.15 16.52
C GLY A 53 -2.17 17.09 15.50
N ALA A 54 -2.54 17.33 14.24
CA ALA A 54 -2.27 16.36 13.18
C ALA A 54 -0.76 16.17 12.98
N ARG A 55 0.02 17.25 13.16
CA ARG A 55 1.46 17.12 13.03
C ARG A 55 2.08 16.39 14.24
N ARG A 56 1.60 16.72 15.45
CA ARG A 56 2.10 16.08 16.65
C ARG A 56 1.83 14.58 16.58
N SER A 57 0.64 14.22 16.13
CA SER A 57 0.30 12.81 16.02
C SER A 57 1.23 12.15 14.98
N SER A 58 1.44 12.80 13.83
CA SER A 58 2.31 12.24 12.78
C SER A 58 3.75 12.09 13.27
N TRP A 59 4.24 13.12 13.97
CA TRP A 59 5.57 13.12 14.55
C TRP A 59 5.77 11.94 15.49
N ARG A 60 4.80 11.70 16.38
CA ARG A 60 4.91 10.54 17.30
C ARG A 60 5.00 9.21 16.54
N VAL A 61 4.16 9.04 15.52
CA VAL A 61 4.17 7.80 14.74
C VAL A 61 5.52 7.62 14.05
N ILE A 62 6.00 8.69 13.42
CA ILE A 62 7.28 8.64 12.70
C ILE A 62 8.45 8.42 13.64
N SER A 63 8.48 9.16 14.76
CA SER A 63 9.51 9.02 15.79
C SER A 63 9.58 7.60 16.32
N SER A 64 8.40 7.03 16.56
CA SER A 64 8.30 5.68 17.08
C SER A 64 8.85 4.67 16.07
N ILE A 65 8.62 4.92 14.78
CA ILE A 65 9.11 4.05 13.70
C ILE A 65 10.61 4.26 13.53
N GLU A 66 11.05 5.50 13.68
CA GLU A 66 12.48 5.81 13.57
C GLU A 66 13.27 5.06 14.61
N GLN A 67 12.74 4.97 15.83
CA GLN A 67 13.44 4.26 16.88
C GLN A 67 13.56 2.78 16.58
N LYS A 68 12.48 2.17 16.10
CA LYS A 68 12.51 0.74 15.75
C LYS A 68 13.42 0.42 14.57
N THR A 69 13.35 1.20 13.49
CA THR A 69 14.24 0.96 12.33
C THR A 69 15.69 1.40 12.59
N SER A 70 15.84 2.40 13.47
CA SER A 70 17.17 2.85 13.92
C SER A 70 17.93 1.69 14.56
N ALA A 71 17.22 0.95 15.41
CA ALA A 71 17.74 -0.26 16.05
C ALA A 71 18.05 -1.35 15.01
N ASP A 72 17.36 -1.28 13.87
CA ASP A 72 17.42 -2.30 12.82
C ASP A 72 18.72 -2.23 12.00
N GLY A 73 19.24 -1.02 11.77
CA GLY A 73 20.53 -0.84 11.12
C GLY A 73 20.53 -0.92 9.60
N ASN A 74 19.63 -0.16 8.98
CA ASN A 74 19.62 0.01 7.52
C ASN A 74 19.64 1.50 7.17
N GLU A 75 20.80 2.01 6.79
CA GLU A 75 21.09 3.45 6.70
C GLU A 75 20.13 4.13 5.72
N LYS A 76 20.00 3.62 4.53
CA LYS A 76 19.11 4.18 3.51
C LYS A 76 17.72 4.45 4.10
N LYS A 77 17.12 3.43 4.72
CA LYS A 77 15.81 3.56 5.35
C LYS A 77 15.82 4.58 6.49
N ILE A 78 16.85 4.52 7.34
CA ILE A 78 17.00 5.44 8.48
C ILE A 78 17.02 6.90 8.00
N GLU A 79 17.83 7.19 7.00
CA GLU A 79 17.97 8.56 6.50
C GLU A 79 16.64 9.14 6.05
N MET A 80 15.84 8.36 5.35
CA MET A 80 14.61 8.94 4.84
C MET A 80 13.50 9.00 5.88
N VAL A 81 13.48 8.07 6.84
CA VAL A 81 12.58 8.18 7.98
C VAL A 81 12.93 9.45 8.79
N ARG A 82 14.23 9.66 8.96
CA ARG A 82 14.78 10.85 9.63
C ARG A 82 14.38 12.13 8.91
N ALA A 83 14.55 12.16 7.60
CA ALA A 83 14.23 13.33 6.79
C ALA A 83 12.73 13.61 6.84
N TYR A 84 11.92 12.54 6.81
CA TYR A 84 10.49 12.68 6.91
C TYR A 84 10.05 13.30 8.27
N ARG A 85 10.66 12.84 9.35
CA ARG A 85 10.44 13.41 10.67
C ARG A 85 10.77 14.90 10.69
N GLU A 86 11.90 15.27 10.09
CA GLU A 86 12.32 16.66 10.01
C GLU A 86 11.33 17.53 9.21
N LYS A 87 10.81 16.98 8.13
CA LYS A 87 9.84 17.71 7.32
C LYS A 87 8.59 18.03 8.14
N ILE A 88 8.11 17.05 8.90
CA ILE A 88 6.95 17.24 9.78
C ILE A 88 7.26 18.24 10.92
N GLU A 89 8.44 18.14 11.50
CA GLU A 89 8.87 19.10 12.51
C GLU A 89 8.79 20.54 12.01
N LYS A 90 9.33 20.79 10.82
CA LYS A 90 9.31 22.12 10.24
C LYS A 90 7.86 22.62 10.12
N GLU A 91 6.94 21.74 9.73
CA GLU A 91 5.54 22.16 9.57
C GLU A 91 4.98 22.54 10.93
N LEU A 92 5.24 21.69 11.91
CA LEU A 92 4.73 21.86 13.25
C LEU A 92 5.26 23.14 13.87
N GLU A 93 6.55 23.38 13.66
CA GLU A 93 7.18 24.59 14.18
C GLU A 93 6.60 25.84 13.55
N ALA A 94 6.31 25.79 12.25
CA ALA A 94 5.70 26.93 11.56
C ALA A 94 4.30 27.23 12.11
N VAL A 95 3.50 26.19 12.34
CA VAL A 95 2.19 26.39 12.93
C VAL A 95 2.30 27.05 14.35
N CYS A 96 3.17 26.52 15.20
CA CYS A 96 3.34 27.08 16.53
C CYS A 96 3.76 28.53 16.46
N GLN A 97 4.70 28.86 15.57
CA GLN A 97 5.21 30.24 15.44
C GLN A 97 4.09 31.20 14.97
N ASP A 98 3.27 30.70 14.06
CA ASP A 98 2.10 31.44 13.56
C ASP A 98 1.12 31.83 14.71
N VAL A 99 0.72 30.83 15.51
CA VAL A 99 -0.13 31.05 16.68
C VAL A 99 0.51 32.03 17.71
N LEU A 100 1.77 31.77 18.04
CA LEU A 100 2.47 32.56 19.03
C LEU A 100 2.54 34.02 18.58
N SER A 101 2.74 34.22 17.31
CA SER A 101 2.76 35.55 16.76
C SER A 101 1.40 36.22 16.94
N LEU A 102 0.32 35.51 16.65
CA LEU A 102 -1.03 36.03 16.89
C LEU A 102 -1.25 36.39 18.36
N LEU A 103 -0.83 35.48 19.25
CA LEU A 103 -0.93 35.73 20.69
C LEU A 103 -0.16 36.96 21.16
N ASP A 104 1.09 37.08 20.75
CA ASP A 104 1.93 38.21 21.19
C ASP A 104 1.58 39.56 20.57
N ASN A 105 1.19 39.54 19.29
CA ASN A 105 1.03 40.77 18.54
C ASN A 105 -0.38 41.32 18.55
N TYR A 106 -1.34 40.46 18.85
CA TYR A 106 -2.75 40.84 18.79
C TYR A 106 -3.54 40.50 20.06
N LEU A 107 -3.57 39.23 20.43
CA LEU A 107 -4.51 38.76 21.44
C LEU A 107 -4.17 39.15 22.87
N ILE A 108 -2.97 38.80 23.34
CA ILE A 108 -2.50 39.21 24.67
C ILE A 108 -2.32 40.73 24.71
N LYS A 109 -1.76 41.29 23.64
CA LYS A 109 -1.54 42.71 23.56
C LYS A 109 -2.82 43.52 23.83
N ASN A 110 -3.95 43.06 23.32
CA ASN A 110 -5.18 43.86 23.34
C ASN A 110 -6.06 43.60 24.57
N CYS A 111 -5.61 42.74 25.48
CA CYS A 111 -6.33 42.46 26.71
C CYS A 111 -6.19 43.62 27.66
N SER A 112 -7.29 44.21 28.11
CA SER A 112 -7.21 45.23 29.15
C SER A 112 -7.02 44.58 30.52
N GLU A 113 -6.71 45.40 31.51
CA GLU A 113 -6.45 44.91 32.87
C GLU A 113 -7.56 44.06 33.48
N THR A 114 -8.80 44.35 33.13
CA THR A 114 -9.92 43.63 33.72
C THR A 114 -10.38 42.40 32.94
N GLN A 115 -9.74 42.13 31.80
CA GLN A 115 -10.10 40.99 30.99
C GLN A 115 -9.26 39.79 31.42
N TYR A 116 -9.43 39.41 32.68
CA TYR A 116 -8.65 38.33 33.31
C TYR A 116 -8.83 36.99 32.62
N GLU A 117 -10.07 36.65 32.25
CA GLU A 117 -10.40 35.38 31.65
C GLU A 117 -9.61 35.23 30.35
N SER A 118 -9.60 36.30 29.55
CA SER A 118 -8.95 36.36 28.26
C SER A 118 -7.45 36.21 28.40
N LYS A 119 -6.87 36.95 29.35
CA LYS A 119 -5.45 36.89 29.61
C LYS A 119 -5.00 35.47 29.95
N VAL A 120 -5.71 34.84 30.88
CA VAL A 120 -5.38 33.47 31.28
C VAL A 120 -5.52 32.52 30.09
N PHE A 121 -6.62 32.64 29.34
CA PHE A 121 -6.85 31.81 28.19
C PHE A 121 -5.68 31.89 27.21
N TYR A 122 -5.30 33.11 26.84
CA TYR A 122 -4.26 33.34 25.86
C TYR A 122 -2.87 32.95 26.36
N LEU A 123 -2.57 33.22 27.64
CA LEU A 123 -1.28 32.87 28.22
C LEU A 123 -1.16 31.35 28.36
N LYS A 124 -2.29 30.68 28.63
CA LYS A 124 -2.34 29.22 28.58
C LYS A 124 -2.04 28.71 27.15
N MET A 125 -2.65 29.31 26.13
CA MET A 125 -2.31 28.91 24.76
C MET A 125 -0.81 29.11 24.52
N LYS A 126 -0.28 30.23 24.99
CA LYS A 126 1.13 30.52 24.80
C LYS A 126 1.97 29.42 25.42
N GLY A 127 1.58 28.97 26.62
CA GLY A 127 2.29 27.91 27.31
C GLY A 127 2.20 26.63 26.49
N ASP A 128 1.01 26.33 26.00
CA ASP A 128 0.75 25.11 25.23
C ASP A 128 1.60 25.04 23.97
N TYR A 129 1.66 26.15 23.23
CA TYR A 129 2.34 26.11 21.95
C TYR A 129 3.88 26.11 22.11
N TYR A 130 4.38 26.74 23.17
CA TYR A 130 5.79 26.50 23.49
C TYR A 130 6.04 25.06 23.96
N ARG A 131 5.07 24.47 24.65
CA ARG A 131 5.18 23.09 25.09
C ARG A 131 5.28 22.17 23.87
N TYR A 132 4.47 22.46 22.85
CA TYR A 132 4.49 21.64 21.64
C TYR A 132 5.84 21.79 20.94
N LEU A 133 6.40 23.00 20.93
CA LEU A 133 7.75 23.20 20.43
C LEU A 133 8.75 22.40 21.24
N ALA A 134 8.56 22.37 22.57
CA ALA A 134 9.46 21.64 23.46
C ALA A 134 9.42 20.15 23.18
N GLU A 135 8.24 19.61 22.86
CA GLU A 135 8.10 18.18 22.50
C GLU A 135 9.09 17.68 21.46
N VAL A 136 9.43 18.53 20.49
CA VAL A 136 10.29 18.11 19.37
C VAL A 136 11.70 18.72 19.40
N ALA A 137 11.92 19.68 20.29
CA ALA A 137 13.22 20.33 20.38
C ALA A 137 14.24 19.55 21.21
N THR A 138 15.52 19.77 20.91
CA THR A 138 16.61 19.20 21.72
C THR A 138 17.61 20.31 22.04
N GLY A 139 18.60 19.99 22.88
CA GLY A 139 19.67 20.93 23.22
C GLY A 139 19.20 22.29 23.72
N GLU A 140 19.97 23.33 23.39
CA GLU A 140 19.67 24.71 23.80
C GLU A 140 18.34 25.24 23.28
N LYS A 141 17.94 24.83 22.08
CA LYS A 141 16.65 25.18 21.54
C LYS A 141 15.53 24.70 22.47
N ARG A 142 15.63 23.46 22.94
CA ARG A 142 14.69 22.93 23.92
C ARG A 142 14.66 23.79 25.18
N ALA A 143 15.83 24.11 25.73
CA ALA A 143 15.88 24.88 26.96
C ALA A 143 15.15 26.21 26.82
N THR A 144 15.34 26.87 25.67
CA THR A 144 14.77 28.18 25.43
C THR A 144 13.23 28.11 25.42
N VAL A 145 12.67 27.18 24.66
CA VAL A 145 11.22 27.08 24.55
C VAL A 145 10.58 26.55 25.82
N VAL A 146 11.33 25.78 26.61
CA VAL A 146 10.83 25.29 27.87
C VAL A 146 10.70 26.48 28.83
N GLU A 147 11.71 27.35 28.85
CA GLU A 147 11.67 28.58 29.66
C GLU A 147 10.44 29.41 29.28
N SER A 148 10.25 29.62 27.98
CA SER A 148 9.13 30.37 27.46
C SER A 148 7.77 29.78 27.86
N SER A 149 7.64 28.46 27.77
CA SER A 149 6.41 27.79 28.18
C SER A 149 6.14 28.00 29.68
N GLU A 150 7.16 27.75 30.49
CA GLU A 150 7.10 27.94 31.93
C GLU A 150 6.67 29.38 32.28
N LYS A 151 7.25 30.35 31.56
CA LYS A 151 6.94 31.76 31.83
C LYS A 151 5.46 32.07 31.58
N ALA A 152 4.93 31.54 30.49
CA ALA A 152 3.57 31.80 30.10
C ALA A 152 2.59 31.14 31.06
N TYR A 153 2.82 29.87 31.40
CA TYR A 153 1.93 29.14 32.32
C TYR A 153 1.96 29.80 33.67
N SER A 154 3.16 30.10 34.13
CA SER A 154 3.41 30.73 35.44
C SER A 154 2.60 32.02 35.62
N GLU A 155 2.67 32.92 34.63
CA GLU A 155 1.90 34.15 34.70
C GLU A 155 0.39 33.88 34.69
N ALA A 156 -0.04 32.99 33.80
CA ALA A 156 -1.44 32.58 33.72
C ALA A 156 -1.95 32.02 35.06
N HIS A 157 -1.08 31.29 35.76
CA HIS A 157 -1.43 30.70 37.03
C HIS A 157 -1.62 31.77 38.14
N GLU A 158 -0.74 32.77 38.17
CA GLU A 158 -0.86 33.87 39.12
C GLU A 158 -2.16 34.64 38.92
N ILE A 159 -2.50 34.93 37.67
CA ILE A 159 -3.71 35.68 37.36
C ILE A 159 -4.97 34.87 37.70
N SER A 160 -4.96 33.58 37.38
CA SER A 160 -6.10 32.73 37.67
C SER A 160 -6.33 32.51 39.19
N LYS A 161 -5.24 32.34 39.94
CA LYS A 161 -5.32 32.23 41.41
C LYS A 161 -5.95 33.48 42.02
N GLU A 162 -5.55 34.64 41.49
CA GLU A 162 -5.97 35.92 42.05
C GLU A 162 -7.38 36.31 41.64
N HIS A 163 -7.80 35.94 40.42
CA HIS A 163 -9.01 36.53 39.85
C HIS A 163 -10.13 35.56 39.45
N MET A 164 -9.90 34.25 39.55
CA MET A 164 -10.90 33.26 39.13
C MET A 164 -11.24 32.27 40.22
N GLN A 165 -12.48 31.80 40.26
CA GLN A 165 -12.88 30.79 41.24
C GLN A 165 -12.23 29.44 40.91
N PRO A 166 -11.86 28.65 41.94
CA PRO A 166 -11.23 27.33 41.74
C PRO A 166 -11.98 26.40 40.78
N THR A 167 -13.31 26.60 40.62
CA THR A 167 -14.15 25.79 39.73
C THR A 167 -14.24 26.30 38.30
N HIS A 168 -13.61 27.43 38.03
CA HIS A 168 -13.69 28.03 36.68
C HIS A 168 -12.97 27.17 35.61
N PRO A 169 -13.68 26.80 34.53
CA PRO A 169 -13.14 25.85 33.50
C PRO A 169 -11.76 26.25 33.02
N ILE A 170 -11.60 27.53 32.70
CA ILE A 170 -10.32 28.03 32.22
C ILE A 170 -9.19 27.90 33.26
N ARG A 171 -9.49 28.16 34.51
CA ARG A 171 -8.54 27.92 35.59
C ARG A 171 -8.19 26.42 35.72
N LEU A 172 -9.21 25.57 35.69
CA LEU A 172 -9.02 24.13 35.76
C LEU A 172 -8.18 23.61 34.56
N GLY A 173 -8.53 24.06 33.36
CA GLY A 173 -7.87 23.65 32.14
C GLY A 173 -6.40 24.03 32.13
N LEU A 174 -6.10 25.17 32.75
CA LEU A 174 -4.72 25.61 32.88
C LEU A 174 -3.97 24.70 33.87
N ALA A 175 -4.59 24.40 35.01
CA ALA A 175 -3.99 23.52 35.99
C ALA A 175 -3.69 22.16 35.36
N LEU A 176 -4.63 21.68 34.55
CA LEU A 176 -4.44 20.44 33.82
C LEU A 176 -3.18 20.49 32.94
N ASN A 177 -3.12 21.47 32.04
CA ASN A 177 -2.06 21.53 31.05
C ASN A 177 -0.71 21.85 31.67
N TYR A 178 -0.73 22.73 32.66
CA TYR A 178 0.46 23.12 33.38
C TYR A 178 1.06 21.92 34.11
N SER A 179 0.20 21.08 34.70
CA SER A 179 0.69 19.90 35.42
C SER A 179 1.29 18.89 34.45
N VAL A 180 0.66 18.73 33.29
CA VAL A 180 1.21 17.91 32.19
C VAL A 180 2.59 18.42 31.79
N PHE A 181 2.73 19.74 31.64
CA PHE A 181 4.02 20.36 31.40
C PHE A 181 5.07 19.94 32.44
N TYR A 182 4.70 20.02 33.72
CA TYR A 182 5.61 19.62 34.81
C TYR A 182 6.07 18.15 34.68
N TYR A 183 5.11 17.28 34.37
CA TYR A 183 5.36 15.84 34.30
C TYR A 183 6.16 15.48 33.06
N GLU A 184 5.63 15.82 31.89
CA GLU A 184 6.23 15.38 30.62
C GLU A 184 7.46 16.17 30.18
N ILE A 185 7.49 17.47 30.46
CA ILE A 185 8.54 18.32 29.91
C ILE A 185 9.65 18.55 30.92
N GLN A 186 9.28 18.97 32.13
CA GLN A 186 10.22 19.27 33.20
C GLN A 186 10.69 18.03 33.93
N ASN A 187 10.04 16.90 33.67
CA ASN A 187 10.30 15.67 34.42
C ASN A 187 10.28 15.92 35.93
N ALA A 188 9.23 16.61 36.38
CA ALA A 188 9.05 16.96 37.78
C ALA A 188 7.73 16.40 38.25
N PRO A 189 7.68 15.08 38.50
CA PRO A 189 6.39 14.45 38.87
C PRO A 189 5.78 14.92 40.20
N GLU A 190 6.61 15.24 41.20
CA GLU A 190 6.06 15.75 42.46
C GLU A 190 5.36 17.08 42.21
N GLN A 191 6.01 18.00 41.49
CA GLN A 191 5.41 19.28 41.19
C GLN A 191 4.11 19.13 40.38
N ALA A 192 4.10 18.15 39.48
CA ALA A 192 2.95 17.85 38.65
C ALA A 192 1.80 17.41 39.48
N CYS A 193 2.06 16.43 40.34
CA CYS A 193 1.04 15.91 41.22
C CYS A 193 0.48 16.95 42.15
N HIS A 194 1.37 17.77 42.72
CA HIS A 194 0.92 18.75 43.68
C HIS A 194 -0.06 19.73 43.03
N LEU A 195 0.26 20.14 41.80
CA LEU A 195 -0.55 21.09 41.10
C LEU A 195 -1.92 20.53 40.76
N ALA A 196 -1.94 19.31 40.20
CA ALA A 196 -3.19 18.66 39.86
C ALA A 196 -4.04 18.33 41.10
N LYS A 197 -3.39 17.91 42.18
CA LYS A 197 -4.16 17.58 43.40
C LYS A 197 -4.74 18.85 44.02
N THR A 198 -3.93 19.90 44.10
CA THR A 198 -4.38 21.17 44.69
C THR A 198 -5.57 21.72 43.91
N ALA A 199 -5.43 21.79 42.59
CA ALA A 199 -6.50 22.29 41.74
C ALA A 199 -7.80 21.49 41.90
N PHE A 200 -7.70 20.17 41.95
CA PHE A 200 -8.87 19.32 42.10
C PHE A 200 -9.48 19.53 43.49
N ASP A 201 -8.65 19.51 44.54
CA ASP A 201 -9.18 19.68 45.89
C ASP A 201 -9.82 21.04 46.06
N ASP A 202 -9.19 22.06 45.51
CA ASP A 202 -9.74 23.43 45.63
C ASP A 202 -11.09 23.57 44.94
N ALA A 203 -11.23 22.94 43.78
CA ALA A 203 -12.50 22.90 43.09
C ALA A 203 -13.56 22.14 43.88
N ILE A 204 -13.19 21.06 44.56
CA ILE A 204 -14.17 20.34 45.33
C ILE A 204 -14.63 21.10 46.56
N ALA A 205 -13.71 21.76 47.23
CA ALA A 205 -14.00 22.57 48.41
C ALA A 205 -15.04 23.64 48.07
N GLU A 206 -14.93 24.22 46.89
CA GLU A 206 -15.85 25.27 46.46
C GLU A 206 -16.77 24.80 45.34
N LEU A 207 -17.21 23.54 45.39
CA LEU A 207 -17.99 23.00 44.30
C LEU A 207 -19.40 23.60 44.17
N ASP A 208 -19.87 24.23 45.24
CA ASP A 208 -21.15 24.96 45.25
C ASP A 208 -21.14 26.14 44.29
N THR A 209 -19.95 26.58 43.90
CA THR A 209 -19.79 27.72 43.02
C THR A 209 -19.85 27.37 41.53
N LEU A 210 -20.28 26.17 41.17
CA LEU A 210 -20.49 25.89 39.75
C LEU A 210 -21.75 26.61 39.27
N ASN A 211 -21.68 27.15 38.05
CA ASN A 211 -22.82 27.78 37.39
C ASN A 211 -23.33 26.90 36.26
N GLU A 212 -24.66 26.88 36.06
CA GLU A 212 -25.31 26.06 35.02
C GLU A 212 -24.71 26.21 33.62
N ASP A 213 -23.98 27.30 33.40
CA ASP A 213 -23.34 27.53 32.11
C ASP A 213 -21.93 26.92 32.01
N SER A 214 -21.35 26.54 33.14
CA SER A 214 -19.96 26.08 33.15
C SER A 214 -19.77 24.72 33.83
N TYR A 215 -20.74 24.25 34.61
CA TYR A 215 -20.54 23.02 35.33
C TYR A 215 -19.99 21.93 34.41
N LYS A 216 -20.50 21.87 33.18
CA LYS A 216 -20.15 20.78 32.26
C LYS A 216 -18.68 20.78 31.89
N ASP A 217 -18.15 21.93 31.46
CA ASP A 217 -16.73 22.04 31.13
C ASP A 217 -15.86 21.80 32.35
N SER A 218 -16.27 22.36 33.48
CA SER A 218 -15.54 22.23 34.72
C SER A 218 -15.45 20.81 35.22
N THR A 219 -16.55 20.07 35.18
CA THR A 219 -16.58 18.69 35.68
C THR A 219 -15.78 17.74 34.80
N LEU A 220 -15.80 17.99 33.50
CA LEU A 220 -15.04 17.20 32.56
C LEU A 220 -13.56 17.31 32.88
N ILE A 221 -13.11 18.50 33.23
CA ILE A 221 -11.68 18.73 33.46
C ILE A 221 -11.24 18.08 34.79
N MET A 222 -12.12 18.12 35.78
CA MET A 222 -11.88 17.53 37.07
C MET A 222 -11.61 16.03 36.98
N GLN A 223 -12.36 15.37 36.12
CA GLN A 223 -12.13 13.95 35.79
C GLN A 223 -10.74 13.71 35.26
N LEU A 224 -10.34 14.58 34.31
CA LEU A 224 -9.05 14.49 33.67
C LEU A 224 -7.91 14.72 34.63
N LEU A 225 -8.08 15.65 35.56
CA LEU A 225 -7.11 15.91 36.61
C LEU A 225 -6.91 14.62 37.42
N ARG A 226 -8.02 14.03 37.83
CA ARG A 226 -8.00 12.80 38.60
C ARG A 226 -7.40 11.63 37.84
N ASP A 227 -7.74 11.56 36.56
CA ASP A 227 -7.23 10.53 35.65
C ASP A 227 -5.71 10.56 35.57
N ASN A 228 -5.16 11.75 35.30
CA ASN A 228 -3.72 11.97 35.32
C ASN A 228 -3.09 11.64 36.66
N LEU A 229 -3.74 12.03 37.76
CA LEU A 229 -3.26 11.75 39.10
C LEU A 229 -3.16 10.27 39.38
N THR A 230 -4.17 9.54 38.94
CA THR A 230 -4.22 8.10 39.10
C THR A 230 -3.05 7.47 38.37
N LEU A 231 -2.86 7.86 37.12
CA LEU A 231 -1.76 7.37 36.32
C LEU A 231 -0.40 7.68 36.92
N TRP A 232 -0.21 8.93 37.38
CA TRP A 232 1.08 9.39 37.90
C TRP A 232 1.44 8.77 39.26
N THR A 233 0.44 8.17 39.90
CA THR A 233 0.63 7.45 41.16
C THR A 233 0.25 6.01 40.92
N ARG B 1 0.53 9.55 27.32
CA ARG B 1 -0.01 8.88 28.51
C ARG B 1 -0.85 9.85 29.36
N ALA B 2 -0.25 10.95 29.81
CA ALA B 2 -1.01 12.01 30.47
C ALA B 2 -1.89 12.68 29.44
N ILE B 3 -3.10 13.07 29.83
CA ILE B 3 -4.01 13.73 28.90
C ILE B 3 -4.07 15.24 29.17
N SEP B 4 -3.86 16.04 28.13
CA SEP B 4 -3.99 17.48 28.21
CB SEP B 4 -2.99 18.15 27.26
OG SEP B 4 -3.30 17.84 25.91
C SEP B 4 -5.42 17.88 27.85
O SEP B 4 -6.20 17.02 27.44
P SEP B 4 -2.26 18.46 24.86
O1P SEP B 4 -0.77 17.94 25.20
O2P SEP B 4 -2.37 20.04 24.90
O3P SEP B 4 -2.65 17.93 23.40
N LEU B 5 -5.77 19.15 27.99
CA LEU B 5 -7.10 19.63 27.67
C LEU B 5 -7.51 19.25 26.25
N PRO B 6 -8.64 18.55 26.08
CA PRO B 6 -9.08 18.25 24.70
C PRO B 6 -9.37 19.53 23.91
N VAL C 1 -11.56 21.71 -13.70
CA VAL C 1 -10.16 21.68 -14.22
C VAL C 1 -10.09 22.44 -15.55
N ASP C 2 -9.53 23.62 -15.48
CA ASP C 2 -9.64 24.62 -16.51
C ASP C 2 -8.27 24.81 -17.09
N ARG C 3 -8.12 24.37 -18.34
CA ARG C 3 -6.86 24.43 -19.06
C ARG C 3 -6.36 25.87 -19.18
N GLU C 4 -7.26 26.78 -19.53
CA GLU C 4 -6.90 28.19 -19.75
C GLU C 4 -6.30 28.81 -18.49
N GLN C 5 -6.92 28.51 -17.35
CA GLN C 5 -6.45 28.99 -16.06
C GLN C 5 -5.06 28.46 -15.70
N LEU C 6 -4.78 27.20 -16.02
CA LEU C 6 -3.45 26.62 -15.76
C LEU C 6 -2.39 27.32 -16.59
N VAL C 7 -2.75 27.66 -17.83
CA VAL C 7 -1.80 28.30 -18.75
C VAL C 7 -1.56 29.72 -18.25
N GLN C 8 -2.62 30.35 -17.79
CA GLN C 8 -2.53 31.69 -17.26
C GLN C 8 -1.68 31.71 -15.98
N LYS C 9 -1.80 30.67 -15.15
CA LYS C 9 -0.99 30.52 -13.95
C LYS C 9 0.47 30.40 -14.37
N ALA C 10 0.75 29.60 -15.38
CA ALA C 10 2.09 29.48 -15.87
C ALA C 10 2.68 30.84 -16.34
N ARG C 11 1.88 31.68 -16.99
CA ARG C 11 2.34 32.98 -17.47
C ARG C 11 2.60 33.93 -16.30
N LEU C 12 1.77 33.80 -15.26
CA LEU C 12 1.92 34.57 -14.05
C LEU C 12 3.19 34.18 -13.32
N ALA C 13 3.38 32.87 -13.19
CA ALA C 13 4.50 32.35 -12.44
C ALA C 13 5.80 32.79 -13.12
N GLU C 14 5.78 32.77 -14.44
CA GLU C 14 6.95 33.16 -15.23
C GLU C 14 7.36 34.60 -14.95
N GLN C 15 6.39 35.51 -15.02
CA GLN C 15 6.60 36.89 -14.62
C GLN C 15 7.10 37.10 -13.17
N ALA C 16 6.69 36.23 -12.25
CA ALA C 16 7.05 36.34 -10.85
C ALA C 16 8.36 35.60 -10.55
N GLU C 17 8.90 35.00 -11.60
CA GLU C 17 10.10 34.15 -11.56
C GLU C 17 10.00 33.00 -10.57
N ARG C 18 8.85 32.34 -10.62
CA ARG C 18 8.53 31.22 -9.75
C ARG C 18 8.39 30.00 -10.62
N TYR C 19 9.55 29.45 -10.97
CA TYR C 19 9.65 28.40 -11.97
C TYR C 19 9.11 27.06 -11.53
N ASP C 20 9.17 26.76 -10.23
CA ASP C 20 8.51 25.55 -9.72
C ASP C 20 7.01 25.59 -10.00
N ASP C 21 6.39 26.72 -9.67
CA ASP C 21 4.96 26.92 -9.89
C ASP C 21 4.68 26.83 -11.39
N MET C 22 5.58 27.35 -12.20
CA MET C 22 5.40 27.36 -13.64
C MET C 22 5.46 25.94 -14.19
N ALA C 23 6.42 25.15 -13.69
CA ALA C 23 6.58 23.78 -14.15
C ALA C 23 5.39 22.98 -13.70
N ALA C 24 4.87 23.26 -12.52
CA ALA C 24 3.79 22.46 -11.98
C ALA C 24 2.52 22.72 -12.81
N ALA C 25 2.28 23.97 -13.19
CA ALA C 25 1.10 24.28 -13.98
C ALA C 25 1.23 23.67 -15.39
N MET C 26 2.42 23.75 -16.00
CA MET C 26 2.57 23.22 -17.35
C MET C 26 2.58 21.69 -17.36
N LYS C 27 3.03 21.08 -16.26
CA LYS C 27 2.94 19.62 -16.14
C LYS C 27 1.46 19.20 -16.12
N ASN C 28 0.67 19.88 -15.30
CA ASN C 28 -0.77 19.70 -15.22
C ASN C 28 -1.43 19.86 -16.58
N VAL C 29 -1.00 20.85 -17.37
CA VAL C 29 -1.53 21.04 -18.72
C VAL C 29 -1.20 19.83 -19.60
N THR C 30 0.06 19.45 -19.64
CA THR C 30 0.49 18.26 -20.38
C THR C 30 -0.32 17.01 -19.98
N GLU C 31 -0.57 16.84 -18.68
CA GLU C 31 -1.32 15.67 -18.23
C GLU C 31 -2.77 15.63 -18.73
N LEU C 32 -3.23 16.69 -19.38
CA LEU C 32 -4.60 16.67 -19.88
C LEU C 32 -4.61 15.93 -21.22
N ASN C 33 -3.43 15.52 -21.68
CA ASN C 33 -3.33 14.58 -22.78
C ASN C 33 -3.78 15.16 -24.12
N GLU C 34 -3.71 16.49 -24.24
CA GLU C 34 -4.02 17.16 -25.49
C GLU C 34 -2.74 17.86 -25.93
N PRO C 35 -2.56 18.05 -27.24
CA PRO C 35 -1.30 18.63 -27.73
C PRO C 35 -1.05 20.03 -27.14
N LEU C 36 0.19 20.49 -27.21
CA LEU C 36 0.52 21.78 -26.71
C LEU C 36 0.65 22.75 -27.88
N SER C 37 0.11 23.95 -27.72
CA SER C 37 0.35 25.00 -28.69
C SER C 37 1.83 25.39 -28.68
N ASN C 38 2.25 26.22 -29.64
CA ASN C 38 3.61 26.76 -29.63
C ASN C 38 3.95 27.45 -28.32
N GLU C 39 3.05 28.31 -27.85
CA GLU C 39 3.28 29.08 -26.64
C GLU C 39 3.40 28.15 -25.45
N GLU C 40 2.49 27.17 -25.37
CA GLU C 40 2.49 26.21 -24.27
C GLU C 40 3.79 25.37 -24.20
N ARG C 41 4.30 24.95 -25.36
CA ARG C 41 5.54 24.19 -25.44
C ARG C 41 6.67 25.00 -24.86
N ASN C 42 6.77 26.26 -25.27
CA ASN C 42 7.80 27.17 -24.74
C ASN C 42 7.66 27.36 -23.24
N LEU C 43 6.41 27.53 -22.77
CA LEU C 43 6.15 27.70 -21.35
C LEU C 43 6.64 26.49 -20.56
N LEU C 44 6.36 25.29 -21.05
CA LEU C 44 6.88 24.06 -20.42
C LEU C 44 8.39 24.00 -20.46
N SER C 45 8.99 24.33 -21.59
CA SER C 45 10.41 24.26 -21.73
C SER C 45 11.12 25.33 -20.90
N VAL C 46 10.69 26.59 -20.97
CA VAL C 46 11.28 27.64 -20.12
C VAL C 46 11.21 27.26 -18.62
N ALA C 47 10.08 26.70 -18.18
CA ALA C 47 9.88 26.40 -16.78
C ALA C 47 10.90 25.34 -16.29
N TYR C 48 10.92 24.18 -16.94
CA TYR C 48 11.85 23.12 -16.54
C TYR C 48 13.29 23.45 -16.82
N LYS C 49 13.56 24.28 -17.82
CA LYS C 49 14.91 24.74 -18.09
C LYS C 49 15.44 25.55 -16.88
N ASN C 50 14.60 26.38 -16.28
CA ASN C 50 15.01 27.15 -15.11
C ASN C 50 15.09 26.31 -13.85
N VAL C 51 14.14 25.40 -13.65
CA VAL C 51 14.17 24.53 -12.51
C VAL C 51 15.45 23.68 -12.55
N VAL C 52 15.77 23.09 -13.70
CA VAL C 52 16.96 22.23 -13.80
C VAL C 52 18.23 23.09 -13.85
N GLY C 53 18.11 24.23 -14.51
CA GLY C 53 19.20 25.19 -14.62
C GLY C 53 19.79 25.62 -13.30
N ALA C 54 18.96 25.88 -12.28
CA ALA C 54 19.44 26.39 -11.02
C ALA C 54 20.22 25.31 -10.34
N ARG C 55 19.78 24.06 -10.51
CA ARG C 55 20.50 22.94 -9.91
C ARG C 55 21.82 22.65 -10.64
N ARG C 56 21.82 22.74 -11.98
CA ARG C 56 23.06 22.56 -12.74
C ARG C 56 24.06 23.61 -12.36
N SER C 57 23.58 24.83 -12.18
CA SER C 57 24.46 25.95 -11.83
C SER C 57 25.04 25.71 -10.43
N SER C 58 24.20 25.29 -9.47
CA SER C 58 24.65 25.01 -8.12
C SER C 58 25.67 23.87 -8.11
N TRP C 59 25.35 22.78 -8.82
CA TRP C 59 26.24 21.63 -8.95
C TRP C 59 27.64 22.04 -9.40
N ARG C 60 27.70 22.90 -10.41
CA ARG C 60 29.00 23.39 -10.89
C ARG C 60 29.77 24.13 -9.85
N VAL C 61 29.12 25.03 -9.13
CA VAL C 61 29.78 25.79 -8.06
C VAL C 61 30.26 24.85 -6.97
N ILE C 62 29.42 23.90 -6.55
CA ILE C 62 29.78 22.98 -5.49
C ILE C 62 30.93 22.05 -5.92
N SER C 63 30.84 21.49 -7.14
CA SER C 63 31.87 20.56 -7.63
C SER C 63 33.17 21.28 -7.69
N SER C 64 33.12 22.53 -8.15
CA SER C 64 34.31 23.33 -8.25
C SER C 64 34.96 23.56 -6.88
N ILE C 65 34.16 23.80 -5.85
CA ILE C 65 34.70 23.94 -4.50
C ILE C 65 35.17 22.59 -3.91
N GLU C 66 34.46 21.51 -4.28
CA GLU C 66 34.84 20.17 -3.85
C GLU C 66 36.24 19.85 -4.33
N GLN C 67 36.56 20.23 -5.55
CA GLN C 67 37.88 20.00 -6.11
C GLN C 67 38.93 20.71 -5.30
N LYS C 68 38.73 22.00 -5.06
CA LYS C 68 39.70 22.79 -4.30
C LYS C 68 39.88 22.31 -2.86
N THR C 69 38.79 22.04 -2.13
CA THR C 69 38.92 21.57 -0.75
C THR C 69 39.38 20.10 -0.64
N SER C 70 39.08 19.30 -1.68
CA SER C 70 39.57 17.91 -1.84
C SER C 70 41.08 17.89 -1.83
N ALA C 71 41.66 18.81 -2.61
CA ALA C 71 43.10 19.01 -2.65
C ALA C 71 43.69 19.40 -1.28
N ASP C 72 42.84 19.85 -0.36
CA ASP C 72 43.25 20.59 0.85
C ASP C 72 43.43 19.76 2.14
N GLY C 73 42.74 18.62 2.24
CA GLY C 73 42.94 17.67 3.34
C GLY C 73 42.23 17.98 4.64
N ASN C 74 40.93 18.25 4.55
CA ASN C 74 40.07 18.44 5.72
C ASN C 74 38.88 17.48 5.55
N GLU C 75 39.00 16.24 5.97
CA GLU C 75 38.05 15.17 5.68
C GLU C 75 36.64 15.55 6.11
N LYS C 76 36.47 16.08 7.30
CA LYS C 76 35.16 16.53 7.79
C LYS C 76 34.54 17.52 6.81
N LYS C 77 35.31 18.50 6.38
CA LYS C 77 34.83 19.47 5.39
C LYS C 77 34.56 18.83 4.03
N ILE C 78 35.44 17.93 3.59
CA ILE C 78 35.25 17.21 2.32
C ILE C 78 33.93 16.41 2.33
N GLU C 79 33.69 15.64 3.39
CA GLU C 79 32.48 14.82 3.51
C GLU C 79 31.21 15.67 3.28
N MET C 80 31.17 16.84 3.92
CA MET C 80 29.97 17.68 3.89
C MET C 80 29.77 18.34 2.54
N VAL C 81 30.87 18.79 1.93
CA VAL C 81 30.77 19.33 0.57
C VAL C 81 30.30 18.25 -0.38
N ARG C 82 30.83 17.04 -0.23
CA ARG C 82 30.44 15.89 -1.04
C ARG C 82 28.94 15.59 -0.83
N ALA C 83 28.48 15.55 0.43
CA ALA C 83 27.09 15.23 0.73
C ALA C 83 26.19 16.27 0.07
N TYR C 84 26.59 17.53 0.16
CA TYR C 84 25.81 18.64 -0.41
C TYR C 84 25.70 18.50 -1.92
N ARG C 85 26.80 18.16 -2.57
CA ARG C 85 26.78 17.87 -3.99
C ARG C 85 25.82 16.72 -4.31
N GLU C 86 25.86 15.66 -3.51
CA GLU C 86 24.97 14.53 -3.71
C GLU C 86 23.48 14.95 -3.59
N LYS C 87 23.19 15.79 -2.58
CA LYS C 87 21.85 16.32 -2.37
C LYS C 87 21.34 17.00 -3.64
N ILE C 88 22.17 17.89 -4.17
CA ILE C 88 21.82 18.62 -5.37
C ILE C 88 21.67 17.71 -6.61
N GLU C 89 22.53 16.70 -6.71
CA GLU C 89 22.41 15.73 -7.79
C GLU C 89 21.08 15.03 -7.76
N LYS C 90 20.68 14.53 -6.59
CA LYS C 90 19.38 13.87 -6.44
C LYS C 90 18.26 14.79 -6.90
N GLU C 91 18.32 16.07 -6.53
CA GLU C 91 17.27 16.99 -6.93
C GLU C 91 17.22 17.12 -8.44
N LEU C 92 18.38 17.33 -9.04
CA LEU C 92 18.53 17.49 -10.49
C LEU C 92 18.06 16.26 -11.25
N GLU C 93 18.41 15.11 -10.74
CA GLU C 93 18.04 13.86 -11.37
C GLU C 93 16.51 13.65 -11.31
N ALA C 94 15.89 14.10 -10.23
CA ALA C 94 14.45 13.97 -10.09
C ALA C 94 13.74 14.88 -11.11
N VAL C 95 14.26 16.07 -11.30
CA VAL C 95 13.69 16.99 -12.23
C VAL C 95 13.77 16.39 -13.65
N CYS C 96 14.95 15.90 -14.03
CA CYS C 96 15.15 15.29 -15.35
C CYS C 96 14.18 14.16 -15.57
N GLN C 97 13.99 13.33 -14.55
CA GLN C 97 13.12 12.16 -14.67
C GLN C 97 11.65 12.54 -14.87
N ASP C 98 11.24 13.57 -14.14
CA ASP C 98 9.93 14.16 -14.27
C ASP C 98 9.66 14.65 -15.70
N VAL C 99 10.58 15.45 -16.26
CA VAL C 99 10.49 15.90 -17.64
C VAL C 99 10.43 14.73 -18.65
N LEU C 100 11.34 13.77 -18.49
CA LEU C 100 11.47 12.67 -19.42
C LEU C 100 10.20 11.85 -19.42
N SER C 101 9.57 11.72 -18.26
CA SER C 101 8.31 10.97 -18.20
C SER C 101 7.21 11.70 -18.94
N LEU C 102 7.14 13.02 -18.76
CA LEU C 102 6.22 13.82 -19.54
C LEU C 102 6.46 13.66 -21.05
N LEU C 103 7.72 13.75 -21.49
CA LEU C 103 8.03 13.60 -22.92
C LEU C 103 7.65 12.22 -23.47
N ASP C 104 7.99 11.16 -22.73
CA ASP C 104 7.80 9.81 -23.25
C ASP C 104 6.34 9.38 -23.17
N ASN C 105 5.65 9.75 -22.10
CA ASN C 105 4.31 9.24 -21.92
C ASN C 105 3.18 10.18 -22.37
N TYR C 106 3.52 11.42 -22.73
CA TYR C 106 2.52 12.40 -23.16
C TYR C 106 2.87 13.10 -24.48
N LEU C 107 3.99 13.80 -24.47
CA LEU C 107 4.33 14.74 -25.51
C LEU C 107 4.77 14.12 -26.83
N ILE C 108 5.76 13.23 -26.77
CA ILE C 108 6.24 12.56 -27.98
C ILE C 108 5.19 11.59 -28.44
N LYS C 109 4.58 10.90 -27.48
CA LYS C 109 3.55 9.89 -27.78
C LYS C 109 2.41 10.48 -28.61
N ASN C 110 2.02 11.71 -28.35
CA ASN C 110 0.83 12.32 -28.97
C ASN C 110 1.09 13.08 -30.26
N CYS C 111 2.35 13.17 -30.68
CA CYS C 111 2.70 13.78 -31.97
C CYS C 111 2.27 12.90 -33.14
N SER C 112 1.46 13.43 -34.04
CA SER C 112 1.11 12.69 -35.26
C SER C 112 2.25 12.79 -36.25
N GLU C 113 2.17 11.98 -37.30
CA GLU C 113 3.27 11.88 -38.26
C GLU C 113 3.63 13.21 -38.89
N THR C 114 2.65 14.12 -39.04
CA THR C 114 2.91 15.39 -39.73
C THR C 114 3.26 16.55 -38.80
N GLN C 115 3.29 16.30 -37.50
CA GLN C 115 3.71 17.32 -36.54
C GLN C 115 5.25 17.29 -36.34
N TYR C 116 5.99 17.45 -37.43
CA TYR C 116 7.46 17.47 -37.42
C TYR C 116 8.04 18.41 -36.36
N GLU C 117 7.54 19.65 -36.33
CA GLU C 117 8.11 20.69 -35.47
C GLU C 117 8.13 20.21 -34.02
N SER C 118 6.98 19.69 -33.62
CA SER C 118 6.75 19.19 -32.27
C SER C 118 7.62 17.98 -31.94
N LYS C 119 7.66 17.01 -32.86
CA LYS C 119 8.51 15.83 -32.71
C LYS C 119 9.99 16.26 -32.48
N VAL C 120 10.52 17.12 -33.35
CA VAL C 120 11.90 17.57 -33.20
C VAL C 120 12.08 18.35 -31.86
N PHE C 121 11.14 19.23 -31.55
CA PHE C 121 11.21 20.03 -30.34
C PHE C 121 11.34 19.11 -29.12
N TYR C 122 10.38 18.18 -29.00
CA TYR C 122 10.39 17.20 -27.92
C TYR C 122 11.58 16.24 -27.89
N LEU C 123 12.02 15.75 -29.04
CA LEU C 123 13.15 14.82 -29.08
C LEU C 123 14.44 15.53 -28.71
N LYS C 124 14.51 16.83 -29.04
CA LYS C 124 15.62 17.66 -28.62
C LYS C 124 15.57 17.82 -27.10
N MET C 125 14.40 18.08 -26.53
CA MET C 125 14.28 18.17 -25.07
C MET C 125 14.78 16.87 -24.43
N LYS C 126 14.39 15.76 -25.03
CA LYS C 126 14.73 14.48 -24.47
C LYS C 126 16.24 14.31 -24.51
N GLY C 127 16.87 14.76 -25.59
CA GLY C 127 18.31 14.74 -25.66
C GLY C 127 18.92 15.65 -24.62
N ASP C 128 18.35 16.85 -24.48
CA ASP C 128 18.85 17.82 -23.52
C ASP C 128 18.87 17.22 -22.10
N TYR C 129 17.76 16.60 -21.70
CA TYR C 129 17.61 16.15 -20.32
C TYR C 129 18.45 14.91 -19.98
N TYR C 130 18.66 14.05 -20.96
CA TYR C 130 19.62 12.96 -20.80
C TYR C 130 21.06 13.50 -20.74
N ARG C 131 21.33 14.60 -21.46
CA ARG C 131 22.65 15.22 -21.42
C ARG C 131 22.85 15.86 -20.02
N TYR C 132 21.78 16.41 -19.44
CA TYR C 132 21.89 16.97 -18.09
C TYR C 132 22.18 15.85 -17.06
N LEU C 133 21.51 14.71 -17.23
CA LEU C 133 21.85 13.53 -16.46
C LEU C 133 23.31 13.14 -16.72
N ALA C 134 23.74 13.22 -17.97
CA ALA C 134 25.09 12.78 -18.33
C ALA C 134 26.18 13.66 -17.67
N GLU C 135 25.89 14.95 -17.51
CA GLU C 135 26.81 15.88 -16.88
C GLU C 135 27.25 15.45 -15.47
N VAL C 136 26.37 14.75 -14.74
CA VAL C 136 26.62 14.44 -13.33
C VAL C 136 26.81 12.93 -13.07
N ALA C 137 26.52 12.12 -14.08
CA ALA C 137 26.65 10.67 -13.95
C ALA C 137 28.08 10.22 -14.18
N THR C 138 28.41 9.07 -13.59
CA THR C 138 29.71 8.47 -13.70
C THR C 138 29.50 6.99 -14.05
N GLY C 139 30.58 6.26 -14.40
CA GLY C 139 30.51 4.82 -14.65
C GLY C 139 29.48 4.36 -15.67
N GLU C 140 28.87 3.21 -15.40
CA GLU C 140 27.87 2.60 -16.28
C GLU C 140 26.62 3.44 -16.43
N LYS C 141 26.21 4.08 -15.33
CA LYS C 141 25.08 4.98 -15.35
C LYS C 141 25.31 6.10 -16.37
N ARG C 142 26.55 6.59 -16.46
CA ARG C 142 26.92 7.62 -17.44
C ARG C 142 26.72 7.09 -18.87
N ALA C 143 27.23 5.89 -19.13
CA ALA C 143 27.16 5.31 -20.47
C ALA C 143 25.72 5.15 -20.94
N THR C 144 24.84 4.73 -20.02
CA THR C 144 23.43 4.53 -20.37
C THR C 144 22.77 5.83 -20.78
N VAL C 145 22.91 6.86 -19.95
CA VAL C 145 22.25 8.13 -20.26
C VAL C 145 22.89 8.84 -21.46
N VAL C 146 24.17 8.59 -21.72
CA VAL C 146 24.83 9.15 -22.91
C VAL C 146 24.21 8.55 -24.17
N GLU C 147 24.01 7.23 -24.12
CA GLU C 147 23.42 6.48 -25.20
C GLU C 147 22.02 7.01 -25.48
N SER C 148 21.24 7.21 -24.42
CA SER C 148 19.88 7.72 -24.58
C SER C 148 19.84 9.12 -25.15
N SER C 149 20.75 10.00 -24.71
CA SER C 149 20.81 11.35 -25.23
C SER C 149 21.14 11.33 -26.73
N GLU C 150 22.14 10.54 -27.09
CA GLU C 150 22.55 10.39 -28.49
C GLU C 150 21.40 9.90 -29.38
N LYS C 151 20.63 8.93 -28.86
CA LYS C 151 19.51 8.35 -29.59
C LYS C 151 18.40 9.39 -29.83
N ALA C 152 18.13 10.23 -28.83
CA ALA C 152 17.12 11.26 -28.98
C ALA C 152 17.55 12.34 -29.98
N TYR C 153 18.76 12.87 -29.82
CA TYR C 153 19.29 13.91 -30.73
C TYR C 153 19.34 13.38 -32.15
N SER C 154 19.90 12.19 -32.29
CA SER C 154 20.03 11.52 -33.57
C SER C 154 18.70 11.44 -34.34
N GLU C 155 17.66 11.00 -33.65
CA GLU C 155 16.35 10.91 -34.29
C GLU C 155 15.81 12.29 -34.69
N ALA C 156 15.88 13.25 -33.76
CA ALA C 156 15.53 14.64 -34.02
C ALA C 156 16.25 15.22 -35.22
N HIS C 157 17.53 14.88 -35.38
CA HIS C 157 18.30 15.40 -36.48
C HIS C 157 17.81 14.85 -37.83
N GLU C 158 17.53 13.54 -37.89
CA GLU C 158 16.95 12.91 -39.09
C GLU C 158 15.70 13.66 -39.51
N ILE C 159 14.78 13.85 -38.56
CA ILE C 159 13.48 14.44 -38.88
C ILE C 159 13.66 15.89 -39.34
N SER C 160 14.52 16.62 -38.66
CA SER C 160 14.72 18.01 -39.03
C SER C 160 15.43 18.17 -40.38
N LYS C 161 16.38 17.28 -40.70
CA LYS C 161 17.06 17.29 -42.02
C LYS C 161 16.05 17.09 -43.14
N GLU C 162 15.14 16.13 -42.91
CA GLU C 162 14.16 15.70 -43.90
C GLU C 162 13.05 16.74 -44.08
N HIS C 163 12.67 17.43 -43.01
CA HIS C 163 11.40 18.21 -43.01
C HIS C 163 11.50 19.70 -42.70
N MET C 164 12.66 20.16 -42.29
CA MET C 164 12.78 21.55 -41.89
C MET C 164 13.82 22.29 -42.72
N GLN C 165 13.57 23.57 -43.00
CA GLN C 165 14.54 24.32 -43.76
C GLN C 165 15.77 24.67 -42.89
N PRO C 166 16.96 24.73 -43.50
CA PRO C 166 18.22 24.99 -42.78
C PRO C 166 18.18 26.17 -41.82
N THR C 167 17.38 27.21 -42.12
CA THR C 167 17.30 28.37 -41.24
C THR C 167 16.21 28.29 -40.15
N HIS C 168 15.54 27.14 -40.03
CA HIS C 168 14.48 27.00 -39.05
C HIS C 168 15.08 27.03 -37.64
N PRO C 169 14.61 27.94 -36.77
CA PRO C 169 15.13 28.04 -35.40
C PRO C 169 15.20 26.74 -34.61
N ILE C 170 14.16 25.91 -34.66
CA ILE C 170 14.22 24.63 -33.97
C ILE C 170 15.35 23.75 -34.55
N ARG C 171 15.49 23.74 -35.87
CA ARG C 171 16.54 22.96 -36.50
C ARG C 171 17.94 23.47 -36.11
N LEU C 172 18.13 24.78 -36.17
CA LEU C 172 19.37 25.41 -35.71
C LEU C 172 19.65 25.13 -34.21
N GLY C 173 18.64 25.23 -33.34
CA GLY C 173 18.85 25.05 -31.91
C GLY C 173 19.26 23.61 -31.61
N LEU C 174 18.71 22.68 -32.38
CA LEU C 174 19.05 21.28 -32.27
C LEU C 174 20.52 21.07 -32.67
N ALA C 175 20.91 21.64 -33.81
CA ALA C 175 22.31 21.57 -34.19
C ALA C 175 23.20 22.13 -33.08
N LEU C 176 22.77 23.23 -32.47
CA LEU C 176 23.57 23.87 -31.44
C LEU C 176 23.74 22.93 -30.27
N ASN C 177 22.64 22.42 -29.72
CA ASN C 177 22.75 21.56 -28.56
C ASN C 177 23.40 20.21 -28.84
N TYR C 178 23.08 19.64 -30.00
CA TYR C 178 23.67 18.39 -30.45
C TYR C 178 25.20 18.53 -30.59
N SER C 179 25.66 19.66 -31.10
CA SER C 179 27.10 19.85 -31.24
C SER C 179 27.77 19.98 -29.86
N VAL C 180 27.11 20.69 -28.94
CA VAL C 180 27.59 20.81 -27.56
C VAL C 180 27.70 19.41 -26.96
N PHE C 181 26.68 18.60 -27.19
CA PHE C 181 26.70 17.22 -26.74
C PHE C 181 27.95 16.47 -27.25
N TYR C 182 28.21 16.55 -28.56
CA TYR C 182 29.42 15.95 -29.11
C TYR C 182 30.70 16.46 -28.44
N TYR C 183 30.80 17.77 -28.21
CA TYR C 183 32.02 18.33 -27.64
C TYR C 183 32.22 18.00 -26.17
N GLU C 184 31.24 18.35 -25.34
CA GLU C 184 31.36 18.24 -23.88
C GLU C 184 31.11 16.83 -23.34
N ILE C 185 30.25 16.07 -24.00
CA ILE C 185 29.83 14.78 -23.45
C ILE C 185 30.59 13.61 -24.09
N GLN C 186 30.60 13.58 -25.42
CA GLN C 186 31.28 12.50 -26.14
C GLN C 186 32.78 12.78 -26.31
N ASN C 187 33.20 13.99 -26.00
CA ASN C 187 34.59 14.41 -26.21
C ASN C 187 34.99 14.11 -27.64
N ALA C 188 34.13 14.52 -28.57
CA ALA C 188 34.36 14.34 -30.00
C ALA C 188 34.37 15.71 -30.70
N PRO C 189 35.49 16.46 -30.57
CA PRO C 189 35.59 17.84 -31.08
C PRO C 189 35.40 17.95 -32.59
N GLU C 190 35.93 16.98 -33.34
CA GLU C 190 35.81 16.98 -34.78
C GLU C 190 34.34 16.86 -35.19
N GLN C 191 33.65 15.85 -34.63
CA GLN C 191 32.23 15.68 -34.87
C GLN C 191 31.41 16.92 -34.52
N ALA C 192 31.76 17.57 -33.41
CA ALA C 192 31.04 18.75 -32.93
C ALA C 192 31.23 19.92 -33.89
N CYS C 193 32.47 20.15 -34.30
CA CYS C 193 32.79 21.22 -35.24
C CYS C 193 32.12 21.02 -36.58
N HIS C 194 32.09 19.77 -37.04
CA HIS C 194 31.49 19.47 -38.32
C HIS C 194 30.00 19.78 -38.31
N LEU C 195 29.35 19.41 -37.23
CA LEU C 195 27.94 19.62 -37.11
C LEU C 195 27.61 21.12 -37.07
N ALA C 196 28.31 21.86 -36.23
CA ALA C 196 28.03 23.28 -36.08
C ALA C 196 28.36 24.05 -37.37
N LYS C 197 29.46 23.69 -38.01
CA LYS C 197 29.86 24.33 -39.25
C LYS C 197 28.89 24.06 -40.38
N THR C 198 28.45 22.82 -40.52
CA THR C 198 27.53 22.45 -41.57
C THR C 198 26.18 23.19 -41.39
N ALA C 199 25.64 23.13 -40.17
CA ALA C 199 24.39 23.81 -39.83
C ALA C 199 24.47 25.29 -40.15
N PHE C 200 25.56 25.93 -39.73
CA PHE C 200 25.81 27.37 -39.96
C PHE C 200 25.88 27.71 -41.45
N ASP C 201 26.69 26.93 -42.17
CA ASP C 201 26.89 27.11 -43.60
C ASP C 201 25.57 26.89 -44.34
N ASP C 202 24.83 25.85 -43.97
CA ASP C 202 23.61 25.51 -44.69
C ASP C 202 22.55 26.60 -44.52
N ALA C 203 22.46 27.13 -43.29
CA ALA C 203 21.60 28.28 -42.98
C ALA C 203 21.96 29.53 -43.80
N ILE C 204 23.26 29.78 -43.97
CA ILE C 204 23.68 30.92 -44.78
C ILE C 204 23.42 30.79 -46.29
N ALA C 205 23.66 29.62 -46.87
CA ALA C 205 23.31 29.39 -48.27
C ALA C 205 21.81 29.63 -48.55
N GLU C 206 20.94 29.28 -47.60
CA GLU C 206 19.50 29.49 -47.80
C GLU C 206 18.96 30.63 -46.94
N LEU C 207 19.75 31.67 -46.76
CA LEU C 207 19.37 32.76 -45.87
C LEU C 207 18.15 33.56 -46.31
N ASP C 208 17.83 33.54 -47.62
CA ASP C 208 16.64 34.23 -48.14
C ASP C 208 15.32 33.58 -47.69
N THR C 209 15.42 32.39 -47.10
CA THR C 209 14.28 31.66 -46.59
C THR C 209 13.85 32.18 -45.20
N LEU C 210 14.24 33.43 -44.87
CA LEU C 210 13.98 34.07 -43.55
C LEU C 210 13.09 35.33 -43.61
N ASN C 211 12.43 35.59 -42.47
CA ASN C 211 11.27 36.49 -42.36
C ASN C 211 11.43 37.50 -41.23
N GLU C 212 10.78 38.65 -41.38
CA GLU C 212 10.55 39.55 -40.24
C GLU C 212 10.30 38.82 -38.89
N ASP C 213 9.58 37.70 -38.92
CA ASP C 213 9.19 37.01 -37.68
C ASP C 213 10.24 36.05 -37.12
N SER C 214 11.20 35.65 -37.94
CA SER C 214 12.12 34.57 -37.59
C SER C 214 13.57 35.03 -37.53
N TYR C 215 13.84 36.19 -38.13
CA TYR C 215 15.20 36.68 -38.35
C TYR C 215 16.03 36.78 -37.07
N LYS C 216 15.46 37.43 -36.04
CA LYS C 216 16.16 37.61 -34.77
C LYS C 216 16.51 36.27 -34.11
N ASP C 217 15.55 35.36 -34.04
CA ASP C 217 15.74 34.06 -33.35
C ASP C 217 16.72 33.14 -34.06
N SER C 218 16.64 33.07 -35.39
CA SER C 218 17.57 32.26 -36.15
C SER C 218 19.01 32.82 -36.14
N THR C 219 19.19 34.10 -36.49
CA THR C 219 20.55 34.66 -36.50
C THR C 219 21.18 34.70 -35.10
N LEU C 220 20.35 34.72 -34.06
CA LEU C 220 20.89 34.67 -32.72
C LEU C 220 21.50 33.29 -32.55
N ILE C 221 20.75 32.25 -32.94
CA ILE C 221 21.27 30.88 -32.79
C ILE C 221 22.48 30.70 -33.70
N MET C 222 22.43 31.36 -34.86
CA MET C 222 23.52 31.27 -35.80
C MET C 222 24.77 31.90 -35.21
N GLN C 223 24.61 32.98 -34.46
CA GLN C 223 25.76 33.59 -33.81
C GLN C 223 26.30 32.64 -32.77
N LEU C 224 25.41 31.94 -32.06
CA LEU C 224 25.89 31.03 -31.03
C LEU C 224 26.67 29.87 -31.64
N LEU C 225 26.22 29.39 -32.81
CA LEU C 225 26.96 28.34 -33.52
C LEU C 225 28.36 28.83 -33.83
N ARG C 226 28.46 30.04 -34.37
CA ARG C 226 29.74 30.63 -34.73
C ARG C 226 30.61 30.86 -33.49
N ASP C 227 29.98 31.31 -32.40
CA ASP C 227 30.70 31.55 -31.15
C ASP C 227 31.34 30.28 -30.62
N ASN C 228 30.55 29.21 -30.50
CA ASN C 228 31.08 27.91 -30.14
C ASN C 228 32.17 27.45 -31.12
N LEU C 229 31.99 27.66 -32.42
CA LEU C 229 33.02 27.29 -33.38
C LEU C 229 34.34 28.02 -33.21
N THR C 230 34.25 29.30 -32.90
CA THR C 230 35.47 30.09 -32.71
C THR C 230 36.17 29.58 -31.46
N LEU C 231 35.42 29.34 -30.40
CA LEU C 231 35.99 28.80 -29.17
C LEU C 231 36.63 27.43 -29.40
N TRP C 232 35.94 26.54 -30.12
CA TRP C 232 36.44 25.17 -30.33
C TRP C 232 37.63 25.08 -31.27
N THR C 233 37.91 26.18 -31.98
CA THR C 233 39.09 26.24 -32.83
C THR C 233 39.88 27.51 -32.54
N ARG D 1 31.39 25.76 -20.93
CA ARG D 1 32.21 26.70 -21.71
C ARG D 1 31.49 27.06 -23.03
N ALA D 2 31.24 26.04 -23.85
CA ALA D 2 30.35 26.17 -25.00
C ALA D 2 29.00 26.57 -24.46
N ILE D 3 28.26 27.33 -25.26
CA ILE D 3 26.95 27.80 -24.89
C ILE D 3 25.90 26.93 -25.60
N SEP D 4 24.91 26.44 -24.85
CA SEP D 4 23.77 25.74 -25.43
CB SEP D 4 23.30 24.58 -24.54
OG SEP D 4 22.84 25.09 -23.30
C SEP D 4 22.63 26.73 -25.64
O SEP D 4 22.76 27.88 -25.25
P SEP D 4 22.39 24.01 -22.21
O1P SEP D 4 23.64 23.16 -21.67
O2P SEP D 4 21.27 23.01 -22.77
O3P SEP D 4 21.78 24.88 -21.00
N LEU D 5 21.54 26.30 -26.26
CA LEU D 5 20.41 27.17 -26.53
C LEU D 5 19.90 27.81 -25.22
N PRO D 6 19.79 29.15 -25.20
CA PRO D 6 19.26 29.86 -24.04
C PRO D 6 17.79 29.46 -23.84
N VAL E 1 25.37 17.77 13.55
CA VAL E 1 26.53 18.43 12.89
C VAL E 1 27.03 19.62 13.72
N ASP E 2 28.35 19.85 13.72
CA ASP E 2 28.96 20.92 14.52
C ASP E 2 28.58 22.31 14.01
N ARG E 3 28.74 23.31 14.87
CA ARG E 3 28.50 24.68 14.52
C ARG E 3 29.35 25.16 13.32
N GLU E 4 30.62 24.73 13.26
CA GLU E 4 31.51 25.12 12.15
C GLU E 4 31.00 24.60 10.82
N GLN E 5 30.48 23.38 10.84
CA GLN E 5 29.97 22.78 9.61
C GLN E 5 28.73 23.51 9.10
N LEU E 6 27.84 23.91 10.01
CA LEU E 6 26.66 24.70 9.66
C LEU E 6 27.03 26.04 9.03
N VAL E 7 28.04 26.72 9.59
CA VAL E 7 28.50 27.98 9.05
C VAL E 7 29.12 27.76 7.66
N GLN E 8 29.92 26.69 7.53
CA GLN E 8 30.49 26.28 6.24
C GLN E 8 29.39 25.97 5.19
N LYS E 9 28.34 25.30 5.64
CA LYS E 9 27.19 25.05 4.81
C LYS E 9 26.58 26.38 4.31
N ALA E 10 26.36 27.30 5.24
CA ALA E 10 25.89 28.62 4.90
C ALA E 10 26.73 29.27 3.79
N ARG E 11 28.06 29.25 3.95
CA ARG E 11 28.98 29.84 2.98
C ARG E 11 28.90 29.14 1.62
N LEU E 12 28.66 27.83 1.64
CA LEU E 12 28.59 27.06 0.42
C LEU E 12 27.28 27.34 -0.31
N ALA E 13 26.20 27.34 0.45
CA ALA E 13 24.88 27.67 -0.05
C ALA E 13 24.83 29.05 -0.69
N GLU E 14 25.52 30.01 -0.08
CA GLU E 14 25.57 31.37 -0.61
C GLU E 14 26.20 31.38 -2.00
N GLN E 15 27.35 30.73 -2.10
CA GLN E 15 28.05 30.61 -3.35
C GLN E 15 27.24 29.90 -4.44
N ALA E 16 26.38 28.97 -4.05
CA ALA E 16 25.54 28.23 -4.99
C ALA E 16 24.18 28.91 -5.21
N GLU E 17 23.99 30.07 -4.57
CA GLU E 17 22.77 30.86 -4.67
C GLU E 17 21.56 30.03 -4.23
N ARG E 18 21.75 29.31 -3.12
CA ARG E 18 20.69 28.50 -2.53
C ARG E 18 20.30 29.05 -1.20
N TYR E 19 19.48 30.10 -1.26
CA TYR E 19 19.25 30.94 -0.12
C TYR E 19 18.38 30.32 0.94
N ASP E 20 17.45 29.45 0.56
CA ASP E 20 16.70 28.68 1.59
C ASP E 20 17.65 27.81 2.40
N ASP E 21 18.57 27.10 1.74
CA ASP E 21 19.55 26.28 2.43
C ASP E 21 20.43 27.14 3.36
N MET E 22 20.84 28.30 2.85
CA MET E 22 21.62 29.26 3.63
C MET E 22 20.85 29.72 4.85
N ALA E 23 19.57 30.06 4.69
CA ALA E 23 18.77 30.50 5.83
C ALA E 23 18.56 29.37 6.84
N ALA E 24 18.33 28.16 6.35
CA ALA E 24 18.12 27.03 7.25
C ALA E 24 19.42 26.77 8.07
N ALA E 25 20.57 26.81 7.43
CA ALA E 25 21.84 26.62 8.14
C ALA E 25 22.03 27.70 9.23
N MET E 26 21.83 28.97 8.87
CA MET E 26 22.02 30.07 9.79
C MET E 26 20.96 30.09 10.91
N LYS E 27 19.75 29.65 10.60
CA LYS E 27 18.73 29.49 11.63
C LYS E 27 19.16 28.47 12.68
N ASN E 28 19.62 27.32 12.21
CA ASN E 28 20.23 26.31 13.03
C ASN E 28 21.35 26.84 13.93
N VAL E 29 22.25 27.66 13.36
CA VAL E 29 23.33 28.24 14.14
C VAL E 29 22.79 29.13 15.27
N THR E 30 21.86 30.02 14.92
CA THR E 30 21.17 30.88 15.87
C THR E 30 20.52 30.06 17.01
N GLU E 31 19.87 28.97 16.65
CA GLU E 31 19.21 28.18 17.67
C GLU E 31 20.17 27.45 18.62
N LEU E 32 21.48 27.55 18.38
CA LEU E 32 22.47 27.03 19.38
C LEU E 32 22.57 27.96 20.58
N ASN E 33 21.93 29.12 20.48
CA ASN E 33 21.73 30.04 21.60
C ASN E 33 23.07 30.64 22.04
N GLU E 34 23.99 30.77 21.09
CA GLU E 34 25.27 31.39 21.31
C GLU E 34 25.30 32.60 20.38
N PRO E 35 25.96 33.69 20.82
CA PRO E 35 25.99 34.91 19.98
C PRO E 35 26.57 34.63 18.60
N LEU E 36 26.34 35.54 17.67
CA LEU E 36 26.83 35.41 16.32
C LEU E 36 28.02 36.33 16.14
N SER E 37 29.04 35.83 15.45
CA SER E 37 30.15 36.68 15.04
C SER E 37 29.63 37.66 14.01
N ASN E 38 30.47 38.62 13.62
CA ASN E 38 30.09 39.58 12.60
C ASN E 38 29.84 38.93 11.25
N GLU E 39 30.70 37.97 10.88
CA GLU E 39 30.51 37.20 9.66
C GLU E 39 29.16 36.46 9.69
N GLU E 40 28.85 35.85 10.84
CA GLU E 40 27.66 35.03 10.97
C GLU E 40 26.39 35.85 10.92
N ARG E 41 26.44 37.04 11.51
CA ARG E 41 25.38 38.02 11.43
C ARG E 41 25.02 38.30 9.97
N ASN E 42 26.05 38.65 9.21
CA ASN E 42 25.88 38.94 7.80
C ASN E 42 25.33 37.76 7.03
N LEU E 43 25.83 36.56 7.32
CA LEU E 43 25.35 35.38 6.62
C LEU E 43 23.85 35.19 6.88
N LEU E 44 23.43 35.39 8.13
CA LEU E 44 22.03 35.30 8.50
C LEU E 44 21.22 36.36 7.75
N SER E 45 21.69 37.60 7.77
CA SER E 45 21.00 38.71 7.14
C SER E 45 20.89 38.54 5.63
N VAL E 46 22.00 38.21 4.97
CA VAL E 46 22.05 38.00 3.51
C VAL E 46 21.11 36.86 3.12
N ALA E 47 21.11 35.79 3.90
CA ALA E 47 20.26 34.66 3.57
C ALA E 47 18.78 35.03 3.56
N TYR E 48 18.29 35.57 4.66
CA TYR E 48 16.89 35.88 4.74
C TYR E 48 16.50 37.07 3.84
N LYS E 49 17.45 37.95 3.57
CA LYS E 49 17.19 39.11 2.74
C LYS E 49 16.86 38.60 1.34
N ASN E 50 17.58 37.57 0.91
CA ASN E 50 17.34 36.97 -0.39
C ASN E 50 16.06 36.14 -0.45
N VAL E 51 15.79 35.36 0.60
CA VAL E 51 14.55 34.59 0.65
C VAL E 51 13.31 35.49 0.67
N VAL E 52 13.27 36.49 1.54
CA VAL E 52 12.15 37.44 1.54
C VAL E 52 12.19 38.31 0.26
N GLY E 53 13.38 38.69 -0.16
CA GLY E 53 13.56 39.51 -1.38
C GLY E 53 12.89 38.94 -2.62
N ALA E 54 13.05 37.63 -2.86
CA ALA E 54 12.39 37.01 -4.02
C ALA E 54 10.87 37.11 -3.93
N ARG E 55 10.31 36.96 -2.73
CA ARG E 55 8.88 37.07 -2.57
C ARG E 55 8.38 38.51 -2.74
N ARG E 56 9.14 39.47 -2.20
CA ARG E 56 8.82 40.89 -2.35
C ARG E 56 8.78 41.24 -3.82
N SER E 57 9.78 40.77 -4.54
CA SER E 57 9.88 41.08 -5.96
C SER E 57 8.70 40.47 -6.70
N SER E 58 8.40 39.20 -6.44
CA SER E 58 7.27 38.53 -7.10
C SER E 58 5.92 39.20 -6.79
N TRP E 59 5.70 39.54 -5.50
CA TRP E 59 4.52 40.28 -5.05
C TRP E 59 4.34 41.60 -5.86
N ARG E 60 5.41 42.34 -6.07
CA ARG E 60 5.31 43.61 -6.80
C ARG E 60 4.87 43.36 -8.23
N VAL E 61 5.45 42.35 -8.86
CA VAL E 61 5.11 42.02 -10.23
C VAL E 61 3.65 41.59 -10.33
N ILE E 62 3.24 40.68 -9.45
CA ILE E 62 1.86 40.20 -9.44
C ILE E 62 0.88 41.33 -9.11
N SER E 63 1.20 42.16 -8.11
CA SER E 63 0.33 43.30 -7.75
C SER E 63 0.17 44.23 -8.93
N SER E 64 1.28 44.51 -9.58
CA SER E 64 1.26 45.42 -10.71
C SER E 64 0.36 44.88 -11.82
N ILE E 65 0.41 43.57 -12.08
CA ILE E 65 -0.45 42.92 -13.09
C ILE E 65 -1.91 42.89 -12.65
N GLU E 66 -2.13 42.66 -11.36
CA GLU E 66 -3.46 42.68 -10.79
C GLU E 66 -4.12 44.03 -11.05
N GLN E 67 -3.37 45.11 -10.89
CA GLN E 67 -3.91 46.45 -11.13
C GLN E 67 -4.40 46.54 -12.56
N LYS E 68 -3.54 46.17 -13.51
CA LYS E 68 -3.84 46.32 -14.93
C LYS E 68 -5.01 45.44 -15.35
N THR E 69 -5.02 44.19 -14.94
CA THR E 69 -6.11 43.31 -15.34
C THR E 69 -7.41 43.56 -14.56
N SER E 70 -7.28 44.09 -13.35
CA SER E 70 -8.45 44.50 -12.55
C SER E 70 -9.20 45.60 -13.28
N ALA E 71 -8.43 46.53 -13.84
CA ALA E 71 -8.98 47.58 -14.69
C ALA E 71 -9.66 47.03 -15.96
N ASP E 72 -9.17 45.88 -16.46
CA ASP E 72 -9.67 45.28 -17.70
C ASP E 72 -11.07 44.65 -17.55
N GLY E 73 -11.40 44.17 -16.35
CA GLY E 73 -12.74 43.67 -16.06
C GLY E 73 -13.07 42.26 -16.53
N ASN E 74 -12.19 41.30 -16.22
CA ASN E 74 -12.45 39.88 -16.48
C ASN E 74 -12.28 39.05 -15.20
N GLU E 75 -13.38 38.62 -14.62
CA GLU E 75 -13.47 38.10 -13.26
C GLU E 75 -12.63 36.85 -13.08
N LYS E 76 -12.78 35.88 -13.94
CA LYS E 76 -12.03 34.62 -13.84
C LYS E 76 -10.53 34.90 -13.74
N LYS E 77 -10.01 35.71 -14.65
CA LYS E 77 -8.59 36.09 -14.63
C LYS E 77 -8.24 36.85 -13.34
N ILE E 78 -9.08 37.81 -12.95
CA ILE E 78 -8.88 38.59 -11.71
C ILE E 78 -8.74 37.70 -10.45
N GLU E 79 -9.67 36.77 -10.29
CA GLU E 79 -9.69 35.92 -9.11
C GLU E 79 -8.39 35.11 -9.00
N MET E 80 -7.88 34.59 -10.12
CA MET E 80 -6.70 33.78 -9.99
C MET E 80 -5.41 34.59 -9.83
N VAL E 81 -5.36 35.79 -10.38
CA VAL E 81 -4.25 36.69 -10.12
C VAL E 81 -4.24 37.05 -8.64
N ARG E 82 -5.43 37.36 -8.12
CA ARG E 82 -5.64 37.67 -6.69
C ARG E 82 -5.23 36.50 -5.79
N ALA E 83 -5.68 35.30 -6.10
CA ALA E 83 -5.27 34.15 -5.31
C ALA E 83 -3.76 33.93 -5.37
N TYR E 84 -3.16 34.11 -6.53
CA TYR E 84 -1.70 33.95 -6.61
C TYR E 84 -0.96 35.01 -5.80
N ARG E 85 -1.46 36.25 -5.81
CA ARG E 85 -0.88 37.27 -4.94
C ARG E 85 -0.99 36.83 -3.47
N GLU E 86 -2.12 36.26 -3.08
CA GLU E 86 -2.28 35.83 -1.70
C GLU E 86 -1.35 34.67 -1.32
N LYS E 87 -1.14 33.76 -2.25
CA LYS E 87 -0.23 32.65 -2.01
C LYS E 87 1.17 33.18 -1.72
N ILE E 88 1.59 34.19 -2.48
CA ILE E 88 2.89 34.75 -2.28
C ILE E 88 2.96 35.54 -0.96
N GLU E 89 1.91 36.29 -0.66
CA GLU E 89 1.86 37.01 0.63
C GLU E 89 2.04 36.06 1.81
N LYS E 90 1.31 34.97 1.77
CA LYS E 90 1.41 33.95 2.80
C LYS E 90 2.87 33.50 2.97
N GLU E 91 3.59 33.25 1.86
CA GLU E 91 4.96 32.75 1.96
C GLU E 91 5.86 33.83 2.58
N LEU E 92 5.68 35.06 2.11
CA LEU E 92 6.45 36.20 2.56
C LEU E 92 6.25 36.43 4.05
N GLU E 93 5.00 36.31 4.49
CA GLU E 93 4.70 36.56 5.89
C GLU E 93 5.32 35.48 6.75
N ALA E 94 5.35 34.25 6.26
CA ALA E 94 5.92 33.17 7.08
C ALA E 94 7.44 33.36 7.20
N VAL E 95 8.09 33.82 6.13
CA VAL E 95 9.51 34.14 6.23
C VAL E 95 9.77 35.27 7.25
N CYS E 96 9.01 36.34 7.18
CA CYS E 96 9.11 37.44 8.16
C CYS E 96 8.91 36.96 9.60
N GLN E 97 7.89 36.14 9.81
CA GLN E 97 7.57 35.62 11.15
C GLN E 97 8.74 34.81 11.68
N ASP E 98 9.36 34.07 10.77
CA ASP E 98 10.45 33.20 11.10
C ASP E 98 11.68 34.00 11.62
N VAL E 99 12.08 35.00 10.86
CA VAL E 99 13.18 35.89 11.21
C VAL E 99 12.89 36.66 12.50
N LEU E 100 11.70 37.24 12.60
CA LEU E 100 11.30 37.96 13.81
C LEU E 100 11.40 37.10 15.06
N SER E 101 11.02 35.84 14.91
CA SER E 101 11.03 34.89 15.99
C SER E 101 12.48 34.66 16.44
N LEU E 102 13.38 34.52 15.46
CA LEU E 102 14.82 34.37 15.74
C LEU E 102 15.34 35.59 16.44
N LEU E 103 14.95 36.78 15.99
CA LEU E 103 15.41 38.02 16.59
C LEU E 103 14.90 38.20 18.03
N ASP E 104 13.63 37.89 18.30
CA ASP E 104 13.10 38.15 19.63
C ASP E 104 13.49 37.08 20.62
N ASN E 105 13.59 35.84 20.15
CA ASN E 105 13.80 34.70 21.04
C ASN E 105 15.25 34.33 21.29
N TYR E 106 16.14 34.77 20.40
CA TYR E 106 17.54 34.40 20.48
C TYR E 106 18.50 35.60 20.39
N LEU E 107 18.42 36.33 19.28
CA LEU E 107 19.46 37.29 18.93
C LEU E 107 19.45 38.61 19.74
N ILE E 108 18.33 39.33 19.75
CA ILE E 108 18.17 40.48 20.64
C ILE E 108 18.24 40.04 22.11
N LYS E 109 17.58 38.93 22.45
CA LYS E 109 17.57 38.44 23.82
C LYS E 109 18.97 38.26 24.40
N ASN E 110 19.92 37.78 23.59
CA ASN E 110 21.25 37.39 24.07
C ASN E 110 22.30 38.48 23.99
N CYS E 111 21.91 39.65 23.51
CA CYS E 111 22.80 40.80 23.50
C CYS E 111 23.00 41.32 24.91
N SER E 112 24.27 41.46 25.30
CA SER E 112 24.63 42.10 26.56
C SER E 112 24.47 43.61 26.40
N GLU E 113 24.52 44.31 27.54
CA GLU E 113 24.42 45.76 27.58
C GLU E 113 25.43 46.44 26.66
N THR E 114 26.62 45.86 26.56
CA THR E 114 27.73 46.53 25.87
C THR E 114 27.85 46.15 24.39
N GLN E 115 27.02 45.22 23.95
CA GLN E 115 27.04 44.80 22.56
C GLN E 115 26.12 45.70 21.75
N TYR E 116 26.43 47.00 21.76
CA TYR E 116 25.64 48.02 21.08
C TYR E 116 25.46 47.75 19.59
N GLU E 117 26.56 47.38 18.92
CA GLU E 117 26.58 47.14 17.48
C GLU E 117 25.55 46.07 17.10
N SER E 118 25.58 44.97 17.85
CA SER E 118 24.67 43.88 17.61
C SER E 118 23.23 44.30 17.87
N LYS E 119 23.00 45.01 18.98
CA LYS E 119 21.65 45.44 19.33
C LYS E 119 21.06 46.27 18.19
N VAL E 120 21.81 47.26 17.71
CA VAL E 120 21.35 48.11 16.60
C VAL E 120 21.12 47.30 15.34
N PHE E 121 22.08 46.44 15.01
CA PHE E 121 21.96 45.59 13.83
C PHE E 121 20.67 44.78 13.88
N TYR E 122 20.41 44.12 15.01
CA TYR E 122 19.26 43.25 15.15
C TYR E 122 17.95 44.02 15.20
N LEU E 123 17.93 45.16 15.91
CA LEU E 123 16.71 45.98 16.00
C LEU E 123 16.38 46.58 14.65
N LYS E 124 17.42 46.89 13.88
CA LYS E 124 17.24 47.30 12.52
C LYS E 124 16.60 46.18 11.69
N MET E 125 17.09 44.95 11.83
CA MET E 125 16.46 43.85 11.08
C MET E 125 14.99 43.76 11.48
N LYS E 126 14.73 43.90 12.78
CA LYS E 126 13.39 43.80 13.30
C LYS E 126 12.51 44.87 12.64
N GLY E 127 13.02 46.09 12.53
CA GLY E 127 12.31 47.12 11.82
C GLY E 127 12.10 46.77 10.34
N ASP E 128 13.13 46.23 9.71
CA ASP E 128 13.08 45.86 8.30
C ASP E 128 11.97 44.86 8.04
N TYR E 129 11.95 43.78 8.81
CA TYR E 129 11.02 42.71 8.55
C TYR E 129 9.57 43.09 8.87
N TYR E 130 9.35 43.93 9.89
CA TYR E 130 8.02 44.50 10.11
C TYR E 130 7.61 45.42 8.96
N ARG E 131 8.59 46.13 8.40
CA ARG E 131 8.37 46.98 7.23
C ARG E 131 7.94 46.13 6.05
N TYR E 132 8.57 44.95 5.89
CA TYR E 132 8.20 44.08 4.77
C TYR E 132 6.78 43.52 4.95
N LEU E 133 6.41 43.22 6.21
CA LEU E 133 5.03 42.92 6.48
C LEU E 133 4.14 44.12 6.14
N ALA E 134 4.60 45.33 6.44
CA ALA E 134 3.79 46.54 6.25
C ALA E 134 3.47 46.74 4.79
N GLU E 135 4.44 46.42 3.93
CA GLU E 135 4.30 46.57 2.48
C GLU E 135 3.11 45.85 1.91
N VAL E 136 2.73 44.74 2.51
CA VAL E 136 1.65 43.91 1.97
C VAL E 136 0.37 43.92 2.82
N ALA E 137 0.42 44.51 4.00
CA ALA E 137 -0.73 44.48 4.88
C ALA E 137 -1.70 45.65 4.61
N THR E 138 -2.98 45.47 4.94
CA THR E 138 -3.91 46.58 4.93
C THR E 138 -4.67 46.66 6.27
N GLY E 139 -5.54 47.66 6.41
CA GLY E 139 -6.39 47.79 7.59
C GLY E 139 -5.66 47.77 8.92
N GLU E 140 -6.31 47.24 9.96
CA GLU E 140 -5.70 47.20 11.29
C GLU E 140 -4.41 46.37 11.34
N LYS E 141 -4.34 45.32 10.53
CA LYS E 141 -3.12 44.52 10.44
C LYS E 141 -1.92 45.37 10.00
N ARG E 142 -2.13 46.24 9.01
CA ARG E 142 -1.07 47.19 8.64
C ARG E 142 -0.72 48.15 9.79
N ALA E 143 -1.71 48.67 10.51
CA ALA E 143 -1.39 49.61 11.59
C ALA E 143 -0.51 48.93 12.64
N THR E 144 -0.79 47.65 12.90
CA THR E 144 -0.13 46.90 13.97
C THR E 144 1.34 46.75 13.65
N VAL E 145 1.59 46.28 12.47
CA VAL E 145 2.92 45.97 11.99
C VAL E 145 3.75 47.24 11.73
N VAL E 146 3.08 48.34 11.37
CA VAL E 146 3.72 49.63 11.20
C VAL E 146 4.21 50.17 12.54
N GLU E 147 3.36 50.06 13.56
CA GLU E 147 3.74 50.45 14.92
C GLU E 147 4.94 49.62 15.39
N SER E 148 4.94 48.33 15.12
CA SER E 148 6.07 47.46 15.50
C SER E 148 7.36 47.88 14.82
N SER E 149 7.27 48.21 13.54
CA SER E 149 8.46 48.59 12.79
C SER E 149 9.04 49.88 13.34
N GLU E 150 8.16 50.87 13.55
CA GLU E 150 8.56 52.13 14.15
C GLU E 150 9.24 51.92 15.50
N LYS E 151 8.68 51.04 16.34
CA LYS E 151 9.22 50.81 17.68
C LYS E 151 10.64 50.24 17.60
N ALA E 152 10.87 49.31 16.69
CA ALA E 152 12.18 48.70 16.54
C ALA E 152 13.22 49.69 15.98
N TYR E 153 12.86 50.40 14.92
CA TYR E 153 13.74 51.41 14.35
C TYR E 153 14.07 52.52 15.34
N SER E 154 13.04 53.02 16.01
CA SER E 154 13.16 54.05 17.04
C SER E 154 14.18 53.65 18.11
N GLU E 155 14.05 52.45 18.69
CA GLU E 155 15.00 52.02 19.72
C GLU E 155 16.42 51.95 19.17
N ALA E 156 16.56 51.38 17.96
CA ALA E 156 17.85 51.22 17.28
C ALA E 156 18.50 52.56 17.04
N HIS E 157 17.69 53.55 16.73
CA HIS E 157 18.21 54.89 16.50
C HIS E 157 18.75 55.51 17.79
N GLU E 158 17.99 55.38 18.89
CA GLU E 158 18.44 55.86 20.20
C GLU E 158 19.80 55.27 20.57
N ILE E 159 19.93 53.94 20.41
CA ILE E 159 21.18 53.26 20.76
C ILE E 159 22.34 53.70 19.88
N SER E 160 22.10 53.81 18.58
CA SER E 160 23.15 54.23 17.66
C SER E 160 23.59 55.68 17.88
N LYS E 161 22.63 56.57 18.15
CA LYS E 161 22.95 57.98 18.45
C LYS E 161 23.88 58.06 19.63
N GLU E 162 23.58 57.30 20.68
CA GLU E 162 24.31 57.43 21.93
C GLU E 162 25.65 56.68 21.91
N HIS E 163 25.76 55.63 21.10
CA HIS E 163 26.91 54.73 21.22
C HIS E 163 27.75 54.47 19.97
N MET E 164 27.33 54.98 18.82
CA MET E 164 28.06 54.73 17.58
C MET E 164 28.44 56.04 16.92
N GLN E 165 29.59 56.05 16.25
CA GLN E 165 30.03 57.24 15.52
C GLN E 165 29.15 57.46 14.27
N PRO E 166 28.85 58.74 13.95
CA PRO E 166 28.01 59.08 12.79
C PRO E 166 28.38 58.38 11.47
N THR E 167 29.66 58.01 11.34
CA THR E 167 30.20 57.40 10.13
C THR E 167 30.13 55.89 10.18
N HIS E 168 29.66 55.32 11.27
CA HIS E 168 29.64 53.87 11.36
C HIS E 168 28.57 53.27 10.43
N PRO E 169 28.98 52.34 9.54
CA PRO E 169 28.11 51.69 8.56
C PRO E 169 26.75 51.24 9.07
N ILE E 170 26.72 50.58 10.22
CA ILE E 170 25.45 50.10 10.75
C ILE E 170 24.55 51.26 11.14
N ARG E 171 25.12 52.33 11.69
CA ARG E 171 24.36 53.53 12.02
C ARG E 171 23.83 54.21 10.75
N LEU E 172 24.67 54.28 9.72
CA LEU E 172 24.27 54.86 8.44
C LEU E 172 23.19 54.00 7.75
N GLY E 173 23.38 52.69 7.74
CA GLY E 173 22.40 51.76 7.15
C GLY E 173 21.04 51.84 7.82
N LEU E 174 21.05 52.06 9.14
CA LEU E 174 19.82 52.24 9.89
C LEU E 174 19.11 53.50 9.45
N ALA E 175 19.86 54.61 9.38
CA ALA E 175 19.30 55.88 8.99
C ALA E 175 18.71 55.76 7.58
N LEU E 176 19.41 55.04 6.70
CA LEU E 176 18.89 54.78 5.35
C LEU E 176 17.52 54.09 5.42
N ASN E 177 17.48 52.93 6.07
CA ASN E 177 16.26 52.12 6.08
C ASN E 177 15.12 52.80 6.84
N TYR E 178 15.45 53.46 7.94
CA TYR E 178 14.48 54.17 8.75
C TYR E 178 13.86 55.32 7.96
N SER E 179 14.67 56.04 7.21
CA SER E 179 14.14 57.15 6.41
C SER E 179 13.23 56.63 5.29
N VAL E 180 13.61 55.50 4.66
CA VAL E 180 12.73 54.88 3.67
C VAL E 180 11.41 54.50 4.34
N PHE E 181 11.49 53.99 5.56
CA PHE E 181 10.28 53.67 6.31
C PHE E 181 9.38 54.90 6.45
N TYR E 182 9.98 56.02 6.82
CA TYR E 182 9.23 57.26 6.95
C TYR E 182 8.58 57.69 5.63
N TYR E 183 9.31 57.60 4.52
CA TYR E 183 8.78 58.03 3.23
C TYR E 183 7.72 57.09 2.66
N GLU E 184 8.05 55.79 2.59
CA GLU E 184 7.21 54.84 1.88
C GLU E 184 6.06 54.29 2.72
N ILE E 185 6.29 54.13 4.02
CA ILE E 185 5.32 53.45 4.87
C ILE E 185 4.43 54.43 5.63
N GLN E 186 5.05 55.44 6.23
CA GLN E 186 4.35 56.42 7.05
C GLN E 186 3.84 57.59 6.22
N ASN E 187 4.30 57.64 4.97
CA ASN E 187 4.03 58.76 4.08
C ASN E 187 4.33 60.10 4.76
N ALA E 188 5.51 60.16 5.36
CA ALA E 188 5.99 61.37 6.02
C ALA E 188 7.30 61.86 5.37
N PRO E 189 7.20 62.52 4.21
CA PRO E 189 8.38 62.91 3.43
C PRO E 189 9.30 63.88 4.18
N GLU E 190 8.72 64.79 4.96
CA GLU E 190 9.51 65.74 5.72
C GLU E 190 10.40 65.01 6.72
N GLN E 191 9.78 64.17 7.56
CA GLN E 191 10.54 63.40 8.53
C GLN E 191 11.59 62.47 7.85
N ALA E 192 11.25 61.89 6.71
CA ALA E 192 12.20 61.09 5.92
C ALA E 192 13.42 61.90 5.52
N CYS E 193 13.19 63.06 4.89
CA CYS E 193 14.26 63.92 4.43
C CYS E 193 15.14 64.43 5.55
N HIS E 194 14.50 64.82 6.65
CA HIS E 194 15.19 65.29 7.85
C HIS E 194 16.19 64.25 8.34
N LEU E 195 15.73 63.01 8.43
CA LEU E 195 16.55 61.90 8.93
C LEU E 195 17.73 61.57 8.02
N ALA E 196 17.49 61.44 6.72
CA ALA E 196 18.55 61.18 5.75
C ALA E 196 19.56 62.34 5.65
N LYS E 197 19.05 63.57 5.66
CA LYS E 197 19.89 64.77 5.63
C LYS E 197 20.81 64.83 6.87
N THR E 198 20.21 64.68 8.05
CA THR E 198 20.95 64.78 9.32
C THR E 198 22.06 63.71 9.39
N ALA E 199 21.70 62.47 9.09
CA ALA E 199 22.67 61.38 9.09
C ALA E 199 23.82 61.61 8.11
N PHE E 200 23.49 62.09 6.91
CA PHE E 200 24.50 62.40 5.89
C PHE E 200 25.41 63.52 6.37
N ASP E 201 24.80 64.62 6.83
CA ASP E 201 25.48 65.80 7.38
C ASP E 201 26.46 65.41 8.48
N ASP E 202 25.94 64.64 9.44
CA ASP E 202 26.71 64.22 10.61
C ASP E 202 27.90 63.36 10.26
N ALA E 203 27.72 62.45 9.32
CA ALA E 203 28.84 61.66 8.83
C ALA E 203 29.91 62.52 8.12
N ILE E 204 29.48 63.54 7.39
CA ILE E 204 30.37 64.45 6.68
C ILE E 204 31.23 65.22 7.66
N ALA E 205 30.58 65.76 8.69
CA ALA E 205 31.23 66.55 9.73
C ALA E 205 32.37 65.77 10.39
N GLU E 206 32.16 64.47 10.60
CA GLU E 206 33.14 63.64 11.27
C GLU E 206 33.80 62.66 10.31
N LEU E 207 34.02 63.10 9.09
CA LEU E 207 34.49 62.24 8.01
C LEU E 207 35.87 61.63 8.30
N ASP E 208 36.65 62.34 9.11
CA ASP E 208 38.00 61.92 9.52
C ASP E 208 38.01 60.67 10.41
N THR E 209 36.84 60.36 10.98
CA THR E 209 36.67 59.17 11.82
C THR E 209 36.37 57.93 10.95
N LEU E 210 36.52 58.12 9.63
CA LEU E 210 36.45 57.04 8.66
C LEU E 210 37.71 56.17 8.78
N ASN E 211 37.47 54.87 8.99
CA ASN E 211 38.53 53.88 9.13
C ASN E 211 38.65 53.05 7.86
N GLU E 212 39.88 52.83 7.42
CA GLU E 212 40.17 52.04 6.21
C GLU E 212 39.29 50.77 6.07
N ASP E 213 38.86 50.23 7.20
CA ASP E 213 38.04 49.00 7.26
C ASP E 213 36.56 49.24 6.94
N SER E 214 36.16 50.51 6.87
CA SER E 214 34.74 50.85 6.69
C SER E 214 34.52 52.12 5.89
N TYR E 215 35.61 52.75 5.44
CA TYR E 215 35.48 54.01 4.72
C TYR E 215 34.66 53.86 3.43
N LYS E 216 35.06 52.95 2.56
CA LYS E 216 34.25 52.59 1.38
C LYS E 216 32.80 52.24 1.76
N ASP E 217 32.62 51.41 2.79
CA ASP E 217 31.27 51.00 3.24
C ASP E 217 30.40 52.19 3.62
N SER E 218 30.99 53.12 4.37
CA SER E 218 30.32 54.30 4.89
C SER E 218 29.96 55.31 3.81
N THR E 219 30.87 55.51 2.86
CA THR E 219 30.62 56.43 1.75
C THR E 219 29.58 55.85 0.80
N LEU E 220 29.68 54.55 0.54
CA LEU E 220 28.67 53.84 -0.23
C LEU E 220 27.25 54.17 0.30
N ILE E 221 26.98 53.83 1.57
CA ILE E 221 25.68 54.10 2.20
C ILE E 221 25.38 55.59 2.13
N MET E 222 26.42 56.41 2.30
CA MET E 222 26.26 57.86 2.19
C MET E 222 25.77 58.26 0.80
N GLN E 223 26.23 57.56 -0.24
CA GLN E 223 25.76 57.88 -1.56
C GLN E 223 24.27 57.51 -1.71
N LEU E 224 23.88 56.39 -1.10
CA LEU E 224 22.50 55.98 -1.14
C LEU E 224 21.63 57.02 -0.46
N LEU E 225 22.12 57.54 0.68
CA LEU E 225 21.38 58.55 1.43
C LEU E 225 21.13 59.76 0.55
N ARG E 226 22.17 60.25 -0.11
CA ARG E 226 21.98 61.38 -1.00
C ARG E 226 21.16 61.05 -2.26
N ASP E 227 21.30 59.84 -2.79
CA ASP E 227 20.49 59.44 -3.94
C ASP E 227 19.00 59.51 -3.58
N ASN E 228 18.63 58.91 -2.44
CA ASN E 228 17.27 59.02 -1.90
C ASN E 228 16.82 60.46 -1.69
N LEU E 229 17.70 61.27 -1.10
CA LEU E 229 17.44 62.69 -0.89
C LEU E 229 17.20 63.48 -2.17
N THR E 230 17.99 63.20 -3.20
CA THR E 230 17.80 63.81 -4.51
C THR E 230 16.44 63.41 -5.08
N LEU E 231 16.12 62.11 -5.03
CA LEU E 231 14.81 61.62 -5.48
C LEU E 231 13.66 62.31 -4.73
N TRP E 232 13.76 62.40 -3.41
CA TRP E 232 12.65 62.91 -2.61
C TRP E 232 12.42 64.39 -2.73
N THR E 233 13.41 65.10 -3.28
CA THR E 233 13.25 66.51 -3.59
C THR E 233 13.54 66.75 -5.06
N ARG F 1 10.64 53.07 -5.12
CA ARG F 1 11.44 54.06 -5.87
C ARG F 1 12.71 54.49 -5.10
N ALA F 2 12.59 54.68 -3.78
CA ALA F 2 13.76 54.87 -2.92
C ALA F 2 14.43 53.52 -2.68
N ILE F 3 15.73 53.57 -2.42
CA ILE F 3 16.55 52.38 -2.26
C ILE F 3 16.90 52.15 -0.78
N SEP F 4 16.66 50.93 -0.29
CA SEP F 4 17.03 50.54 1.06
CB SEP F 4 16.03 49.55 1.63
OG SEP F 4 16.20 48.31 1.03
C SEP F 4 18.41 49.92 1.02
O SEP F 4 18.98 49.77 -0.06
P SEP F 4 15.02 47.30 1.35
O1P SEP F 4 13.60 47.87 0.87
O2P SEP F 4 15.02 46.98 2.92
O3P SEP F 4 15.26 45.93 0.52
N LEU F 5 18.95 49.57 2.19
CA LEU F 5 20.30 48.98 2.26
C LEU F 5 20.33 47.69 1.45
N PRO F 6 21.33 47.53 0.59
CA PRO F 6 21.49 46.28 -0.14
C PRO F 6 21.92 45.09 0.67
N VAL G 1 17.10 8.29 -8.42
CA VAL G 1 15.63 8.08 -8.38
C VAL G 1 15.33 6.61 -8.12
N ASP G 2 14.88 6.34 -6.90
CA ASP G 2 14.86 5.01 -6.35
C ASP G 2 13.42 4.65 -6.11
N ARG G 3 12.93 3.72 -6.91
CA ARG G 3 11.57 3.26 -6.82
C ARG G 3 11.24 2.69 -5.42
N GLU G 4 12.19 1.97 -4.82
CA GLU G 4 11.95 1.34 -3.51
C GLU G 4 11.80 2.39 -2.40
N GLN G 5 12.56 3.47 -2.49
CA GLN G 5 12.41 4.57 -1.52
C GLN G 5 11.05 5.23 -1.61
N LEU G 6 10.58 5.46 -2.83
CA LEU G 6 9.25 6.06 -3.04
C LEU G 6 8.15 5.20 -2.46
N VAL G 7 8.28 3.88 -2.62
CA VAL G 7 7.31 2.94 -2.04
C VAL G 7 7.37 2.99 -0.51
N GLN G 8 8.59 3.07 0.02
CA GLN G 8 8.80 3.14 1.46
C GLN G 8 8.24 4.41 2.03
N LYS G 9 8.42 5.50 1.28
CA LYS G 9 7.82 6.78 1.57
C LYS G 9 6.31 6.61 1.70
N ALA G 10 5.70 6.00 0.70
CA ALA G 10 4.28 5.78 0.70
C ALA G 10 3.83 5.00 1.94
N ARG G 11 4.59 3.97 2.33
CA ARG G 11 4.26 3.17 3.50
C ARG G 11 4.34 3.99 4.81
N LEU G 12 5.34 4.87 4.87
CA LEU G 12 5.54 5.78 5.99
C LEU G 12 4.41 6.80 6.08
N ALA G 13 4.14 7.46 4.96
CA ALA G 13 3.06 8.42 4.88
C ALA G 13 1.71 7.83 5.28
N GLU G 14 1.44 6.59 4.85
CA GLU G 14 0.21 5.92 5.26
C GLU G 14 0.13 5.76 6.79
N GLN G 15 1.23 5.32 7.41
CA GLN G 15 1.27 5.18 8.87
C GLN G 15 1.10 6.49 9.63
N ALA G 16 1.58 7.58 9.05
CA ALA G 16 1.50 8.90 9.66
C ALA G 16 0.21 9.64 9.26
N GLU G 17 -0.64 8.96 8.49
CA GLU G 17 -1.93 9.48 8.02
C GLU G 17 -1.75 10.77 7.25
N ARG G 18 -0.81 10.74 6.33
CA ARG G 18 -0.50 11.87 5.49
C ARG G 18 -0.74 11.47 4.05
N TYR G 19 -1.99 11.55 3.66
CA TYR G 19 -2.42 10.94 2.43
C TYR G 19 -2.00 11.69 1.18
N ASP G 20 -1.87 13.02 1.27
CA ASP G 20 -1.28 13.77 0.15
C ASP G 20 0.15 13.30 -0.16
N ASP G 21 0.98 13.13 0.88
CA ASP G 21 2.34 12.61 0.70
C ASP G 21 2.31 11.18 0.12
N MET G 22 1.35 10.40 0.59
CA MET G 22 1.25 9.04 0.12
C MET G 22 0.86 9.04 -1.38
N ALA G 23 -0.10 9.89 -1.75
CA ALA G 23 -0.54 10.00 -3.14
C ALA G 23 0.61 10.46 -4.00
N ALA G 24 1.37 11.43 -3.52
CA ALA G 24 2.47 11.98 -4.32
C ALA G 24 3.53 10.93 -4.56
N ALA G 25 3.89 10.18 -3.52
CA ALA G 25 4.88 9.11 -3.69
C ALA G 25 4.39 8.07 -4.72
N MET G 26 3.14 7.63 -4.59
CA MET G 26 2.64 6.57 -5.45
C MET G 26 2.40 7.09 -6.88
N LYS G 27 2.00 8.36 -7.03
CA LYS G 27 1.96 8.98 -8.35
C LYS G 27 3.32 8.90 -9.00
N ASN G 28 4.37 9.24 -8.24
CA ASN G 28 5.75 9.26 -8.75
C ASN G 28 6.18 7.87 -9.16
N VAL G 29 5.76 6.85 -8.38
CA VAL G 29 6.03 5.46 -8.73
C VAL G 29 5.38 5.09 -10.07
N THR G 30 4.08 5.36 -10.19
CA THR G 30 3.35 5.17 -11.44
C THR G 30 4.05 5.84 -12.64
N GLU G 31 4.54 7.06 -12.42
CA GLU G 31 5.17 7.78 -13.53
C GLU G 31 6.46 7.14 -14.04
N LEU G 32 6.93 6.10 -13.34
CA LEU G 32 8.14 5.42 -13.82
C LEU G 32 7.78 4.44 -14.90
N ASN G 33 6.48 4.35 -15.19
CA ASN G 33 5.99 3.65 -16.39
C ASN G 33 6.23 2.14 -16.35
N GLU G 34 6.41 1.63 -15.14
CA GLU G 34 6.53 0.20 -14.93
C GLU G 34 5.31 -0.28 -14.14
N PRO G 35 4.86 -1.53 -14.38
CA PRO G 35 3.64 -2.08 -13.72
C PRO G 35 3.71 -1.97 -12.22
N LEU G 36 2.56 -1.93 -11.57
CA LEU G 36 2.52 -1.90 -10.11
C LEU G 36 2.30 -3.31 -9.59
N SER G 37 3.01 -3.66 -8.52
CA SER G 37 2.76 -4.90 -7.80
C SER G 37 1.38 -4.80 -7.12
N ASN G 38 0.92 -5.90 -6.52
CA ASN G 38 -0.36 -5.86 -5.82
C ASN G 38 -0.34 -4.86 -4.65
N GLU G 39 0.76 -4.86 -3.90
CA GLU G 39 0.88 -3.98 -2.76
C GLU G 39 0.89 -2.53 -3.24
N GLU G 40 1.59 -2.28 -4.35
CA GLU G 40 1.70 -0.94 -4.90
C GLU G 40 0.36 -0.40 -5.40
N ARG G 41 -0.42 -1.27 -6.06
CA ARG G 41 -1.78 -0.95 -6.48
C ARG G 41 -2.62 -0.48 -5.31
N ASN G 42 -2.60 -1.27 -4.23
CA ASN G 42 -3.38 -0.91 -3.06
C ASN G 42 -2.88 0.38 -2.41
N LEU G 43 -1.57 0.59 -2.40
CA LEU G 43 -1.03 1.81 -1.83
C LEU G 43 -1.53 3.02 -2.62
N LEU G 44 -1.57 2.89 -3.95
CA LEU G 44 -2.08 3.97 -4.77
C LEU G 44 -3.57 4.21 -4.50
N SER G 45 -4.33 3.13 -4.45
CA SER G 45 -5.76 3.21 -4.24
C SER G 45 -6.10 3.80 -2.86
N VAL G 46 -5.47 3.30 -1.80
CA VAL G 46 -5.74 3.79 -0.46
C VAL G 46 -5.43 5.29 -0.37
N ALA G 47 -4.31 5.69 -0.97
CA ALA G 47 -3.86 7.07 -0.92
C ALA G 47 -4.90 8.01 -1.53
N TYR G 48 -5.25 7.80 -2.80
CA TYR G 48 -6.23 8.65 -3.47
C TYR G 48 -7.64 8.50 -2.91
N LYS G 49 -7.98 7.31 -2.42
CA LYS G 49 -9.26 7.09 -1.77
C LYS G 49 -9.41 8.03 -0.57
N ASN G 50 -8.35 8.21 0.20
CA ASN G 50 -8.40 9.11 1.36
C ASN G 50 -8.38 10.58 0.96
N VAL G 51 -7.56 10.93 -0.02
CA VAL G 51 -7.45 12.29 -0.48
C VAL G 51 -8.82 12.76 -1.04
N VAL G 52 -9.38 12.01 -1.98
CA VAL G 52 -10.72 12.33 -2.47
C VAL G 52 -11.78 12.15 -1.38
N GLY G 53 -11.62 11.14 -0.52
CA GLY G 53 -12.59 10.82 0.54
C GLY G 53 -12.86 11.97 1.50
N ALA G 54 -11.81 12.70 1.88
CA ALA G 54 -11.97 13.81 2.81
C ALA G 54 -12.76 14.93 2.16
N ARG G 55 -12.57 15.14 0.84
CA ARG G 55 -13.35 16.17 0.12
C ARG G 55 -14.81 15.77 -0.06
N ARG G 56 -15.05 14.50 -0.35
CA ARG G 56 -16.41 13.98 -0.49
C ARG G 56 -17.16 14.17 0.81
N SER G 57 -16.49 13.85 1.90
CA SER G 57 -17.11 13.94 3.21
C SER G 57 -17.38 15.42 3.54
N SER G 58 -16.43 16.31 3.25
CA SER G 58 -16.66 17.73 3.46
C SER G 58 -17.81 18.30 2.60
N TRP G 59 -17.84 17.91 1.33
CA TRP G 59 -18.87 18.36 0.42
C TRP G 59 -20.27 17.95 0.93
N ARG G 60 -20.38 16.74 1.47
CA ARG G 60 -21.69 16.29 1.98
C ARG G 60 -22.11 17.16 3.17
N VAL G 61 -21.20 17.38 4.11
CA VAL G 61 -21.48 18.24 5.24
C VAL G 61 -21.90 19.64 4.80
N ILE G 62 -21.12 20.23 3.88
CA ILE G 62 -21.41 21.57 3.38
C ILE G 62 -22.74 21.64 2.61
N SER G 63 -22.99 20.70 1.71
CA SER G 63 -24.23 20.66 0.92
C SER G 63 -25.42 20.57 1.86
N SER G 64 -25.24 19.76 2.89
CA SER G 64 -26.28 19.51 3.83
C SER G 64 -26.63 20.80 4.56
N ILE G 65 -25.62 21.58 4.95
CA ILE G 65 -25.86 22.86 5.60
C ILE G 65 -26.42 23.89 4.62
N GLU G 66 -25.94 23.85 3.37
CA GLU G 66 -26.41 24.75 2.32
C GLU G 66 -27.91 24.59 2.19
N GLN G 67 -28.39 23.36 2.22
CA GLN G 67 -29.81 23.06 2.12
C GLN G 67 -30.59 23.76 3.23
N LYS G 68 -30.17 23.55 4.48
CA LYS G 68 -30.85 24.14 5.64
C LYS G 68 -30.80 25.67 5.65
N THR G 69 -29.64 26.27 5.41
CA THR G 69 -29.57 27.73 5.42
C THR G 69 -30.23 28.37 4.19
N SER G 70 -30.23 27.63 3.07
CA SER G 70 -30.91 28.05 1.83
C SER G 70 -32.39 28.25 2.12
N ALA G 71 -32.95 27.29 2.87
CA ALA G 71 -34.36 27.36 3.29
C ALA G 71 -34.60 28.47 4.31
N ASP G 72 -33.61 28.74 5.14
CA ASP G 72 -33.67 29.77 6.18
C ASP G 72 -33.83 31.19 5.59
N GLY G 73 -33.29 31.40 4.38
CA GLY G 73 -33.48 32.65 3.63
C GLY G 73 -32.63 33.84 4.06
N ASN G 74 -31.31 33.64 4.09
CA ASN G 74 -30.34 34.69 4.41
C ASN G 74 -29.20 34.73 3.36
N GLU G 75 -29.24 35.69 2.46
CA GLU G 75 -28.37 35.62 1.31
C GLU G 75 -26.89 35.61 1.66
N LYS G 76 -26.43 36.66 2.33
CA LYS G 76 -25.01 36.82 2.63
C LYS G 76 -24.44 35.49 3.10
N LYS G 77 -25.13 34.83 4.03
CA LYS G 77 -24.71 33.52 4.53
C LYS G 77 -24.77 32.45 3.44
N ILE G 78 -25.85 32.43 2.66
CA ILE G 78 -25.99 31.47 1.56
C ILE G 78 -24.86 31.59 0.52
N GLU G 79 -24.53 32.82 0.11
CA GLU G 79 -23.45 33.04 -0.86
C GLU G 79 -22.16 32.40 -0.37
N MET G 80 -21.85 32.60 0.90
CA MET G 80 -20.58 32.14 1.43
C MET G 80 -20.56 30.62 1.58
N VAL G 81 -21.66 30.03 2.03
CA VAL G 81 -21.75 28.56 2.08
C VAL G 81 -21.61 27.95 0.69
N ARG G 82 -22.30 28.56 -0.29
CA ARG G 82 -22.21 28.12 -1.68
C ARG G 82 -20.80 28.28 -2.24
N ALA G 83 -20.14 29.41 -2.00
CA ALA G 83 -18.76 29.60 -2.47
C ALA G 83 -17.86 28.54 -1.85
N TYR G 84 -18.03 28.29 -0.55
CA TYR G 84 -17.23 27.28 0.09
C TYR G 84 -17.46 25.88 -0.52
N ARG G 85 -18.71 25.53 -0.77
CA ARG G 85 -19.01 24.28 -1.49
C ARG G 85 -18.26 24.21 -2.83
N GLU G 86 -18.27 25.30 -3.58
CA GLU G 86 -17.58 25.31 -4.87
C GLU G 86 -16.06 25.10 -4.71
N LYS G 87 -15.48 25.71 -3.68
CA LYS G 87 -14.05 25.60 -3.46
C LYS G 87 -13.70 24.14 -3.26
N ILE G 88 -14.51 23.44 -2.48
CA ILE G 88 -14.27 22.03 -2.21
C ILE G 88 -14.51 21.18 -3.44
N GLU G 89 -15.53 21.50 -4.22
CA GLU G 89 -15.79 20.81 -5.48
C GLU G 89 -14.56 20.89 -6.39
N LYS G 90 -14.01 22.10 -6.57
CA LYS G 90 -12.84 22.26 -7.44
C LYS G 90 -11.70 21.38 -6.94
N GLU G 91 -11.48 21.33 -5.62
CA GLU G 91 -10.43 20.44 -5.08
C GLU G 91 -10.69 18.98 -5.47
N LEU G 92 -11.90 18.51 -5.16
CA LEU G 92 -12.34 17.16 -5.46
C LEU G 92 -12.15 16.81 -6.94
N GLU G 93 -12.54 17.73 -7.82
CA GLU G 93 -12.49 17.44 -9.22
C GLU G 93 -11.03 17.35 -9.69
N ALA G 94 -10.18 18.20 -9.13
CA ALA G 94 -8.75 18.17 -9.44
C ALA G 94 -8.15 16.82 -9.03
N VAL G 95 -8.52 16.33 -7.86
CA VAL G 95 -7.99 15.02 -7.46
C VAL G 95 -8.46 13.91 -8.42
N CYS G 96 -9.76 13.88 -8.74
CA CYS G 96 -10.29 12.90 -9.68
C CYS G 96 -9.56 12.97 -11.04
N GLN G 97 -9.33 14.18 -11.56
CA GLN G 97 -8.69 14.31 -12.87
C GLN G 97 -7.26 13.78 -12.82
N ASP G 98 -6.59 14.05 -11.72
CA ASP G 98 -5.24 13.58 -11.46
C ASP G 98 -5.18 12.04 -11.52
N VAL G 99 -6.06 11.37 -10.77
CA VAL G 99 -6.15 9.89 -10.78
C VAL G 99 -6.47 9.37 -12.16
N LEU G 100 -7.50 9.92 -12.79
CA LEU G 100 -7.93 9.49 -14.11
C LEU G 100 -6.82 9.59 -15.13
N SER G 101 -6.02 10.65 -15.04
CA SER G 101 -4.89 10.81 -15.97
C SER G 101 -3.86 9.69 -15.76
N LEU G 102 -3.55 9.36 -14.51
CA LEU G 102 -2.69 8.22 -14.20
C LEU G 102 -3.27 6.91 -14.74
N LEU G 103 -4.55 6.67 -14.52
CA LEU G 103 -5.21 5.49 -15.01
C LEU G 103 -5.14 5.37 -16.55
N ASP G 104 -5.47 6.45 -17.25
CA ASP G 104 -5.60 6.39 -18.68
C ASP G 104 -4.25 6.38 -19.38
N ASN G 105 -3.28 7.12 -18.85
CA ASN G 105 -2.03 7.31 -19.58
C ASN G 105 -0.88 6.42 -19.11
N TYR G 106 -1.07 5.74 -17.98
CA TYR G 106 -0.04 4.88 -17.43
C TYR G 106 -0.53 3.46 -17.08
N LEU G 107 -1.53 3.39 -16.20
CA LEU G 107 -1.92 2.12 -15.55
C LEU G 107 -2.73 1.14 -16.42
N ILE G 108 -3.83 1.62 -17.00
CA ILE G 108 -4.61 0.83 -17.94
C ILE G 108 -3.80 0.62 -19.21
N LYS G 109 -3.14 1.68 -19.70
CA LYS G 109 -2.36 1.58 -20.94
C LYS G 109 -1.32 0.44 -20.88
N ASN G 110 -0.70 0.23 -19.73
CA ASN G 110 0.41 -0.70 -19.64
C ASN G 110 0.04 -2.12 -19.20
N CYS G 111 -1.24 -2.38 -19.03
CA CYS G 111 -1.73 -3.74 -18.78
C CYS G 111 -1.69 -4.59 -20.04
N SER G 112 -1.02 -5.73 -19.97
CA SER G 112 -1.04 -6.69 -21.09
C SER G 112 -2.38 -7.43 -21.11
N GLU G 113 -2.62 -8.16 -22.20
CA GLU G 113 -3.87 -8.90 -22.39
C GLU G 113 -4.15 -9.87 -21.24
N THR G 114 -3.08 -10.45 -20.68
CA THR G 114 -3.21 -11.48 -19.64
C THR G 114 -3.31 -10.95 -18.20
N GLN G 115 -3.11 -9.65 -18.02
CA GLN G 115 -3.15 -9.05 -16.69
C GLN G 115 -4.60 -8.65 -16.33
N TYR G 116 -5.50 -9.63 -16.33
CA TYR G 116 -6.92 -9.41 -16.12
C TYR G 116 -7.22 -8.74 -14.77
N GLU G 117 -6.55 -9.18 -13.72
CA GLU G 117 -6.78 -8.67 -12.37
C GLU G 117 -6.58 -7.17 -12.37
N SER G 118 -5.45 -6.76 -12.96
CA SER G 118 -5.07 -5.37 -13.00
C SER G 118 -6.00 -4.55 -13.85
N LYS G 119 -6.36 -5.04 -15.03
CA LYS G 119 -7.33 -4.33 -15.87
C LYS G 119 -8.64 -4.05 -15.14
N VAL G 120 -9.21 -5.09 -14.54
CA VAL G 120 -10.44 -4.94 -13.74
C VAL G 120 -10.26 -3.95 -12.59
N PHE G 121 -9.19 -4.10 -11.83
CA PHE G 121 -8.90 -3.22 -10.69
C PHE G 121 -8.88 -1.76 -11.17
N TYR G 122 -8.11 -1.49 -12.22
CA TYR G 122 -7.95 -0.13 -12.73
C TYR G 122 -9.22 0.42 -13.38
N LEU G 123 -9.91 -0.41 -14.15
CA LEU G 123 -11.16 0.02 -14.78
C LEU G 123 -12.22 0.31 -13.73
N LYS G 124 -12.19 -0.46 -12.64
CA LYS G 124 -13.07 -0.20 -11.51
C LYS G 124 -12.70 1.18 -10.90
N MET G 125 -11.41 1.46 -10.73
CA MET G 125 -11.03 2.77 -10.18
C MET G 125 -11.57 3.86 -11.09
N LYS G 126 -11.42 3.65 -12.40
CA LYS G 126 -11.86 4.63 -13.39
C LYS G 126 -13.37 4.87 -13.24
N GLY G 127 -14.13 3.80 -13.06
CA GLY G 127 -15.56 3.94 -12.77
C GLY G 127 -15.84 4.71 -11.48
N ASP G 128 -15.07 4.39 -10.44
CA ASP G 128 -15.22 5.02 -9.13
C ASP G 128 -14.98 6.53 -9.19
N TYR G 129 -13.90 6.93 -9.83
CA TYR G 129 -13.56 8.34 -9.84
C TYR G 129 -14.44 9.20 -10.77
N TYR G 130 -14.93 8.63 -11.86
CA TYR G 130 -15.98 9.30 -12.63
C TYR G 130 -17.28 9.36 -11.83
N ARG G 131 -17.57 8.34 -11.00
CA ARG G 131 -18.75 8.33 -10.14
C ARG G 131 -18.64 9.45 -9.09
N TYR G 132 -17.43 9.67 -8.58
CA TYR G 132 -17.21 10.76 -7.62
C TYR G 132 -17.41 12.11 -8.29
N LEU G 133 -16.98 12.22 -9.55
CA LEU G 133 -17.28 13.41 -10.32
C LEU G 133 -18.79 13.54 -10.51
N ALA G 134 -19.48 12.42 -10.72
CA ALA G 134 -20.91 12.44 -10.95
C ALA G 134 -21.68 12.93 -9.74
N GLU G 135 -21.17 12.62 -8.54
CA GLU G 135 -21.80 12.97 -7.28
C GLU G 135 -22.00 14.47 -7.14
N VAL G 136 -21.14 15.26 -7.78
CA VAL G 136 -21.18 16.71 -7.57
C VAL G 136 -21.53 17.48 -8.84
N ALA G 137 -21.56 16.79 -9.97
CA ALA G 137 -21.88 17.41 -11.25
C ALA G 137 -23.38 17.58 -11.47
N THR G 138 -23.74 18.59 -12.27
CA THR G 138 -25.12 18.84 -12.65
C THR G 138 -25.17 19.02 -14.16
N GLY G 139 -26.38 19.10 -14.72
CA GLY G 139 -26.56 19.34 -16.15
C GLY G 139 -25.82 18.39 -17.08
N GLU G 140 -25.39 18.92 -18.23
CA GLU G 140 -24.68 18.15 -19.26
C GLU G 140 -23.36 17.58 -18.74
N LYS G 141 -22.68 18.31 -17.87
CA LYS G 141 -21.44 17.81 -17.34
C LYS G 141 -21.68 16.51 -16.55
N ARG G 142 -22.79 16.42 -15.80
CA ARG G 142 -23.15 15.20 -15.10
C ARG G 142 -23.35 14.06 -16.08
N ALA G 143 -24.10 14.32 -17.14
CA ALA G 143 -24.40 13.29 -18.13
C ALA G 143 -23.12 12.68 -18.71
N THR G 144 -22.15 13.54 -19.00
CA THR G 144 -20.91 13.07 -19.58
C THR G 144 -20.13 12.16 -18.62
N VAL G 145 -19.94 12.61 -17.39
CA VAL G 145 -19.18 11.82 -16.44
C VAL G 145 -19.92 10.53 -16.02
N VAL G 146 -21.25 10.55 -16.08
CA VAL G 146 -22.04 9.39 -15.78
C VAL G 146 -21.83 8.34 -16.86
N GLU G 147 -21.80 8.78 -18.12
CA GLU G 147 -21.57 7.88 -19.25
C GLU G 147 -20.18 7.26 -19.13
N SER G 148 -19.19 8.09 -18.80
CA SER G 148 -17.83 7.59 -18.63
C SER G 148 -17.71 6.58 -17.49
N SER G 149 -18.37 6.86 -16.37
CA SER G 149 -18.40 5.95 -15.27
C SER G 149 -18.98 4.59 -15.68
N GLU G 150 -20.14 4.63 -16.32
CA GLU G 150 -20.82 3.44 -16.83
C GLU G 150 -19.93 2.62 -17.77
N LYS G 151 -19.25 3.30 -18.70
CA LYS G 151 -18.40 2.60 -19.67
C LYS G 151 -17.21 1.91 -19.00
N ALA G 152 -16.63 2.54 -17.97
CA ALA G 152 -15.53 1.92 -17.23
C ALA G 152 -15.99 0.66 -16.44
N TYR G 153 -17.08 0.80 -15.68
CA TYR G 153 -17.62 -0.33 -14.91
C TYR G 153 -18.03 -1.46 -15.83
N SER G 154 -18.74 -1.11 -16.90
CA SER G 154 -19.24 -2.07 -17.88
C SER G 154 -18.12 -2.93 -18.44
N GLU G 155 -17.03 -2.31 -18.85
CA GLU G 155 -15.89 -3.03 -19.40
C GLU G 155 -15.26 -3.94 -18.35
N ALA G 156 -15.06 -3.40 -17.15
CA ALA G 156 -14.51 -4.13 -16.03
C ALA G 156 -15.36 -5.35 -15.70
N HIS G 157 -16.67 -5.22 -15.80
CA HIS G 157 -17.58 -6.32 -15.50
C HIS G 157 -17.47 -7.45 -16.54
N GLU G 158 -17.40 -7.09 -17.81
CA GLU G 158 -17.16 -8.06 -18.89
C GLU G 158 -15.91 -8.89 -18.61
N ILE G 159 -14.78 -8.21 -18.36
CA ILE G 159 -13.50 -8.88 -18.12
C ILE G 159 -13.56 -9.77 -16.90
N SER G 160 -14.19 -9.28 -15.83
CA SER G 160 -14.33 -10.01 -14.59
C SER G 160 -15.17 -11.28 -14.77
N LYS G 161 -16.31 -11.15 -15.46
CA LYS G 161 -17.21 -12.28 -15.74
C LYS G 161 -16.48 -13.39 -16.50
N GLU G 162 -15.69 -12.99 -17.51
CA GLU G 162 -15.02 -13.94 -18.38
C GLU G 162 -13.78 -14.57 -17.74
N HIS G 163 -13.08 -13.84 -16.87
CA HIS G 163 -11.75 -14.28 -16.47
C HIS G 163 -11.51 -14.47 -14.96
N MET G 164 -12.49 -14.11 -14.12
CA MET G 164 -12.32 -14.24 -12.67
C MET G 164 -13.39 -15.10 -12.04
N GLN G 165 -13.04 -15.81 -10.97
CA GLN G 165 -14.03 -16.64 -10.28
C GLN G 165 -14.98 -15.74 -9.47
N PRO G 166 -16.27 -16.14 -9.38
CA PRO G 166 -17.30 -15.36 -8.68
C PRO G 166 -16.93 -14.92 -7.27
N THR G 167 -16.05 -15.67 -6.61
CA THR G 167 -15.62 -15.34 -5.25
C THR G 167 -14.38 -14.46 -5.16
N HIS G 168 -13.86 -14.02 -6.31
CA HIS G 168 -12.64 -13.21 -6.31
C HIS G 168 -12.95 -11.81 -5.79
N PRO G 169 -12.19 -11.36 -4.76
CA PRO G 169 -12.42 -10.09 -4.09
C PRO G 169 -12.59 -8.91 -5.03
N ILE G 170 -11.72 -8.83 -6.04
CA ILE G 170 -11.78 -7.72 -6.99
C ILE G 170 -13.09 -7.78 -7.80
N ARG G 171 -13.51 -8.97 -8.20
CA ARG G 171 -14.78 -9.10 -8.90
C ARG G 171 -15.95 -8.71 -7.99
N LEU G 172 -15.91 -9.17 -6.75
CA LEU G 172 -16.94 -8.85 -5.77
C LEU G 172 -16.99 -7.33 -5.52
N GLY G 173 -15.82 -6.74 -5.30
CA GLY G 173 -15.73 -5.32 -5.03
C GLY G 173 -16.27 -4.46 -6.16
N LEU G 174 -16.07 -4.93 -7.39
CA LEU G 174 -16.60 -4.25 -8.55
C LEU G 174 -18.13 -4.34 -8.56
N ALA G 175 -18.66 -5.53 -8.29
CA ALA G 175 -20.12 -5.71 -8.22
C ALA G 175 -20.69 -4.78 -7.17
N LEU G 176 -20.03 -4.72 -6.01
CA LEU G 176 -20.44 -3.80 -4.98
C LEU G 176 -20.54 -2.36 -5.49
N ASN G 177 -19.44 -1.82 -6.01
CA ASN G 177 -19.43 -0.42 -6.43
C ASN G 177 -20.29 -0.13 -7.65
N TYR G 178 -20.32 -1.08 -8.57
CA TYR G 178 -21.11 -0.93 -9.78
C TYR G 178 -22.59 -0.88 -9.41
N SER G 179 -23.01 -1.70 -8.45
CA SER G 179 -24.40 -1.70 -8.01
C SER G 179 -24.73 -0.38 -7.31
N VAL G 180 -23.83 0.10 -6.47
CA VAL G 180 -24.01 1.42 -5.85
C VAL G 180 -24.18 2.50 -6.92
N PHE G 181 -23.36 2.43 -7.97
CA PHE G 181 -23.52 3.34 -9.10
C PHE G 181 -24.94 3.30 -9.67
N TYR G 182 -25.42 2.08 -9.93
CA TYR G 182 -26.77 1.90 -10.45
C TYR G 182 -27.81 2.55 -9.56
N TYR G 183 -27.70 2.36 -8.25
CA TYR G 183 -28.70 2.86 -7.31
C TYR G 183 -28.62 4.36 -7.12
N GLU G 184 -27.46 4.84 -6.70
CA GLU G 184 -27.31 6.25 -6.33
C GLU G 184 -27.17 7.20 -7.50
N ILE G 185 -26.54 6.76 -8.59
CA ILE G 185 -26.21 7.66 -9.70
C ILE G 185 -27.24 7.58 -10.83
N GLN G 186 -27.60 6.36 -11.22
CA GLN G 186 -28.51 6.15 -12.31
C GLN G 186 -29.96 6.09 -11.86
N ASN G 187 -30.15 6.10 -10.54
CA ASN G 187 -31.47 5.86 -9.93
C ASN G 187 -32.19 4.69 -10.61
N ALA G 188 -31.47 3.57 -10.73
CA ALA G 188 -32.01 2.33 -11.26
C ALA G 188 -31.93 1.24 -10.18
N PRO G 189 -32.86 1.27 -9.21
CA PRO G 189 -32.85 0.32 -8.08
C PRO G 189 -32.99 -1.15 -8.48
N GLU G 190 -33.78 -1.44 -9.52
CA GLU G 190 -33.95 -2.80 -9.99
C GLU G 190 -32.61 -3.32 -10.51
N GLN G 191 -31.99 -2.58 -11.41
CA GLN G 191 -30.69 -2.99 -11.95
C GLN G 191 -29.64 -3.17 -10.85
N ALA G 192 -29.68 -2.28 -9.85
CA ALA G 192 -28.74 -2.33 -8.74
C ALA G 192 -28.90 -3.59 -7.91
N CYS G 193 -30.15 -3.90 -7.56
CA CYS G 193 -30.47 -5.10 -6.80
C CYS G 193 -30.11 -6.37 -7.55
N HIS G 194 -30.39 -6.38 -8.85
CA HIS G 194 -30.14 -7.54 -9.69
C HIS G 194 -28.63 -7.85 -9.69
N LEU G 195 -27.82 -6.81 -9.83
CA LEU G 195 -26.37 -6.99 -9.86
C LEU G 195 -25.82 -7.50 -8.54
N ALA G 196 -26.24 -6.88 -7.45
CA ALA G 196 -25.77 -7.27 -6.12
C ALA G 196 -26.24 -8.69 -5.76
N LYS G 197 -27.49 -9.03 -6.09
CA LYS G 197 -28.01 -10.36 -5.76
C LYS G 197 -27.30 -11.44 -6.58
N THR G 198 -27.12 -11.19 -7.86
CA THR G 198 -26.45 -12.12 -8.77
C THR G 198 -25.02 -12.41 -8.29
N ALA G 199 -24.28 -11.34 -8.00
CA ALA G 199 -22.90 -11.43 -7.55
C ALA G 199 -22.80 -12.22 -6.25
N PHE G 200 -23.71 -11.92 -5.33
CA PHE G 200 -23.78 -12.58 -4.03
C PHE G 200 -24.10 -14.07 -4.22
N ASP G 201 -25.15 -14.36 -4.97
CA ASP G 201 -25.58 -15.72 -5.23
C ASP G 201 -24.49 -16.54 -5.92
N ASP G 202 -23.84 -15.94 -6.91
CA ASP G 202 -22.81 -16.62 -7.67
C ASP G 202 -21.59 -16.97 -6.82
N ALA G 203 -21.23 -16.06 -5.92
CA ALA G 203 -20.15 -16.31 -4.97
C ALA G 203 -20.49 -17.46 -4.01
N ILE G 204 -21.75 -17.52 -3.61
CA ILE G 204 -22.23 -18.54 -2.68
C ILE G 204 -22.23 -19.93 -3.31
N ALA G 205 -22.67 -20.00 -4.57
CA ALA G 205 -22.68 -21.24 -5.35
C ALA G 205 -21.29 -21.87 -5.46
N GLU G 206 -20.28 -21.02 -5.60
CA GLU G 206 -18.91 -21.47 -5.79
C GLU G 206 -18.06 -21.17 -4.56
N LEU G 207 -18.68 -21.30 -3.38
CA LEU G 207 -18.05 -20.93 -2.11
C LEU G 207 -16.80 -21.72 -1.78
N ASP G 208 -16.72 -22.95 -2.28
CA ASP G 208 -15.55 -23.81 -2.05
C ASP G 208 -14.29 -23.37 -2.83
N THR G 209 -14.46 -22.43 -3.76
CA THR G 209 -13.32 -21.86 -4.50
C THR G 209 -12.62 -20.77 -3.71
N LEU G 210 -12.84 -20.77 -2.39
CA LEU G 210 -12.12 -19.84 -1.55
C LEU G 210 -10.83 -20.46 -1.02
N ASN G 211 -9.74 -19.73 -1.25
CA ASN G 211 -8.45 -19.98 -0.63
C ASN G 211 -8.40 -19.18 0.66
N GLU G 212 -7.82 -19.76 1.72
CA GLU G 212 -7.66 -19.09 3.02
C GLU G 212 -7.11 -17.67 2.87
N ASP G 213 -6.38 -17.43 1.77
CA ASP G 213 -5.80 -16.12 1.46
C ASP G 213 -6.87 -15.06 1.08
N SER G 214 -8.02 -15.53 0.61
CA SER G 214 -9.08 -14.66 0.10
C SER G 214 -10.38 -14.74 0.93
N TYR G 215 -10.51 -15.81 1.74
CA TYR G 215 -11.72 -16.06 2.54
C TYR G 215 -12.23 -14.83 3.26
N LYS G 216 -11.36 -14.20 4.05
CA LYS G 216 -11.73 -13.03 4.85
C LYS G 216 -12.16 -11.83 3.98
N ASP G 217 -11.40 -11.53 2.94
CA ASP G 217 -11.70 -10.40 2.09
C ASP G 217 -12.96 -10.59 1.25
N SER G 218 -13.19 -11.82 0.80
CA SER G 218 -14.36 -12.12 -0.01
C SER G 218 -15.63 -12.14 0.83
N THR G 219 -15.59 -12.77 2.00
CA THR G 219 -16.78 -12.88 2.85
C THR G 219 -17.23 -11.52 3.37
N LEU G 220 -16.27 -10.62 3.56
CA LEU G 220 -16.55 -9.28 4.05
C LEU G 220 -17.25 -8.43 2.98
N ILE G 221 -16.81 -8.54 1.73
CA ILE G 221 -17.46 -7.82 0.62
C ILE G 221 -18.84 -8.40 0.40
N MET G 222 -18.97 -9.69 0.61
CA MET G 222 -20.25 -10.36 0.50
C MET G 222 -21.25 -9.86 1.52
N GLN G 223 -20.78 -9.59 2.74
CA GLN G 223 -21.63 -8.97 3.75
C GLN G 223 -22.09 -7.61 3.26
N LEU G 224 -21.19 -6.83 2.68
CA LEU G 224 -21.55 -5.50 2.20
C LEU G 224 -22.60 -5.56 1.08
N LEU G 225 -22.47 -6.53 0.18
CA LEU G 225 -23.47 -6.74 -0.88
C LEU G 225 -24.82 -6.99 -0.24
N ARG G 226 -24.85 -7.90 0.74
CA ARG G 226 -26.08 -8.24 1.43
C ARG G 226 -26.64 -7.04 2.19
N ASP G 227 -25.75 -6.29 2.83
CA ASP G 227 -26.15 -5.11 3.61
C ASP G 227 -26.85 -4.10 2.73
N ASN G 228 -26.22 -3.76 1.61
CA ASN G 228 -26.85 -2.93 0.59
C ASN G 228 -28.19 -3.50 0.10
N LEU G 229 -28.25 -4.80 -0.19
CA LEU G 229 -29.51 -5.43 -0.61
C LEU G 229 -30.62 -5.34 0.42
N THR G 230 -30.28 -5.49 1.69
CA THR G 230 -31.26 -5.39 2.76
C THR G 230 -31.82 -3.97 2.78
N LEU G 231 -30.91 -2.99 2.76
CA LEU G 231 -31.29 -1.57 2.72
C LEU G 231 -32.18 -1.25 1.53
N TRP G 232 -31.80 -1.71 0.34
CA TRP G 232 -32.50 -1.36 -0.89
C TRP G 232 -33.87 -2.05 -1.02
N THR G 233 -34.13 -3.01 -0.15
CA THR G 233 -35.42 -3.70 -0.12
C THR G 233 -35.96 -3.70 1.30
N ARG H 1 -26.29 6.27 1.47
CA ARG H 1 -26.56 5.37 2.61
C ARG H 1 -26.22 3.91 2.24
N ALA H 2 -26.08 3.65 0.95
CA ALA H 2 -25.46 2.42 0.47
C ALA H 2 -23.96 2.54 0.72
N ILE H 3 -23.32 1.43 1.00
CA ILE H 3 -21.89 1.52 1.26
C ILE H 3 -21.07 0.91 0.10
N SEP H 4 -20.06 1.66 -0.33
CA SEP H 4 -19.16 1.23 -1.40
CB SEP H 4 -18.72 2.43 -2.25
OG SEP H 4 -17.86 3.21 -1.47
C SEP H 4 -17.95 0.57 -0.77
O SEP H 4 -17.79 0.59 0.44
P SEP H 4 -17.38 4.55 -2.18
O1P SEP H 4 -18.66 5.42 -2.56
O2P SEP H 4 -16.47 4.19 -3.46
O3P SEP H 4 -16.53 5.42 -1.14
N LEU H 5 -17.10 -0.02 -1.59
CA LEU H 5 -15.94 -0.73 -1.09
C LEU H 5 -15.08 0.16 -0.19
N PRO H 6 -14.80 -0.29 1.06
CA PRO H 6 -13.93 0.52 1.94
C PRO H 6 -12.51 0.64 1.33
N ARG I 3 3.27 -69.92 12.42
CA ARG I 3 3.39 -68.46 12.63
C ARG I 3 4.14 -67.76 11.51
N GLU I 4 5.13 -68.40 10.91
CA GLU I 4 5.89 -67.85 9.77
C GLU I 4 4.95 -67.49 8.60
N GLN I 5 4.01 -68.39 8.34
CA GLN I 5 3.07 -68.26 7.24
C GLN I 5 2.14 -67.09 7.48
N LEU I 6 1.66 -66.94 8.72
CA LEU I 6 0.77 -65.84 9.06
C LEU I 6 1.48 -64.49 8.92
N VAL I 7 2.74 -64.41 9.30
CA VAL I 7 3.50 -63.18 9.12
C VAL I 7 3.69 -62.90 7.62
N GLN I 8 3.99 -63.96 6.86
CA GLN I 8 4.11 -63.86 5.40
C GLN I 8 2.79 -63.38 4.78
N LYS I 9 1.68 -63.90 5.28
CA LYS I 9 0.35 -63.43 4.87
C LYS I 9 0.19 -61.94 5.12
N ALA I 10 0.56 -61.49 6.33
CA ALA I 10 0.48 -60.06 6.63
C ALA I 10 1.31 -59.22 5.65
N ARG I 11 2.53 -59.67 5.33
CA ARG I 11 3.40 -58.95 4.39
C ARG I 11 2.76 -58.86 3.00
N LEU I 12 2.14 -59.97 2.57
CA LEU I 12 1.46 -60.05 1.29
C LEU I 12 0.26 -59.12 1.27
N ALA I 13 -0.58 -59.22 2.31
CA ALA I 13 -1.77 -58.40 2.39
C ALA I 13 -1.44 -56.91 2.39
N GLU I 14 -0.33 -56.54 3.05
CA GLU I 14 0.14 -55.16 3.02
C GLU I 14 0.44 -54.69 1.61
N GLN I 15 1.20 -55.49 0.87
CA GLN I 15 1.52 -55.16 -0.52
C GLN I 15 0.28 -55.04 -1.39
N ALA I 16 -0.74 -55.85 -1.09
CA ALA I 16 -1.99 -55.88 -1.86
C ALA I 16 -2.98 -54.83 -1.39
N GLU I 17 -2.59 -54.09 -0.34
CA GLU I 17 -3.43 -53.06 0.28
C GLU I 17 -4.75 -53.65 0.79
N ARG I 18 -4.67 -54.81 1.42
CA ARG I 18 -5.84 -55.47 2.01
C ARG I 18 -5.65 -55.53 3.52
N TYR I 19 -5.97 -54.41 4.15
CA TYR I 19 -5.64 -54.16 5.54
C TYR I 19 -6.44 -54.97 6.55
N ASP I 20 -7.68 -55.32 6.21
CA ASP I 20 -8.43 -56.24 7.06
C ASP I 20 -7.78 -57.63 7.13
N ASP I 21 -7.33 -58.16 5.98
CA ASP I 21 -6.60 -59.44 5.95
C ASP I 21 -5.29 -59.32 6.73
N MET I 22 -4.64 -58.16 6.61
CA MET I 22 -3.40 -57.91 7.32
C MET I 22 -3.60 -57.91 8.83
N ALA I 23 -4.68 -57.28 9.24
CA ALA I 23 -5.03 -57.19 10.67
C ALA I 23 -5.45 -58.54 11.21
N ALA I 24 -6.14 -59.33 10.39
CA ALA I 24 -6.56 -60.66 10.80
C ALA I 24 -5.34 -61.54 11.04
N ALA I 25 -4.42 -61.52 10.09
CA ALA I 25 -3.22 -62.33 10.17
C ALA I 25 -2.43 -61.96 11.42
N MET I 26 -2.24 -60.66 11.64
CA MET I 26 -1.40 -60.28 12.78
C MET I 26 -2.11 -60.35 14.13
N LYS I 27 -3.44 -60.29 14.12
CA LYS I 27 -4.15 -60.64 15.35
C LYS I 27 -4.01 -62.13 15.71
N ASN I 28 -4.06 -63.01 14.70
CA ASN I 28 -3.77 -64.43 14.89
C ASN I 28 -2.36 -64.67 15.43
N VAL I 29 -1.38 -63.92 14.93
CA VAL I 29 -0.01 -64.05 15.41
C VAL I 29 0.05 -63.67 16.89
N THR I 30 -0.57 -62.52 17.22
CA THR I 30 -0.66 -62.03 18.59
C THR I 30 -1.28 -63.07 19.51
N GLU I 31 -2.33 -63.72 19.02
CA GLU I 31 -3.04 -64.73 19.81
C GLU I 31 -2.22 -65.98 20.12
N LEU I 32 -1.04 -66.11 19.54
CA LEU I 32 -0.21 -67.28 19.84
C LEU I 32 0.58 -67.03 21.13
N ASN I 33 0.34 -65.85 21.71
CA ASN I 33 0.79 -65.52 23.06
C ASN I 33 2.31 -65.53 23.23
N GLU I 34 3.02 -65.25 22.13
CA GLU I 34 4.47 -65.11 22.13
C GLU I 34 4.78 -63.67 21.74
N PRO I 35 5.86 -63.09 22.27
CA PRO I 35 6.15 -61.68 21.99
C PRO I 35 6.28 -61.41 20.48
N LEU I 36 6.16 -60.15 20.09
CA LEU I 36 6.29 -59.78 18.70
C LEU I 36 7.67 -59.19 18.45
N SER I 37 8.27 -59.56 17.32
CA SER I 37 9.50 -58.94 16.88
C SER I 37 9.21 -57.50 16.49
N ASN I 38 10.25 -56.73 16.23
CA ASN I 38 10.03 -55.34 15.85
C ASN I 38 9.29 -55.20 14.53
N GLU I 39 9.58 -56.09 13.58
CA GLU I 39 8.89 -56.13 12.30
C GLU I 39 7.42 -56.47 12.49
N GLU I 40 7.16 -57.45 13.36
CA GLU I 40 5.81 -57.90 13.66
C GLU I 40 4.96 -56.83 14.35
N ARG I 41 5.56 -56.11 15.30
CA ARG I 41 4.90 -54.98 15.94
C ARG I 41 4.43 -53.98 14.90
N ASN I 42 5.34 -53.64 13.99
CA ASN I 42 5.02 -52.67 12.95
C ASN I 42 3.91 -53.15 12.05
N LEU I 43 4.01 -54.42 11.66
CA LEU I 43 2.98 -55.04 10.84
C LEU I 43 1.60 -54.94 11.50
N LEU I 44 1.53 -55.26 12.79
CA LEU I 44 0.30 -55.12 13.57
C LEU I 44 -0.20 -53.68 13.58
N SER I 45 0.69 -52.74 13.88
CA SER I 45 0.36 -51.32 13.98
C SER I 45 -0.11 -50.73 12.64
N VAL I 46 0.66 -50.97 11.57
CA VAL I 46 0.31 -50.53 10.21
C VAL I 46 -1.08 -51.08 9.79
N ALA I 47 -1.32 -52.35 10.09
CA ALA I 47 -2.58 -52.98 9.75
C ALA I 47 -3.76 -52.22 10.37
N TYR I 48 -3.80 -52.16 11.69
CA TYR I 48 -4.92 -51.56 12.40
C TYR I 48 -5.02 -50.06 12.19
N LYS I 49 -3.86 -49.43 11.99
CA LYS I 49 -3.80 -48.01 11.68
C LYS I 49 -4.57 -47.74 10.41
N ASN I 50 -4.43 -48.60 9.41
CA ASN I 50 -5.13 -48.47 8.15
C ASN I 50 -6.61 -48.84 8.19
N VAL I 51 -6.96 -49.91 8.92
CA VAL I 51 -8.36 -50.26 9.11
C VAL I 51 -9.10 -49.13 9.86
N VAL I 52 -8.58 -48.71 11.01
CA VAL I 52 -9.21 -47.65 11.77
C VAL I 52 -9.17 -46.34 11.00
N GLY I 53 -8.05 -46.10 10.31
CA GLY I 53 -7.81 -44.90 9.51
C GLY I 53 -8.85 -44.64 8.43
N ALA I 54 -9.24 -45.71 7.72
CA ALA I 54 -10.29 -45.60 6.70
C ALA I 54 -11.63 -45.19 7.31
N ARG I 55 -11.90 -45.65 8.53
CA ARG I 55 -13.16 -45.34 9.23
C ARG I 55 -13.16 -43.91 9.72
N ARG I 56 -12.02 -43.52 10.32
CA ARG I 56 -11.84 -42.16 10.81
C ARG I 56 -12.07 -41.21 9.68
N SER I 57 -11.47 -41.50 8.54
CA SER I 57 -11.58 -40.64 7.38
C SER I 57 -13.03 -40.52 6.89
N SER I 58 -13.72 -41.66 6.79
CA SER I 58 -15.12 -41.69 6.36
C SER I 58 -16.01 -40.94 7.35
N TRP I 59 -15.75 -41.10 8.64
CA TRP I 59 -16.50 -40.46 9.69
C TRP I 59 -16.41 -38.94 9.58
N ARG I 60 -15.20 -38.43 9.36
CA ARG I 60 -14.98 -36.98 9.21
C ARG I 60 -15.81 -36.43 8.02
N VAL I 61 -15.76 -37.14 6.89
CA VAL I 61 -16.38 -36.73 5.66
C VAL I 61 -17.89 -36.71 5.85
N ILE I 62 -18.41 -37.76 6.46
CA ILE I 62 -19.84 -37.91 6.75
C ILE I 62 -20.33 -36.90 7.81
N SER I 63 -19.54 -36.68 8.88
CA SER I 63 -19.88 -35.69 9.90
C SER I 63 -19.92 -34.30 9.29
N SER I 64 -18.96 -34.02 8.42
CA SER I 64 -18.85 -32.70 7.81
C SER I 64 -20.11 -32.41 6.99
N ILE I 65 -20.59 -33.43 6.29
CA ILE I 65 -21.76 -33.36 5.43
C ILE I 65 -23.04 -33.32 6.26
N GLU I 66 -23.06 -34.08 7.34
CA GLU I 66 -24.12 -34.03 8.34
C GLU I 66 -24.31 -32.61 8.91
N GLN I 67 -23.22 -31.88 9.14
CA GLN I 67 -23.33 -30.57 9.68
C GLN I 67 -23.94 -29.59 8.64
N LYS I 68 -23.48 -29.68 7.39
CA LYS I 68 -23.96 -28.88 6.26
C LYS I 68 -25.47 -29.09 6.07
N THR I 69 -25.87 -30.36 5.99
CA THR I 69 -27.26 -30.67 5.68
C THR I 69 -28.18 -30.53 6.90
N SER I 70 -27.62 -30.63 8.10
CA SER I 70 -28.35 -30.32 9.32
C SER I 70 -28.75 -28.85 9.37
N ALA I 71 -27.83 -27.98 8.93
CA ALA I 71 -28.07 -26.55 8.81
C ALA I 71 -29.12 -26.29 7.75
N ASP I 72 -29.17 -27.19 6.77
CA ASP I 72 -30.24 -27.14 5.79
C ASP I 72 -31.57 -27.49 6.48
N GLY I 73 -31.58 -28.55 7.27
CA GLY I 73 -32.67 -28.80 8.18
C GLY I 73 -33.68 -29.86 7.77
N ASN I 74 -33.67 -30.29 6.51
CA ASN I 74 -34.62 -31.35 6.13
C ASN I 74 -34.35 -32.59 6.91
N GLU I 75 -35.41 -33.19 7.44
CA GLU I 75 -35.27 -34.25 8.41
C GLU I 75 -35.35 -35.69 7.85
N LYS I 76 -35.76 -35.86 6.60
CA LYS I 76 -35.54 -37.15 5.91
C LYS I 76 -34.06 -37.34 5.54
N LYS I 77 -33.47 -36.35 4.89
CA LYS I 77 -32.05 -36.35 4.54
C LYS I 77 -31.19 -36.43 5.81
N ILE I 78 -31.52 -35.65 6.85
CA ILE I 78 -30.71 -35.63 8.09
C ILE I 78 -30.68 -37.02 8.72
N GLU I 79 -31.84 -37.63 8.88
CA GLU I 79 -31.94 -38.90 9.58
C GLU I 79 -31.08 -39.97 8.93
N MET I 80 -31.09 -40.00 7.60
CA MET I 80 -30.27 -40.97 6.89
C MET I 80 -28.75 -40.68 6.92
N VAL I 81 -28.33 -39.41 6.86
CA VAL I 81 -26.90 -39.11 7.01
C VAL I 81 -26.46 -39.45 8.42
N ARG I 82 -27.33 -39.14 9.41
CA ARG I 82 -27.06 -39.46 10.83
C ARG I 82 -26.91 -40.97 11.03
N ALA I 83 -27.84 -41.73 10.45
CA ALA I 83 -27.77 -43.18 10.61
C ALA I 83 -26.51 -43.76 9.98
N TYR I 84 -26.12 -43.22 8.83
CA TYR I 84 -24.92 -43.68 8.16
C TYR I 84 -23.66 -43.33 8.98
N ARG I 85 -23.63 -42.14 9.58
CA ARG I 85 -22.57 -41.77 10.51
C ARG I 85 -22.49 -42.74 11.70
N GLU I 86 -23.64 -43.08 12.28
CA GLU I 86 -23.66 -44.03 13.38
C GLU I 86 -23.12 -45.41 12.98
N LYS I 87 -23.45 -45.84 11.77
CA LYS I 87 -23.01 -47.14 11.27
C LYS I 87 -21.49 -47.18 11.26
N ILE I 88 -20.89 -46.11 10.76
CA ILE I 88 -19.45 -46.04 10.65
C ILE I 88 -18.82 -45.94 12.04
N GLU I 89 -19.41 -45.13 12.93
CA GLU I 89 -18.96 -45.08 14.32
C GLU I 89 -18.91 -46.48 14.97
N LYS I 90 -19.98 -47.25 14.83
CA LYS I 90 -20.02 -48.62 15.35
C LYS I 90 -18.84 -49.45 14.83
N GLU I 91 -18.55 -49.34 13.54
CA GLU I 91 -17.44 -50.06 12.92
C GLU I 91 -16.10 -49.66 13.54
N LEU I 92 -15.90 -48.34 13.61
CA LEU I 92 -14.70 -47.73 14.18
C LEU I 92 -14.50 -48.12 15.64
N GLU I 93 -15.58 -48.16 16.40
CA GLU I 93 -15.49 -48.54 17.80
C GLU I 93 -15.11 -50.02 17.93
N ALA I 94 -15.62 -50.85 17.05
CA ALA I 94 -15.37 -52.29 17.09
C ALA I 94 -13.88 -52.54 16.84
N VAL I 95 -13.32 -51.82 15.87
CA VAL I 95 -11.92 -51.95 15.54
C VAL I 95 -11.04 -51.57 16.74
N CYS I 96 -11.30 -50.38 17.30
CA CYS I 96 -10.62 -49.92 18.50
C CYS I 96 -10.70 -50.91 19.67
N GLN I 97 -11.88 -51.49 19.94
CA GLN I 97 -12.00 -52.42 21.07
C GLN I 97 -11.23 -53.72 20.78
N ASP I 98 -11.19 -54.12 19.52
CA ASP I 98 -10.45 -55.27 19.02
C ASP I 98 -8.95 -55.08 19.40
N VAL I 99 -8.40 -53.95 18.96
CA VAL I 99 -7.02 -53.55 19.21
C VAL I 99 -6.69 -53.54 20.70
N LEU I 100 -7.53 -52.83 21.44
CA LEU I 100 -7.35 -52.65 22.88
C LEU I 100 -7.40 -53.97 23.63
N SER I 101 -8.23 -54.89 23.14
CA SER I 101 -8.30 -56.22 23.71
C SER I 101 -6.98 -56.97 23.53
N LEU I 102 -6.40 -56.89 22.32
CA LEU I 102 -5.10 -57.50 22.04
C LEU I 102 -4.02 -56.90 22.92
N LEU I 103 -4.01 -55.57 23.04
CA LEU I 103 -3.02 -54.88 23.87
C LEU I 103 -3.12 -55.26 25.34
N ASP I 104 -4.33 -55.29 25.88
CA ASP I 104 -4.54 -55.59 27.29
C ASP I 104 -4.31 -57.07 27.64
N ASN I 105 -4.80 -57.96 26.78
CA ASN I 105 -4.81 -59.40 27.04
C ASN I 105 -3.54 -60.13 26.66
N TYR I 106 -2.78 -59.56 25.73
CA TYR I 106 -1.65 -60.25 25.15
C TYR I 106 -0.36 -59.44 25.16
N LEU I 107 -0.38 -58.26 24.57
CA LEU I 107 0.84 -57.54 24.22
C LEU I 107 1.49 -56.82 25.38
N ILE I 108 0.73 -55.98 26.08
CA ILE I 108 1.24 -55.31 27.26
C ILE I 108 1.47 -56.33 28.39
N LYS I 109 0.53 -57.27 28.54
CA LYS I 109 0.65 -58.31 29.57
C LYS I 109 1.98 -59.06 29.48
N ASN I 110 2.42 -59.34 28.25
CA ASN I 110 3.58 -60.21 28.04
C ASN I 110 4.94 -59.51 27.98
N CYS I 111 4.95 -58.19 28.13
CA CYS I 111 6.22 -57.44 28.21
C CYS I 111 6.90 -57.62 29.56
N SER I 112 8.17 -58.00 29.52
CA SER I 112 8.97 -58.13 30.71
C SER I 112 9.37 -56.74 31.20
N GLU I 113 9.87 -56.69 32.44
CA GLU I 113 10.35 -55.47 33.05
C GLU I 113 11.36 -54.73 32.16
N THR I 114 12.19 -55.49 31.45
CA THR I 114 13.26 -54.90 30.61
C THR I 114 12.88 -54.55 29.17
N GLN I 115 11.69 -54.94 28.73
CA GLN I 115 11.29 -54.64 27.37
C GLN I 115 10.61 -53.26 27.31
N TYR I 116 11.40 -52.25 27.68
CA TYR I 116 11.01 -50.85 27.72
C TYR I 116 10.34 -50.41 26.41
N GLU I 117 11.03 -50.69 25.30
CA GLU I 117 10.61 -50.21 23.97
C GLU I 117 9.23 -50.72 23.65
N SER I 118 9.03 -52.01 23.86
CA SER I 118 7.73 -52.60 23.62
C SER I 118 6.63 -52.01 24.51
N LYS I 119 6.91 -51.88 25.81
CA LYS I 119 5.93 -51.30 26.75
C LYS I 119 5.49 -49.93 26.25
N VAL I 120 6.45 -49.06 25.93
CA VAL I 120 6.12 -47.73 25.45
C VAL I 120 5.34 -47.76 24.13
N PHE I 121 5.82 -48.56 23.17
CA PHE I 121 5.12 -48.73 21.90
C PHE I 121 3.65 -49.14 22.10
N TYR I 122 3.42 -50.18 22.91
CA TYR I 122 2.10 -50.67 23.15
C TYR I 122 1.21 -49.72 23.96
N LEU I 123 1.80 -49.07 24.97
CA LEU I 123 1.06 -48.10 25.78
C LEU I 123 0.67 -46.87 24.95
N LYS I 124 1.56 -46.51 24.01
CA LYS I 124 1.25 -45.49 23.03
C LYS I 124 0.08 -45.91 22.14
N MET I 125 0.06 -47.16 21.66
CA MET I 125 -1.08 -47.61 20.88
C MET I 125 -2.36 -47.54 21.70
N LYS I 126 -2.28 -47.99 22.95
CA LYS I 126 -3.40 -47.90 23.87
C LYS I 126 -3.95 -46.46 23.91
N GLY I 127 -3.04 -45.52 24.08
CA GLY I 127 -3.42 -44.12 24.09
C GLY I 127 -4.05 -43.69 22.79
N ASP I 128 -3.46 -44.12 21.68
CA ASP I 128 -3.96 -43.76 20.35
C ASP I 128 -5.38 -44.26 20.12
N TYR I 129 -5.65 -45.49 20.49
CA TYR I 129 -6.96 -46.05 20.19
C TYR I 129 -8.07 -45.53 21.09
N TYR I 130 -7.74 -45.24 22.35
CA TYR I 130 -8.70 -44.54 23.20
C TYR I 130 -8.94 -43.14 22.66
N ARG I 131 -7.89 -42.54 22.09
CA ARG I 131 -7.99 -41.22 21.48
C ARG I 131 -8.95 -41.28 20.27
N TYR I 132 -8.88 -42.37 19.51
CA TYR I 132 -9.77 -42.52 18.36
C TYR I 132 -11.22 -42.69 18.82
N LEU I 133 -11.41 -43.44 19.89
CA LEU I 133 -12.72 -43.52 20.51
C LEU I 133 -13.17 -42.13 21.00
N ALA I 134 -12.23 -41.35 21.55
CA ALA I 134 -12.54 -40.02 22.08
C ALA I 134 -13.02 -39.07 20.98
N GLU I 135 -12.44 -39.20 19.79
CA GLU I 135 -12.79 -38.36 18.65
C GLU I 135 -14.28 -38.41 18.28
N VAL I 136 -14.95 -39.52 18.60
CA VAL I 136 -16.32 -39.75 18.17
C VAL I 136 -17.32 -39.85 19.33
N ALA I 137 -16.82 -39.94 20.55
CA ALA I 137 -17.66 -40.06 21.73
C ALA I 137 -18.17 -38.70 22.20
N THR I 138 -19.30 -38.71 22.91
CA THR I 138 -19.81 -37.51 23.56
C THR I 138 -20.19 -37.87 24.98
N GLY I 139 -20.58 -36.87 25.79
CA GLY I 139 -21.04 -37.08 27.17
C GLY I 139 -20.10 -37.85 28.08
N GLU I 140 -20.70 -38.65 28.98
CA GLU I 140 -19.92 -39.46 29.94
C GLU I 140 -18.99 -40.44 29.22
N LYS I 141 -19.49 -41.02 28.13
CA LYS I 141 -18.72 -41.97 27.33
C LYS I 141 -17.37 -41.34 26.92
N ARG I 142 -17.42 -40.09 26.45
CA ARG I 142 -16.21 -39.35 26.08
C ARG I 142 -15.26 -39.18 27.25
N ALA I 143 -15.80 -38.80 28.41
CA ALA I 143 -14.97 -38.56 29.58
C ALA I 143 -14.21 -39.82 29.99
N THR I 144 -14.87 -40.97 29.91
CA THR I 144 -14.25 -42.23 30.31
C THR I 144 -13.08 -42.58 29.42
N VAL I 145 -13.30 -42.50 28.12
CA VAL I 145 -12.33 -42.89 27.15
C VAL I 145 -11.17 -41.88 27.08
N VAL I 146 -11.47 -40.60 27.38
CA VAL I 146 -10.43 -39.57 27.48
C VAL I 146 -9.50 -39.88 28.65
N GLU I 147 -10.08 -40.25 29.79
CA GLU I 147 -9.28 -40.62 30.97
C GLU I 147 -8.38 -41.79 30.66
N SER I 148 -8.94 -42.80 30.00
CA SER I 148 -8.19 -44.00 29.63
C SER I 148 -7.02 -43.69 28.69
N SER I 149 -7.26 -42.79 27.73
CA SER I 149 -6.21 -42.37 26.81
C SER I 149 -5.08 -41.68 27.56
N GLU I 150 -5.46 -40.74 28.43
CA GLU I 150 -4.49 -40.00 29.23
C GLU I 150 -3.66 -40.96 30.10
N LYS I 151 -4.32 -41.93 30.72
CA LYS I 151 -3.63 -42.87 31.59
C LYS I 151 -2.58 -43.69 30.81
N ALA I 152 -2.93 -44.13 29.61
CA ALA I 152 -2.02 -44.91 28.78
C ALA I 152 -0.81 -44.07 28.32
N TYR I 153 -1.08 -42.87 27.81
CA TYR I 153 0.00 -41.98 27.36
C TYR I 153 0.90 -41.61 28.51
N SER I 154 0.27 -41.25 29.62
CA SER I 154 0.99 -40.84 30.83
C SER I 154 1.99 -41.91 31.28
N GLU I 155 1.55 -43.17 31.37
CA GLU I 155 2.46 -44.24 31.78
C GLU I 155 3.60 -44.41 30.78
N ALA I 156 3.26 -44.37 29.48
CA ALA I 156 4.23 -44.52 28.40
C ALA I 156 5.28 -43.44 28.48
N HIS I 157 4.84 -42.23 28.79
CA HIS I 157 5.75 -41.10 28.90
C HIS I 157 6.77 -41.29 30.03
N GLU I 158 6.30 -41.74 31.21
CA GLU I 158 7.19 -41.96 32.35
C GLU I 158 8.25 -43.01 32.04
N ILE I 159 7.84 -44.09 31.37
CA ILE I 159 8.78 -45.16 31.05
C ILE I 159 9.78 -44.70 30.01
N SER I 160 9.32 -43.94 29.01
CA SER I 160 10.25 -43.49 28.00
C SER I 160 11.21 -42.38 28.49
N LYS I 161 10.73 -41.51 29.39
CA LYS I 161 11.61 -40.51 30.04
C LYS I 161 12.74 -41.22 30.78
N GLU I 162 12.37 -42.27 31.51
CA GLU I 162 13.32 -42.96 32.39
C GLU I 162 14.31 -43.87 31.66
N HIS I 163 13.91 -44.45 30.54
CA HIS I 163 14.70 -45.52 29.92
C HIS I 163 15.08 -45.32 28.45
N MET I 164 14.63 -44.25 27.81
CA MET I 164 14.93 -44.08 26.39
C MET I 164 15.60 -42.76 26.15
N GLN I 165 16.50 -42.72 25.18
CA GLN I 165 17.16 -41.47 24.78
C GLN I 165 16.15 -40.51 24.13
N PRO I 166 16.31 -39.20 24.35
CA PRO I 166 15.47 -38.15 23.76
C PRO I 166 15.26 -38.29 22.26
N THR I 167 16.26 -38.82 21.56
CA THR I 167 16.20 -38.98 20.10
C THR I 167 15.60 -40.32 19.63
N HIS I 168 15.17 -41.18 20.55
CA HIS I 168 14.61 -42.46 20.14
C HIS I 168 13.25 -42.27 19.45
N PRO I 169 13.09 -42.81 18.24
CA PRO I 169 11.88 -42.67 17.41
C PRO I 169 10.57 -42.93 18.17
N ILE I 170 10.54 -44.02 18.93
CA ILE I 170 9.34 -44.37 19.69
C ILE I 170 9.02 -43.30 20.75
N ARG I 171 10.07 -42.81 21.42
CA ARG I 171 9.91 -41.75 22.39
C ARG I 171 9.39 -40.46 21.73
N LEU I 172 9.96 -40.11 20.57
CA LEU I 172 9.55 -38.92 19.83
C LEU I 172 8.11 -39.06 19.31
N GLY I 173 7.77 -40.26 18.81
CA GLY I 173 6.44 -40.52 18.26
C GLY I 173 5.38 -40.42 19.35
N LEU I 174 5.76 -40.81 20.56
CA LEU I 174 4.87 -40.71 21.71
C LEU I 174 4.64 -39.24 22.04
N ALA I 175 5.72 -38.48 22.10
CA ALA I 175 5.62 -37.07 22.35
C ALA I 175 4.70 -36.42 21.33
N LEU I 176 4.88 -36.79 20.06
CA LEU I 176 4.04 -36.29 18.99
C LEU I 176 2.55 -36.56 19.27
N ASN I 177 2.19 -37.84 19.43
CA ASN I 177 0.79 -38.21 19.58
C ASN I 177 0.16 -37.70 20.88
N TYR I 178 0.95 -37.73 21.95
CA TYR I 178 0.50 -37.26 23.26
C TYR I 178 0.22 -35.77 23.21
N SER I 179 1.06 -35.00 22.54
CA SER I 179 0.82 -33.55 22.40
C SER I 179 -0.42 -33.27 21.56
N VAL I 180 -0.61 -34.02 20.47
CA VAL I 180 -1.84 -33.95 19.68
C VAL I 180 -3.04 -34.23 20.58
N PHE I 181 -2.95 -35.26 21.43
CA PHE I 181 -4.00 -35.55 22.41
C PHE I 181 -4.33 -34.32 23.27
N TYR I 182 -3.30 -33.70 23.83
CA TYR I 182 -3.50 -32.49 24.62
C TYR I 182 -4.19 -31.36 23.87
N TYR I 183 -3.81 -31.15 22.61
CA TYR I 183 -4.33 -30.04 21.83
C TYR I 183 -5.76 -30.30 21.33
N GLU I 184 -5.97 -31.43 20.65
CA GLU I 184 -7.25 -31.74 20.03
C GLU I 184 -8.31 -32.28 20.99
N ILE I 185 -7.89 -33.04 21.99
CA ILE I 185 -8.84 -33.78 22.80
C ILE I 185 -9.13 -33.08 24.12
N GLN I 186 -8.06 -32.67 24.82
CA GLN I 186 -8.18 -32.03 26.13
C GLN I 186 -8.40 -30.54 25.95
N ASN I 187 -8.21 -30.06 24.74
CA ASN I 187 -8.23 -28.62 24.44
C ASN I 187 -7.34 -27.85 25.41
N ALA I 188 -6.10 -28.33 25.55
CA ALA I 188 -5.09 -27.75 26.41
C ALA I 188 -3.85 -27.38 25.59
N PRO I 189 -3.93 -26.25 24.83
CA PRO I 189 -2.86 -25.88 23.89
C PRO I 189 -1.53 -25.58 24.56
N GLU I 190 -1.57 -25.04 25.77
CA GLU I 190 -0.34 -24.72 26.48
C GLU I 190 0.39 -26.03 26.83
N GLN I 191 -0.33 -26.99 27.40
CA GLN I 191 0.26 -28.30 27.70
C GLN I 191 0.77 -29.00 26.46
N ALA I 192 0.04 -28.87 25.36
CA ALA I 192 0.42 -29.47 24.10
C ALA I 192 1.73 -28.89 23.59
N CYS I 193 1.82 -27.56 23.58
CA CYS I 193 3.01 -26.87 23.10
C CYS I 193 4.22 -27.19 23.95
N HIS I 194 4.01 -27.21 25.26
CA HIS I 194 5.10 -27.49 26.18
C HIS I 194 5.69 -28.88 25.94
N LEU I 195 4.83 -29.85 25.70
CA LEU I 195 5.26 -31.22 25.47
C LEU I 195 6.05 -31.37 24.17
N ALA I 196 5.51 -30.85 23.06
CA ALA I 196 6.20 -30.92 21.77
C ALA I 196 7.52 -30.11 21.78
N LYS I 197 7.51 -28.94 22.42
CA LYS I 197 8.70 -28.09 22.48
C LYS I 197 9.80 -28.79 23.26
N THR I 198 9.45 -29.32 24.43
CA THR I 198 10.42 -30.01 25.29
C THR I 198 11.03 -31.23 24.59
N ALA I 199 10.18 -32.07 24.00
CA ALA I 199 10.64 -33.25 23.28
C ALA I 199 11.56 -32.87 22.13
N PHE I 200 11.18 -31.83 21.37
CA PHE I 200 11.99 -31.38 20.27
C PHE I 200 13.35 -30.88 20.76
N ASP I 201 13.31 -30.02 21.79
CA ASP I 201 14.50 -29.39 22.34
C ASP I 201 15.44 -30.44 22.90
N ASP I 202 14.88 -31.39 23.62
CA ASP I 202 15.69 -32.45 24.22
C ASP I 202 16.35 -33.33 23.17
N ALA I 203 15.65 -33.63 22.10
CA ALA I 203 16.23 -34.37 21.00
C ALA I 203 17.38 -33.60 20.34
N ILE I 204 17.24 -32.29 20.22
CA ILE I 204 18.20 -31.41 19.59
C ILE I 204 19.49 -31.34 20.41
N ALA I 205 19.34 -31.20 21.72
CA ALA I 205 20.47 -31.15 22.64
C ALA I 205 21.33 -32.41 22.56
N GLU I 206 20.70 -33.56 22.36
CA GLU I 206 21.42 -34.83 22.31
C GLU I 206 21.45 -35.38 20.90
N LEU I 207 21.58 -34.50 19.92
CA LEU I 207 21.45 -34.86 18.51
C LEU I 207 22.54 -35.82 18.03
N ASP I 208 23.66 -35.84 18.72
CA ASP I 208 24.80 -36.72 18.41
C ASP I 208 24.54 -38.20 18.77
N THR I 209 23.49 -38.44 19.56
CA THR I 209 23.09 -39.78 19.94
C THR I 209 22.21 -40.41 18.86
N LEU I 210 22.13 -39.74 17.70
CA LEU I 210 21.38 -40.25 16.57
C LEU I 210 22.13 -41.44 15.96
N ASN I 211 21.45 -42.59 15.91
CA ASN I 211 22.02 -43.81 15.35
C ASN I 211 21.82 -43.85 13.85
N GLU I 212 22.82 -44.35 13.14
CA GLU I 212 22.80 -44.49 11.67
C GLU I 212 21.49 -45.10 11.13
N ASP I 213 20.80 -45.86 11.98
CA ASP I 213 19.56 -46.54 11.62
C ASP I 213 18.30 -45.97 12.31
N SER I 214 18.47 -45.01 13.22
CA SER I 214 17.32 -44.31 13.81
C SER I 214 17.18 -42.88 13.26
N TYR I 215 18.28 -42.33 12.74
CA TYR I 215 18.33 -40.91 12.39
C TYR I 215 17.26 -40.49 11.40
N LYS I 216 17.04 -41.32 10.37
CA LYS I 216 16.04 -41.03 9.36
C LYS I 216 14.67 -40.93 9.99
N ASP I 217 14.33 -41.87 10.87
CA ASP I 217 13.01 -41.89 11.50
C ASP I 217 12.85 -40.85 12.61
N SER I 218 13.93 -40.55 13.32
CA SER I 218 13.92 -39.53 14.38
C SER I 218 13.72 -38.12 13.84
N THR I 219 14.47 -37.78 12.80
CA THR I 219 14.40 -36.45 12.20
C THR I 219 13.05 -36.21 11.54
N LEU I 220 12.46 -37.25 10.93
CA LEU I 220 11.11 -37.14 10.40
C LEU I 220 10.16 -36.65 11.48
N ILE I 221 10.13 -37.36 12.61
CA ILE I 221 9.21 -37.04 13.69
C ILE I 221 9.52 -35.65 14.22
N MET I 222 10.79 -35.31 14.30
CA MET I 222 11.18 -33.99 14.75
C MET I 222 10.62 -32.87 13.88
N GLN I 223 10.57 -33.08 12.56
CA GLN I 223 9.87 -32.13 11.66
C GLN I 223 8.40 -32.02 12.02
N LEU I 224 7.77 -33.17 12.27
CA LEU I 224 6.36 -33.19 12.59
C LEU I 224 6.09 -32.38 13.86
N LEU I 225 6.92 -32.59 14.87
CA LEU I 225 6.80 -31.85 16.12
C LEU I 225 6.83 -30.36 15.84
N ARG I 226 7.84 -29.91 15.10
CA ARG I 226 7.96 -28.51 14.73
C ARG I 226 6.79 -28.03 13.87
N ASP I 227 6.33 -28.86 12.94
CA ASP I 227 5.19 -28.49 12.08
C ASP I 227 3.96 -28.18 12.94
N ASN I 228 3.64 -29.11 13.85
CA ASN I 228 2.56 -28.92 14.79
C ASN I 228 2.75 -27.70 15.69
N LEU I 229 3.99 -27.48 16.14
CA LEU I 229 4.30 -26.30 16.94
C LEU I 229 4.08 -24.99 16.20
N THR I 230 4.45 -24.95 14.93
CA THR I 230 4.27 -23.77 14.12
C THR I 230 2.79 -23.50 13.91
N LEU I 231 2.02 -24.54 13.61
CA LEU I 231 0.59 -24.44 13.47
C LEU I 231 -0.08 -23.94 14.75
N TRP I 232 0.32 -24.51 15.89
CA TRP I 232 -0.30 -24.19 17.18
C TRP I 232 0.05 -22.81 17.70
N THR I 233 1.06 -22.19 17.08
CA THR I 233 1.46 -20.84 17.43
C THR I 233 1.49 -19.93 16.20
N ALA J 2 -3.64 -30.65 13.23
CA ALA J 2 -2.35 -31.22 13.69
C ALA J 2 -2.18 -32.61 13.10
N ILE J 3 -0.94 -33.00 12.88
CA ILE J 3 -0.67 -34.31 12.34
C ILE J 3 -0.07 -35.24 13.42
N SEP J 4 -0.61 -36.45 13.49
CA SEP J 4 -0.14 -37.46 14.40
CB SEP J 4 -1.30 -38.32 14.84
OG SEP J 4 -1.97 -38.86 13.72
C SEP J 4 0.87 -38.32 13.65
O SEP J 4 1.06 -38.12 12.46
P SEP J 4 -3.16 -39.78 14.20
O1P SEP J 4 -4.33 -38.87 14.86
O2P SEP J 4 -2.66 -40.82 15.34
O3P SEP J 4 -3.75 -40.48 12.88
N LEU J 5 1.49 -39.27 14.35
CA LEU J 5 2.48 -40.16 13.74
C LEU J 5 1.87 -40.89 12.55
N PRO J 6 2.51 -40.81 11.37
CA PRO J 6 2.03 -41.52 10.18
C PRO J 6 2.22 -43.02 10.36
N ASP K 2 -37.07 -45.11 0.10
CA ASP K 2 -37.47 -44.64 -1.25
C ASP K 2 -36.31 -44.80 -2.24
N ARG K 3 -36.65 -44.77 -3.53
CA ARG K 3 -35.65 -44.72 -4.59
C ARG K 3 -34.70 -43.55 -4.35
N GLU K 4 -35.28 -42.40 -3.97
CA GLU K 4 -34.51 -41.18 -3.72
C GLU K 4 -33.45 -41.39 -2.65
N GLN K 5 -33.81 -42.09 -1.57
CA GLN K 5 -32.88 -42.37 -0.47
C GLN K 5 -31.69 -43.23 -0.88
N LEU K 6 -31.95 -44.25 -1.70
CA LEU K 6 -30.89 -45.11 -2.20
C LEU K 6 -29.89 -44.34 -3.07
N VAL K 7 -30.41 -43.48 -3.95
CA VAL K 7 -29.55 -42.60 -4.74
C VAL K 7 -28.71 -41.67 -3.85
N GLN K 8 -29.31 -41.12 -2.79
CA GLN K 8 -28.57 -40.26 -1.88
C GLN K 8 -27.51 -41.06 -1.09
N LYS K 9 -27.85 -42.29 -0.69
CA LYS K 9 -26.85 -43.15 -0.04
C LYS K 9 -25.68 -43.41 -0.99
N ALA K 10 -25.98 -43.64 -2.26
CA ALA K 10 -24.93 -43.77 -3.27
C ALA K 10 -24.01 -42.54 -3.32
N ARG K 11 -24.61 -41.35 -3.31
CA ARG K 11 -23.83 -40.11 -3.36
C ARG K 11 -22.96 -39.94 -2.12
N LEU K 12 -23.53 -40.24 -0.95
CA LEU K 12 -22.81 -40.15 0.33
C LEU K 12 -21.64 -41.13 0.38
N ALA K 13 -21.92 -42.38 -0.01
CA ALA K 13 -20.87 -43.42 -0.05
C ALA K 13 -19.72 -43.08 -1.01
N GLU K 14 -20.05 -42.41 -2.10
CA GLU K 14 -19.04 -41.92 -3.03
C GLU K 14 -18.12 -40.94 -2.35
N GLN K 15 -18.69 -39.96 -1.64
CA GLN K 15 -17.87 -38.99 -0.92
C GLN K 15 -17.00 -39.63 0.18
N ALA K 16 -17.50 -40.72 0.76
CA ALA K 16 -16.83 -41.41 1.87
C ALA K 16 -15.83 -42.44 1.37
N GLU K 17 -15.73 -42.54 0.05
CA GLU K 17 -14.90 -43.55 -0.63
C GLU K 17 -15.23 -44.97 -0.17
N ARG K 18 -16.53 -45.27 -0.12
CA ARG K 18 -17.04 -46.56 0.33
C ARG K 18 -17.77 -47.23 -0.82
N TYR K 19 -16.97 -47.77 -1.73
CA TYR K 19 -17.46 -48.17 -3.03
C TYR K 19 -18.35 -49.42 -3.02
N ASP K 20 -18.16 -50.28 -2.01
CA ASP K 20 -19.06 -51.41 -1.81
C ASP K 20 -20.46 -50.93 -1.49
N ASP K 21 -20.56 -50.00 -0.55
CA ASP K 21 -21.86 -49.45 -0.16
C ASP K 21 -22.50 -48.74 -1.34
N MET K 22 -21.67 -48.07 -2.14
CA MET K 22 -22.12 -47.34 -3.32
C MET K 22 -22.71 -48.31 -4.32
N ALA K 23 -21.98 -49.40 -4.56
CA ALA K 23 -22.39 -50.44 -5.49
C ALA K 23 -23.69 -51.10 -5.03
N ALA K 24 -23.79 -51.38 -3.73
CA ALA K 24 -24.99 -52.01 -3.17
C ALA K 24 -26.23 -51.12 -3.36
N ALA K 25 -26.10 -49.83 -3.03
CA ALA K 25 -27.18 -48.87 -3.22
C ALA K 25 -27.62 -48.82 -4.70
N MET K 26 -26.68 -48.59 -5.61
CA MET K 26 -27.00 -48.48 -7.03
C MET K 26 -27.56 -49.78 -7.61
N LYS K 27 -27.15 -50.90 -7.03
CA LYS K 27 -27.69 -52.21 -7.38
C LYS K 27 -29.18 -52.27 -7.04
N ASN K 28 -29.54 -51.86 -5.82
CA ASN K 28 -30.95 -51.81 -5.42
C ASN K 28 -31.77 -50.91 -6.32
N VAL K 29 -31.18 -49.77 -6.71
CA VAL K 29 -31.85 -48.83 -7.60
C VAL K 29 -32.21 -49.50 -8.93
N THR K 30 -31.22 -50.17 -9.51
CA THR K 30 -31.38 -50.91 -10.75
C THR K 30 -32.46 -51.99 -10.64
N GLU K 31 -32.49 -52.69 -9.51
CA GLU K 31 -33.46 -53.76 -9.27
C GLU K 31 -34.91 -53.29 -9.10
N LEU K 32 -35.11 -51.97 -9.04
CA LEU K 32 -36.46 -51.41 -9.04
C LEU K 32 -37.06 -51.48 -10.44
N ASN K 33 -36.23 -51.88 -11.40
CA ASN K 33 -36.66 -52.19 -12.77
C ASN K 33 -37.17 -50.97 -13.51
N GLU K 34 -36.71 -49.79 -13.10
CA GLU K 34 -37.01 -48.54 -13.79
C GLU K 34 -35.71 -48.01 -14.40
N PRO K 35 -35.81 -47.27 -15.53
CA PRO K 35 -34.62 -46.73 -16.19
C PRO K 35 -33.81 -45.83 -15.27
N LEU K 36 -32.52 -45.73 -15.56
CA LEU K 36 -31.63 -44.88 -14.80
C LEU K 36 -31.47 -43.55 -15.50
N SER K 37 -31.50 -42.47 -14.73
CA SER K 37 -31.16 -41.14 -15.25
C SER K 37 -29.67 -41.12 -15.64
N ASN K 38 -29.25 -40.01 -16.23
CA ASN K 38 -27.85 -39.78 -16.55
C ASN K 38 -26.92 -39.87 -15.34
N GLU K 39 -27.29 -39.15 -14.29
CA GLU K 39 -26.53 -39.17 -13.04
C GLU K 39 -26.47 -40.57 -12.47
N GLU K 40 -27.61 -41.27 -12.44
CA GLU K 40 -27.70 -42.61 -11.87
C GLU K 40 -26.81 -43.62 -12.58
N ARG K 41 -26.77 -43.54 -13.92
CA ARG K 41 -25.89 -44.39 -14.73
C ARG K 41 -24.44 -44.25 -14.31
N ASN K 42 -23.99 -43.00 -14.26
CA ASN K 42 -22.64 -42.67 -13.84
C ASN K 42 -22.36 -43.16 -12.44
N LEU K 43 -23.32 -42.97 -11.53
CA LEU K 43 -23.21 -43.48 -10.17
C LEU K 43 -22.98 -44.99 -10.15
N LEU K 44 -23.79 -45.74 -10.89
CA LEU K 44 -23.62 -47.18 -10.98
C LEU K 44 -22.24 -47.50 -11.52
N SER K 45 -21.83 -46.75 -12.53
CA SER K 45 -20.60 -47.02 -13.27
C SER K 45 -19.36 -46.72 -12.44
N VAL K 46 -19.34 -45.56 -11.79
CA VAL K 46 -18.24 -45.17 -10.91
C VAL K 46 -18.13 -46.18 -9.75
N ALA K 47 -19.27 -46.60 -9.22
CA ALA K 47 -19.31 -47.57 -8.12
C ALA K 47 -18.56 -48.87 -8.44
N TYR K 48 -19.01 -49.55 -9.48
CA TYR K 48 -18.44 -50.83 -9.84
C TYR K 48 -17.07 -50.73 -10.45
N LYS K 49 -16.83 -49.64 -11.19
CA LYS K 49 -15.49 -49.34 -11.69
C LYS K 49 -14.48 -49.37 -10.55
N ASN K 50 -14.81 -48.74 -9.42
CA ASN K 50 -13.94 -48.74 -8.23
C ASN K 50 -13.81 -50.08 -7.50
N VAL K 51 -14.95 -50.75 -7.29
CA VAL K 51 -14.96 -52.08 -6.66
C VAL K 51 -14.08 -53.05 -7.46
N VAL K 52 -14.29 -53.12 -8.77
CA VAL K 52 -13.49 -54.02 -9.61
C VAL K 52 -12.06 -53.51 -9.73
N GLY K 53 -11.92 -52.18 -9.84
CA GLY K 53 -10.64 -51.52 -9.99
C GLY K 53 -9.65 -51.88 -8.90
N ALA K 54 -10.15 -51.96 -7.66
CA ALA K 54 -9.32 -52.33 -6.52
C ALA K 54 -8.82 -53.78 -6.62
N ARG K 55 -9.64 -54.66 -7.18
CA ARG K 55 -9.21 -56.03 -7.42
C ARG K 55 -8.22 -56.17 -8.57
N ARG K 56 -8.45 -55.42 -9.64
CA ARG K 56 -7.57 -55.45 -10.82
C ARG K 56 -6.20 -54.91 -10.42
N SER K 57 -6.21 -53.84 -9.62
CA SER K 57 -4.96 -53.27 -9.12
C SER K 57 -4.22 -54.29 -8.23
N SER K 58 -4.96 -54.90 -7.30
CA SER K 58 -4.41 -55.94 -6.44
C SER K 58 -3.85 -57.11 -7.22
N TRP K 59 -4.62 -57.57 -8.22
CA TRP K 59 -4.24 -58.69 -9.10
C TRP K 59 -2.90 -58.42 -9.77
N ARG K 60 -2.79 -57.28 -10.42
CA ARG K 60 -1.54 -56.89 -11.12
C ARG K 60 -0.29 -56.90 -10.23
N VAL K 61 -0.42 -56.35 -9.01
CA VAL K 61 0.66 -56.34 -8.01
C VAL K 61 1.06 -57.77 -7.63
N ILE K 62 0.06 -58.59 -7.30
CA ILE K 62 0.30 -60.01 -6.94
C ILE K 62 0.86 -60.83 -8.10
N SER K 63 0.28 -60.67 -9.30
CA SER K 63 0.78 -61.31 -10.51
C SER K 63 2.23 -60.96 -10.79
N SER K 64 2.56 -59.68 -10.62
CA SER K 64 3.93 -59.18 -10.81
C SER K 64 4.92 -59.79 -9.81
N ILE K 65 4.44 -59.99 -8.58
CA ILE K 65 5.25 -60.58 -7.51
C ILE K 65 5.34 -62.08 -7.69
N GLU K 66 4.26 -62.69 -8.18
CA GLU K 66 4.27 -64.12 -8.50
C GLU K 66 5.34 -64.48 -9.54
N GLN K 67 5.46 -63.66 -10.58
CA GLN K 67 6.45 -63.91 -11.64
C GLN K 67 7.88 -63.79 -11.14
N LYS K 68 8.13 -62.82 -10.27
CA LYS K 68 9.47 -62.61 -9.69
C LYS K 68 9.88 -63.73 -8.72
N THR K 69 8.98 -64.12 -7.81
CA THR K 69 9.27 -65.22 -6.89
C THR K 69 9.20 -66.59 -7.58
N SER K 70 8.39 -66.68 -8.63
CA SER K 70 8.30 -67.89 -9.47
C SER K 70 9.68 -68.21 -10.03
N ALA K 71 10.36 -67.18 -10.54
CA ALA K 71 11.72 -67.29 -11.05
C ALA K 71 12.71 -67.65 -9.94
N ASP K 72 12.35 -67.28 -8.71
CA ASP K 72 13.19 -67.45 -7.52
C ASP K 72 13.33 -68.92 -7.08
N GLY K 73 12.25 -69.69 -7.21
CA GLY K 73 12.29 -71.13 -6.91
C GLY K 73 12.16 -71.51 -5.44
N ASN K 74 11.16 -70.94 -4.76
CA ASN K 74 10.81 -71.34 -3.40
C ASN K 74 9.34 -71.74 -3.35
N GLU K 75 9.05 -73.01 -3.31
CA GLU K 75 7.72 -73.55 -3.51
C GLU K 75 6.75 -73.05 -2.45
N LYS K 76 7.07 -73.16 -1.21
CA LYS K 76 6.19 -72.75 -0.13
C LYS K 76 5.68 -71.34 -0.39
N LYS K 77 6.60 -70.41 -0.71
CA LYS K 77 6.22 -69.04 -1.05
C LYS K 77 5.41 -68.94 -2.34
N ILE K 78 5.83 -69.66 -3.38
CA ILE K 78 5.11 -69.68 -4.66
C ILE K 78 3.65 -70.10 -4.46
N GLU K 79 3.43 -71.20 -3.74
CA GLU K 79 2.09 -71.74 -3.52
C GLU K 79 1.10 -70.73 -2.91
N MET K 80 1.52 -70.00 -1.89
CA MET K 80 0.61 -69.08 -1.20
C MET K 80 0.44 -67.72 -1.91
N VAL K 81 1.47 -67.27 -2.62
CA VAL K 81 1.33 -66.13 -3.55
C VAL K 81 0.31 -66.50 -4.65
N ARG K 82 0.45 -67.71 -5.21
CA ARG K 82 -0.49 -68.29 -6.18
C ARG K 82 -1.91 -68.35 -5.64
N ALA K 83 -2.06 -68.85 -4.41
CA ALA K 83 -3.37 -69.01 -3.75
C ALA K 83 -4.00 -67.65 -3.50
N TYR K 84 -3.17 -66.69 -3.12
CA TYR K 84 -3.61 -65.33 -2.89
C TYR K 84 -4.12 -64.67 -4.17
N ARG K 85 -3.42 -64.91 -5.28
CA ARG K 85 -3.85 -64.43 -6.60
C ARG K 85 -5.22 -65.00 -7.00
N GLU K 86 -5.40 -66.31 -6.76
CA GLU K 86 -6.67 -66.99 -7.04
C GLU K 86 -7.82 -66.44 -6.19
N LYS K 87 -7.55 -66.12 -4.93
CA LYS K 87 -8.56 -65.57 -4.02
C LYS K 87 -9.07 -64.21 -4.50
N ILE K 88 -8.16 -63.37 -4.99
CA ILE K 88 -8.49 -62.08 -5.57
C ILE K 88 -9.25 -62.25 -6.90
N GLU K 89 -8.80 -63.20 -7.72
CA GLU K 89 -9.49 -63.53 -8.98
C GLU K 89 -10.95 -63.86 -8.74
N LYS K 90 -11.22 -64.76 -7.79
CA LYS K 90 -12.58 -65.13 -7.44
C LYS K 90 -13.43 -63.93 -7.06
N GLU K 91 -12.85 -62.99 -6.31
CA GLU K 91 -13.55 -61.77 -5.93
C GLU K 91 -13.85 -60.92 -7.15
N LEU K 92 -12.85 -60.75 -8.01
CA LEU K 92 -12.97 -59.95 -9.22
C LEU K 92 -14.01 -60.53 -10.21
N GLU K 93 -14.03 -61.85 -10.32
CA GLU K 93 -14.97 -62.50 -11.21
C GLU K 93 -16.40 -62.34 -10.66
N ALA K 94 -16.56 -62.44 -9.34
CA ALA K 94 -17.87 -62.27 -8.70
C ALA K 94 -18.45 -60.89 -8.95
N VAL K 95 -17.59 -59.87 -8.86
CA VAL K 95 -18.01 -58.50 -9.14
C VAL K 95 -18.42 -58.33 -10.60
N CYS K 96 -17.61 -58.83 -11.53
CA CYS K 96 -17.94 -58.74 -12.95
C CYS K 96 -19.24 -59.46 -13.30
N GLN K 97 -19.48 -60.65 -12.74
CA GLN K 97 -20.74 -61.38 -12.98
C GLN K 97 -21.97 -60.66 -12.41
N ASP K 98 -21.78 -60.02 -11.26
CA ASP K 98 -22.79 -59.20 -10.62
C ASP K 98 -23.26 -58.06 -11.53
N VAL K 99 -22.32 -57.25 -12.02
CA VAL K 99 -22.58 -56.17 -12.99
C VAL K 99 -23.24 -56.67 -14.27
N LEU K 100 -22.66 -57.72 -14.86
CA LEU K 100 -23.14 -58.26 -16.12
C LEU K 100 -24.56 -58.76 -15.97
N SER K 101 -24.87 -59.34 -14.79
CA SER K 101 -26.22 -59.76 -14.47
C SER K 101 -27.18 -58.57 -14.47
N LEU K 102 -26.76 -57.46 -13.86
CA LEU K 102 -27.57 -56.24 -13.86
C LEU K 102 -27.80 -55.69 -15.27
N LEU K 103 -26.74 -55.67 -16.07
CA LEU K 103 -26.81 -55.18 -17.45
C LEU K 103 -27.76 -56.03 -18.32
N ASP K 104 -27.62 -57.36 -18.25
CA ASP K 104 -28.45 -58.26 -19.05
C ASP K 104 -29.91 -58.35 -18.58
N ASN K 105 -30.12 -58.36 -17.27
CA ASN K 105 -31.43 -58.62 -16.69
C ASN K 105 -32.30 -57.37 -16.51
N TYR K 106 -31.65 -56.22 -16.45
CA TYR K 106 -32.36 -54.99 -16.14
C TYR K 106 -32.06 -53.85 -17.11
N LEU K 107 -30.79 -53.46 -17.21
CA LEU K 107 -30.42 -52.21 -17.89
C LEU K 107 -30.52 -52.22 -19.41
N ILE K 108 -29.90 -53.21 -20.05
CA ILE K 108 -30.01 -53.36 -21.51
C ILE K 108 -31.43 -53.80 -21.88
N LYS K 109 -31.96 -54.73 -21.10
CA LYS K 109 -33.33 -55.24 -21.28
C LYS K 109 -34.36 -54.12 -21.38
N ASN K 110 -34.25 -53.11 -20.52
CA ASN K 110 -35.28 -52.07 -20.42
C ASN K 110 -35.09 -50.87 -21.37
N CYS K 111 -34.02 -50.89 -22.16
CA CYS K 111 -33.78 -49.84 -23.16
C CYS K 111 -34.76 -49.96 -24.32
N SER K 112 -35.51 -48.89 -24.56
CA SER K 112 -36.36 -48.84 -25.75
C SER K 112 -35.51 -48.55 -26.98
N GLU K 113 -36.11 -48.69 -28.16
CA GLU K 113 -35.41 -48.52 -29.43
C GLU K 113 -34.73 -47.16 -29.59
N THR K 114 -35.36 -46.11 -29.05
CA THR K 114 -34.87 -44.75 -29.22
C THR K 114 -33.87 -44.28 -28.14
N GLN K 115 -33.66 -45.12 -27.12
CA GLN K 115 -32.71 -44.79 -26.07
C GLN K 115 -31.32 -45.27 -26.46
N TYR K 116 -30.80 -44.67 -27.54
CA TYR K 116 -29.51 -45.05 -28.15
C TYR K 116 -28.33 -44.81 -27.22
N GLU K 117 -28.33 -43.65 -26.57
CA GLU K 117 -27.28 -43.26 -25.65
C GLU K 117 -27.12 -44.30 -24.54
N SER K 118 -28.26 -44.72 -23.98
CA SER K 118 -28.31 -45.73 -22.93
C SER K 118 -27.79 -47.09 -23.39
N LYS K 119 -28.25 -47.52 -24.56
CA LYS K 119 -27.83 -48.80 -25.14
C LYS K 119 -26.31 -48.87 -25.32
N VAL K 120 -25.74 -47.83 -25.92
CA VAL K 120 -24.29 -47.75 -26.15
C VAL K 120 -23.53 -47.78 -24.82
N PHE K 121 -23.96 -46.95 -23.87
CA PHE K 121 -23.36 -46.90 -22.54
C PHE K 121 -23.32 -48.28 -21.88
N TYR K 122 -24.47 -48.94 -21.82
CA TYR K 122 -24.58 -50.25 -21.18
C TYR K 122 -23.83 -51.35 -21.90
N LEU K 123 -23.88 -51.32 -23.23
CA LEU K 123 -23.15 -52.30 -24.04
C LEU K 123 -21.64 -52.11 -23.91
N LYS K 124 -21.21 -50.85 -23.79
CA LYS K 124 -19.82 -50.55 -23.50
C LYS K 124 -19.39 -51.11 -22.15
N MET K 125 -20.23 -50.92 -21.12
CA MET K 125 -19.98 -51.55 -19.81
C MET K 125 -19.86 -53.06 -19.96
N LYS K 126 -20.78 -53.66 -20.69
CA LYS K 126 -20.76 -55.10 -20.91
C LYS K 126 -19.42 -55.52 -21.52
N GLY K 127 -18.96 -54.76 -22.51
CA GLY K 127 -17.66 -54.99 -23.14
C GLY K 127 -16.53 -54.88 -22.13
N ASP K 128 -16.58 -53.83 -21.31
CA ASP K 128 -15.56 -53.56 -20.30
C ASP K 128 -15.45 -54.67 -19.27
N TYR K 129 -16.58 -55.13 -18.76
CA TYR K 129 -16.55 -56.14 -17.71
C TYR K 129 -16.17 -57.55 -18.17
N TYR K 130 -16.51 -57.89 -19.42
CA TYR K 130 -15.97 -59.10 -20.01
C TYR K 130 -14.48 -58.92 -20.29
N ARG K 131 -14.07 -57.73 -20.73
CA ARG K 131 -12.64 -57.43 -20.89
C ARG K 131 -11.87 -57.65 -19.59
N TYR K 132 -12.44 -57.20 -18.47
CA TYR K 132 -11.80 -57.43 -17.16
C TYR K 132 -11.74 -58.92 -16.83
N LEU K 133 -12.78 -59.67 -17.18
CA LEU K 133 -12.75 -61.12 -17.05
C LEU K 133 -11.64 -61.72 -17.91
N ALA K 134 -11.44 -61.14 -19.08
CA ALA K 134 -10.43 -61.63 -20.03
C ALA K 134 -9.00 -61.39 -19.55
N GLU K 135 -8.80 -60.30 -18.80
CA GLU K 135 -7.50 -59.95 -18.21
C GLU K 135 -6.93 -61.08 -17.35
N VAL K 136 -7.79 -61.78 -16.61
CA VAL K 136 -7.36 -62.82 -15.68
C VAL K 136 -7.62 -64.26 -16.14
N ALA K 137 -8.34 -64.42 -17.25
CA ALA K 137 -8.70 -65.74 -17.77
C ALA K 137 -7.63 -66.32 -18.69
N THR K 138 -7.59 -67.66 -18.75
CA THR K 138 -6.69 -68.36 -19.66
C THR K 138 -7.48 -69.45 -20.38
N GLY K 139 -6.87 -70.07 -21.39
CA GLY K 139 -7.47 -71.19 -22.11
C GLY K 139 -8.82 -70.87 -22.73
N GLU K 140 -9.71 -71.87 -22.74
CA GLU K 140 -11.04 -71.75 -23.34
C GLU K 140 -11.95 -70.75 -22.64
N LYS K 141 -11.77 -70.61 -21.33
CA LYS K 141 -12.49 -69.60 -20.55
C LYS K 141 -12.18 -68.19 -21.06
N ARG K 142 -10.90 -67.92 -21.36
CA ARG K 142 -10.47 -66.66 -21.96
C ARG K 142 -11.14 -66.44 -23.31
N ALA K 143 -11.08 -67.44 -24.19
CA ALA K 143 -11.68 -67.37 -25.52
C ALA K 143 -13.17 -67.00 -25.47
N THR K 144 -13.89 -67.57 -24.50
CA THR K 144 -15.32 -67.34 -24.32
C THR K 144 -15.64 -65.89 -23.96
N VAL K 145 -14.96 -65.37 -22.93
CA VAL K 145 -15.23 -64.01 -22.48
C VAL K 145 -14.68 -62.95 -23.44
N VAL K 146 -13.66 -63.31 -24.22
CA VAL K 146 -13.14 -62.43 -25.24
C VAL K 146 -14.18 -62.25 -26.35
N GLU K 147 -14.80 -63.35 -26.77
CA GLU K 147 -15.90 -63.31 -27.73
C GLU K 147 -17.03 -62.43 -27.20
N SER K 148 -17.43 -62.66 -25.95
CA SER K 148 -18.49 -61.88 -25.31
C SER K 148 -18.20 -60.37 -25.28
N SER K 149 -16.95 -60.02 -24.96
CA SER K 149 -16.52 -58.62 -24.94
C SER K 149 -16.59 -58.01 -26.34
N GLU K 150 -16.01 -58.72 -27.31
CA GLU K 150 -16.04 -58.32 -28.71
C GLU K 150 -17.47 -58.10 -29.21
N LYS K 151 -18.37 -59.00 -28.86
CA LYS K 151 -19.78 -58.94 -29.29
C LYS K 151 -20.49 -57.70 -28.75
N ALA K 152 -20.19 -57.35 -27.50
CA ALA K 152 -20.80 -56.21 -26.86
C ALA K 152 -20.28 -54.91 -27.44
N TYR K 153 -18.95 -54.77 -27.53
CA TYR K 153 -18.32 -53.57 -28.09
C TYR K 153 -18.78 -53.33 -29.51
N SER K 154 -18.75 -54.41 -30.31
CA SER K 154 -19.14 -54.40 -31.71
C SER K 154 -20.54 -53.82 -31.91
N GLU K 155 -21.52 -54.33 -31.18
CA GLU K 155 -22.89 -53.82 -31.27
C GLU K 155 -22.99 -52.35 -30.85
N ALA K 156 -22.33 -52.02 -29.74
CA ALA K 156 -22.27 -50.63 -29.25
C ALA K 156 -21.67 -49.69 -30.30
N HIS K 157 -20.69 -50.19 -31.04
CA HIS K 157 -20.03 -49.41 -32.09
C HIS K 157 -20.95 -49.13 -33.28
N GLU K 158 -21.72 -50.14 -33.69
CA GLU K 158 -22.69 -49.99 -34.79
C GLU K 158 -23.77 -48.96 -34.45
N ILE K 159 -24.28 -49.01 -33.22
CA ILE K 159 -25.33 -48.09 -32.76
C ILE K 159 -24.80 -46.65 -32.63
N SER K 160 -23.57 -46.51 -32.13
CA SER K 160 -22.94 -45.19 -31.96
C SER K 160 -22.61 -44.52 -33.30
N LYS K 161 -22.12 -45.32 -34.25
CA LYS K 161 -21.87 -44.85 -35.62
C LYS K 161 -23.14 -44.34 -36.31
N GLU K 162 -24.23 -45.05 -36.06
CA GLU K 162 -25.51 -44.78 -36.70
C GLU K 162 -26.27 -43.62 -36.06
N HIS K 163 -26.17 -43.47 -34.74
CA HIS K 163 -27.07 -42.58 -34.01
C HIS K 163 -26.44 -41.45 -33.18
N MET K 164 -25.11 -41.40 -33.11
CA MET K 164 -24.43 -40.39 -32.29
C MET K 164 -23.39 -39.60 -33.10
N GLN K 165 -23.23 -38.32 -32.76
CA GLN K 165 -22.21 -37.48 -33.40
C GLN K 165 -20.81 -37.91 -32.98
N PRO K 166 -19.84 -37.83 -33.92
CA PRO K 166 -18.45 -38.23 -33.63
C PRO K 166 -17.84 -37.61 -32.36
N THR K 167 -18.37 -36.45 -31.94
CA THR K 167 -17.88 -35.72 -30.76
C THR K 167 -18.56 -36.12 -29.45
N HIS K 168 -19.56 -37.01 -29.52
CA HIS K 168 -20.31 -37.43 -28.34
C HIS K 168 -19.42 -38.22 -27.35
N PRO K 169 -19.35 -37.76 -26.08
CA PRO K 169 -18.46 -38.35 -25.08
C PRO K 169 -18.57 -39.88 -25.00
N ILE K 170 -19.80 -40.38 -24.99
CA ILE K 170 -20.06 -41.81 -24.86
C ILE K 170 -19.55 -42.58 -26.08
N ARG K 171 -19.72 -41.99 -27.27
CA ARG K 171 -19.14 -42.57 -28.48
C ARG K 171 -17.62 -42.59 -28.44
N LEU K 172 -17.02 -41.47 -28.04
CA LEU K 172 -15.57 -41.35 -27.90
C LEU K 172 -15.01 -42.34 -26.88
N GLY K 173 -15.64 -42.39 -25.69
CA GLY K 173 -15.25 -43.31 -24.62
C GLY K 173 -15.30 -44.77 -25.05
N LEU K 174 -16.28 -45.10 -25.87
CA LEU K 174 -16.39 -46.44 -26.42
C LEU K 174 -15.22 -46.72 -27.36
N ALA K 175 -14.93 -45.77 -28.25
CA ALA K 175 -13.81 -45.90 -29.18
C ALA K 175 -12.50 -46.09 -28.44
N LEU K 176 -12.34 -45.38 -27.33
CA LEU K 176 -11.18 -45.50 -26.48
C LEU K 176 -11.02 -46.92 -25.91
N ASN K 177 -12.06 -47.38 -25.21
CA ASN K 177 -12.02 -48.68 -24.54
C ASN K 177 -11.96 -49.86 -25.51
N TYR K 178 -12.67 -49.72 -26.62
CA TYR K 178 -12.69 -50.73 -27.67
C TYR K 178 -11.32 -50.89 -28.33
N SER K 179 -10.63 -49.77 -28.56
CA SER K 179 -9.28 -49.82 -29.14
C SER K 179 -8.27 -50.44 -28.17
N VAL K 180 -8.43 -50.15 -26.88
CA VAL K 180 -7.64 -50.81 -25.83
C VAL K 180 -7.86 -52.33 -25.88
N PHE K 181 -9.11 -52.74 -26.01
CA PHE K 181 -9.46 -54.15 -26.15
C PHE K 181 -8.71 -54.77 -27.33
N TYR K 182 -8.68 -54.09 -28.47
CA TYR K 182 -7.96 -54.56 -29.65
C TYR K 182 -6.44 -54.74 -29.39
N TYR K 183 -5.86 -53.77 -28.70
CA TYR K 183 -4.42 -53.74 -28.42
C TYR K 183 -4.03 -54.77 -27.36
N GLU K 184 -4.61 -54.64 -26.17
CA GLU K 184 -4.24 -55.48 -25.03
C GLU K 184 -4.77 -56.91 -25.08
N ILE K 185 -6.02 -57.08 -25.50
CA ILE K 185 -6.68 -58.38 -25.42
C ILE K 185 -6.50 -59.18 -26.69
N GLN K 186 -6.84 -58.58 -27.83
CA GLN K 186 -6.80 -59.25 -29.13
C GLN K 186 -5.40 -59.31 -29.74
N ASN K 187 -4.47 -58.54 -29.15
CA ASN K 187 -3.13 -58.36 -29.71
C ASN K 187 -3.20 -58.00 -31.19
N ALA K 188 -4.06 -57.03 -31.50
CA ALA K 188 -4.24 -56.53 -32.86
C ALA K 188 -3.96 -55.02 -32.87
N PRO K 189 -2.67 -54.65 -32.89
CA PRO K 189 -2.30 -53.22 -32.79
C PRO K 189 -2.73 -52.36 -33.99
N GLU K 190 -2.73 -52.92 -35.19
CA GLU K 190 -3.19 -52.19 -36.38
C GLU K 190 -4.68 -51.83 -36.26
N GLN K 191 -5.50 -52.81 -35.89
CA GLN K 191 -6.93 -52.57 -35.64
C GLN K 191 -7.17 -51.56 -34.53
N ALA K 192 -6.35 -51.63 -33.49
CA ALA K 192 -6.41 -50.70 -32.36
C ALA K 192 -6.15 -49.27 -32.81
N CYS K 193 -5.05 -49.09 -33.54
CA CYS K 193 -4.64 -47.79 -34.03
C CYS K 193 -5.64 -47.19 -35.00
N HIS K 194 -6.17 -48.01 -35.90
CA HIS K 194 -7.13 -47.52 -36.88
C HIS K 194 -8.39 -46.98 -36.19
N LEU K 195 -8.88 -47.70 -35.20
CA LEU K 195 -10.08 -47.30 -34.49
C LEU K 195 -9.88 -45.99 -33.71
N ALA K 196 -8.77 -45.90 -32.98
CA ALA K 196 -8.44 -44.69 -32.23
C ALA K 196 -8.19 -43.48 -33.13
N LYS K 197 -7.50 -43.70 -34.25
CA LYS K 197 -7.21 -42.61 -35.19
C LYS K 197 -8.49 -42.13 -35.89
N THR K 198 -9.31 -43.08 -36.35
CA THR K 198 -10.57 -42.76 -37.00
C THR K 198 -11.48 -41.94 -36.09
N ALA K 199 -11.67 -42.43 -34.88
CA ALA K 199 -12.51 -41.76 -33.90
C ALA K 199 -12.02 -40.34 -33.62
N PHE K 200 -10.70 -40.19 -33.45
CA PHE K 200 -10.09 -38.88 -33.17
C PHE K 200 -10.27 -37.93 -34.36
N ASP K 201 -9.95 -38.42 -35.56
CA ASP K 201 -10.07 -37.61 -36.76
C ASP K 201 -11.52 -37.20 -37.04
N ASP K 202 -12.44 -38.14 -36.84
CA ASP K 202 -13.86 -37.86 -37.06
C ASP K 202 -14.40 -36.82 -36.10
N ALA K 203 -13.93 -36.86 -34.85
CA ALA K 203 -14.28 -35.85 -33.85
C ALA K 203 -13.75 -34.47 -34.22
N ILE K 204 -12.53 -34.41 -34.76
CA ILE K 204 -11.94 -33.13 -35.14
C ILE K 204 -12.61 -32.53 -36.37
N ALA K 205 -12.93 -33.37 -37.34
CA ALA K 205 -13.66 -32.95 -38.53
C ALA K 205 -14.97 -32.26 -38.18
N GLU K 206 -15.67 -32.78 -37.18
CA GLU K 206 -16.95 -32.22 -36.74
C GLU K 206 -16.86 -31.60 -35.36
N LEU K 207 -15.75 -30.92 -35.06
CA LEU K 207 -15.53 -30.38 -33.72
C LEU K 207 -16.41 -29.17 -33.38
N ASP K 208 -17.00 -28.56 -34.41
CA ASP K 208 -17.99 -27.50 -34.26
C ASP K 208 -19.25 -27.99 -33.53
N THR K 209 -19.45 -29.31 -33.51
CA THR K 209 -20.62 -29.93 -32.91
C THR K 209 -20.50 -30.20 -31.40
N LEU K 210 -19.49 -29.63 -30.75
CA LEU K 210 -19.40 -29.73 -29.30
C LEU K 210 -20.43 -28.82 -28.64
N ASN K 211 -21.08 -29.33 -27.60
CA ASN K 211 -22.03 -28.54 -26.81
C ASN K 211 -21.42 -28.18 -25.47
N GLU K 212 -21.75 -26.99 -24.96
CA GLU K 212 -21.21 -26.48 -23.69
C GLU K 212 -21.38 -27.45 -22.50
N ASP K 213 -22.29 -28.41 -22.65
CA ASP K 213 -22.54 -29.42 -21.61
C ASP K 213 -21.64 -30.66 -21.74
N SER K 214 -21.03 -30.85 -22.92
CA SER K 214 -20.26 -32.07 -23.18
C SER K 214 -18.81 -31.84 -23.62
N TYR K 215 -18.47 -30.63 -24.06
CA TYR K 215 -17.13 -30.36 -24.58
C TYR K 215 -16.04 -30.91 -23.65
N LYS K 216 -16.24 -30.75 -22.34
CA LYS K 216 -15.24 -31.12 -21.33
C LYS K 216 -14.97 -32.62 -21.28
N ASP K 217 -16.01 -33.43 -21.23
CA ASP K 217 -15.87 -34.90 -21.26
C ASP K 217 -15.28 -35.35 -22.59
N SER K 218 -15.75 -34.74 -23.67
CA SER K 218 -15.34 -35.10 -25.03
C SER K 218 -13.87 -34.79 -25.30
N THR K 219 -13.43 -33.59 -24.91
CA THR K 219 -12.04 -33.17 -25.13
C THR K 219 -11.05 -33.99 -24.31
N LEU K 220 -11.45 -34.35 -23.08
CA LEU K 220 -10.64 -35.19 -22.21
C LEU K 220 -10.35 -36.56 -22.83
N ILE K 221 -11.37 -37.14 -23.48
CA ILE K 221 -11.24 -38.45 -24.11
C ILE K 221 -10.37 -38.38 -25.37
N MET K 222 -10.47 -37.26 -26.09
CA MET K 222 -9.69 -37.04 -27.30
C MET K 222 -8.19 -37.02 -27.04
N GLN K 223 -7.79 -36.47 -25.89
CA GLN K 223 -6.41 -36.52 -25.44
C GLN K 223 -5.94 -37.95 -25.22
N LEU K 224 -6.79 -38.72 -24.54
CA LEU K 224 -6.48 -40.09 -24.17
C LEU K 224 -6.35 -40.99 -25.38
N LEU K 225 -7.20 -40.74 -26.39
CA LEU K 225 -7.09 -41.41 -27.68
C LEU K 225 -5.72 -41.15 -28.31
N ARG K 226 -5.33 -39.89 -28.30
CA ARG K 226 -4.05 -39.45 -28.84
C ARG K 226 -2.87 -39.96 -28.02
N ASP K 227 -3.01 -39.95 -26.69
CA ASP K 227 -2.01 -40.47 -25.78
C ASP K 227 -1.72 -41.94 -26.06
N ASN K 228 -2.78 -42.75 -26.20
CA ASN K 228 -2.66 -44.15 -26.57
C ASN K 228 -2.03 -44.33 -27.94
N LEU K 229 -2.43 -43.49 -28.89
CA LEU K 229 -1.87 -43.52 -30.26
C LEU K 229 -0.38 -43.25 -30.31
N THR K 230 0.04 -42.26 -29.53
CA THR K 230 1.46 -41.90 -29.38
C THR K 230 2.25 -43.10 -28.87
N LEU K 231 1.76 -43.72 -27.79
CA LEU K 231 2.39 -44.87 -27.17
C LEU K 231 2.45 -46.07 -28.10
N TRP K 232 1.35 -46.34 -28.82
CA TRP K 232 1.26 -47.50 -29.71
C TRP K 232 2.10 -47.35 -30.99
N THR K 233 2.51 -46.13 -31.29
CA THR K 233 3.43 -45.84 -32.38
C THR K 233 4.75 -45.35 -31.80
N ARG L 1 -0.30 -49.93 -19.52
CA ARG L 1 0.34 -48.94 -20.39
C ARG L 1 -0.68 -48.09 -21.13
N ALA L 2 -1.54 -48.74 -21.92
CA ALA L 2 -2.67 -48.06 -22.56
C ALA L 2 -3.66 -47.63 -21.47
N ILE L 3 -4.24 -46.44 -21.64
CA ILE L 3 -5.21 -45.93 -20.68
C ILE L 3 -6.66 -46.06 -21.19
N SEP L 4 -7.50 -46.72 -20.40
CA SEP L 4 -8.91 -46.84 -20.70
CB SEP L 4 -9.47 -48.16 -20.14
OG SEP L 4 -9.29 -48.22 -18.74
C SEP L 4 -9.65 -45.65 -20.09
O SEP L 4 -9.03 -44.83 -19.41
P SEP L 4 -9.81 -49.61 -18.12
O1P SEP L 4 -8.91 -50.84 -18.63
O2P SEP L 4 -11.38 -49.81 -18.45
O3P SEP L 4 -9.62 -49.51 -16.53
N LEU L 5 -10.96 -45.56 -20.34
CA LEU L 5 -11.76 -44.48 -19.79
C LEU L 5 -11.63 -44.44 -18.27
N PRO L 6 -11.31 -43.26 -17.70
CA PRO L 6 -11.30 -43.12 -16.24
C PRO L 6 -12.70 -43.31 -15.65
#